data_6XHR
#
_entry.id   6XHR
#
_cell.length_a   50.522
_cell.length_b   138.448
_cell.length_c   110.114
_cell.angle_alpha   90.000
_cell.angle_beta   96.450
_cell.angle_gamma   90.000
#
_symmetry.space_group_name_H-M   'P 1 21 1'
#
loop_
_entity.id
_entity.type
_entity.pdbx_description
1 polymer 'Ribitol-5-phosphate cytidylyltransferase 1'
2 non-polymer 'THIOCYANATE ION'
3 water water
#
_entity_poly.entity_id   1
_entity_poly.type   'polypeptide(L)'
_entity_poly.pdbx_seq_one_letter_code
;MKYAGILAGGIGSRMGNVPLPKQFLDLDNKPILIHTLEKFILINDFEKIIIATPQQWMTHTKDTLRKFKISDERIEVIQG
GSDRNDTIMNIVKHIESTNGINDDDVIVTHDAVRPFLTHRIIKENIQAALEYGAVDTVIDAIDTIVTSKDNQTIDAIPVR
NEMYQGQTPQSFNINLLKESYAQLSDEQKSILSDACKIIVETNKPVRLVKGELYNIKVTTPYDLKVANAIIRGGIADDGG
SLVPRGSAAAALEHHHHHHHH
;
_entity_poly.pdbx_strand_id   A,B,C,D,E,F
#
loop_
_chem_comp.id
_chem_comp.type
_chem_comp.name
_chem_comp.formula
SCN non-polymer 'THIOCYANATE ION' 'C N S -1'
#
# COMPACT_ATOMS: atom_id res chain seq x y z
N MET A 1 17.03 -56.68 -10.18
CA MET A 1 16.96 -55.72 -11.26
C MET A 1 17.22 -54.33 -10.71
N LYS A 2 17.72 -53.46 -11.56
CA LYS A 2 18.09 -52.11 -11.16
C LYS A 2 17.19 -51.13 -11.91
N TYR A 3 16.59 -50.22 -11.17
CA TYR A 3 15.67 -49.23 -11.72
C TYR A 3 16.18 -47.84 -11.42
N ALA A 4 15.92 -46.91 -12.33
CA ALA A 4 16.19 -45.51 -12.09
C ALA A 4 14.89 -44.74 -11.90
N GLY A 5 14.84 -43.87 -10.87
CA GLY A 5 13.70 -43.02 -10.63
C GLY A 5 14.12 -41.56 -10.69
N ILE A 6 13.75 -40.84 -11.74
CA ILE A 6 14.13 -39.45 -11.92
C ILE A 6 12.98 -38.62 -11.37
N LEU A 7 13.27 -37.83 -10.34
CA LEU A 7 12.24 -37.13 -9.59
C LEU A 7 12.15 -35.74 -10.21
N ALA A 8 11.07 -35.49 -10.95
CA ALA A 8 10.90 -34.22 -11.63
C ALA A 8 9.70 -33.45 -11.09
N GLY A 9 9.64 -33.28 -9.77
CA GLY A 9 8.54 -32.59 -9.13
C GLY A 9 8.64 -31.06 -9.13
N GLY A 10 9.67 -30.49 -9.74
CA GLY A 10 9.86 -29.04 -9.71
C GLY A 10 10.40 -28.54 -8.38
N ILE A 11 10.72 -27.24 -8.36
CA ILE A 11 11.32 -26.57 -7.19
C ILE A 11 10.29 -25.59 -6.63
N GLY A 12 9.88 -25.82 -5.38
CA GLY A 12 8.77 -25.08 -4.85
C GLY A 12 9.16 -23.67 -4.47
N SER A 13 8.29 -22.73 -4.83
CA SER A 13 8.47 -21.32 -4.52
C SER A 13 8.38 -21.08 -3.02
N ARG A 14 9.09 -20.04 -2.55
CA ARG A 14 9.16 -19.75 -1.12
C ARG A 14 7.76 -19.55 -0.53
N MET A 15 7.01 -18.59 -1.08
CA MET A 15 5.62 -18.39 -0.69
C MET A 15 4.71 -19.26 -1.56
N GLY A 16 3.83 -20.01 -0.90
CA GLY A 16 2.84 -20.82 -1.57
C GLY A 16 3.29 -22.19 -2.03
N ASN A 17 4.58 -22.51 -1.94
CA ASN A 17 5.12 -23.82 -2.35
C ASN A 17 4.65 -24.20 -3.76
N VAL A 18 4.63 -23.23 -4.66
CA VAL A 18 4.24 -23.48 -6.05
C VAL A 18 5.41 -24.22 -6.73
N PRO A 19 5.21 -25.40 -7.30
CA PRO A 19 6.34 -26.10 -7.96
C PRO A 19 6.64 -25.46 -9.30
N LEU A 20 7.88 -25.02 -9.50
CA LEU A 20 8.24 -24.47 -10.78
C LEU A 20 9.04 -25.47 -11.61
N PRO A 21 8.79 -25.57 -12.91
CA PRO A 21 9.47 -26.63 -13.67
C PRO A 21 10.91 -26.26 -14.03
N LYS A 22 11.77 -26.13 -13.03
CA LYS A 22 13.15 -25.69 -13.30
C LYS A 22 13.90 -26.72 -14.16
N GLN A 23 13.48 -27.99 -14.14
CA GLN A 23 14.17 -28.99 -14.96
C GLN A 23 14.04 -28.72 -16.47
N PHE A 24 13.12 -27.85 -16.91
CA PHE A 24 13.01 -27.57 -18.32
C PHE A 24 13.83 -26.37 -18.75
N LEU A 25 14.49 -25.70 -17.83
CA LEU A 25 15.31 -24.57 -18.20
C LEU A 25 16.53 -25.03 -19.00
N ASP A 26 16.99 -24.15 -19.87
CA ASP A 26 18.04 -24.45 -20.83
C ASP A 26 19.41 -24.36 -20.16
N LEU A 27 20.24 -25.37 -20.42
CA LEU A 27 21.62 -25.42 -19.97
C LEU A 27 22.44 -25.69 -21.21
N ASP A 28 23.14 -24.68 -21.71
CA ASP A 28 23.93 -24.82 -22.93
C ASP A 28 23.03 -25.34 -24.06
N ASN A 29 21.85 -24.70 -24.17
CA ASN A 29 20.90 -24.93 -25.25
C ASN A 29 20.22 -26.30 -25.17
N LYS A 30 20.12 -26.87 -23.97
CA LYS A 30 19.44 -28.13 -23.81
C LYS A 30 18.87 -28.15 -22.41
N PRO A 31 17.61 -28.59 -22.25
CA PRO A 31 17.03 -28.61 -20.90
C PRO A 31 17.84 -29.45 -19.94
N ILE A 32 17.87 -28.98 -18.69
CA ILE A 32 18.59 -29.66 -17.62
C ILE A 32 18.17 -31.12 -17.54
N LEU A 33 16.84 -31.36 -17.62
CA LEU A 33 16.31 -32.71 -17.57
C LEU A 33 17.00 -33.64 -18.57
N ILE A 34 17.29 -33.14 -19.76
CA ILE A 34 17.93 -33.97 -20.80
C ILE A 34 19.38 -34.31 -20.43
N HIS A 35 20.14 -33.32 -19.91
CA HIS A 35 21.51 -33.62 -19.43
C HIS A 35 21.49 -34.75 -18.41
N THR A 36 20.57 -34.65 -17.43
CA THR A 36 20.49 -35.68 -16.40
C THR A 36 20.11 -37.04 -16.98
N LEU A 37 19.10 -37.06 -17.83
CA LEU A 37 18.64 -38.30 -18.42
C LEU A 37 19.74 -38.97 -19.23
N GLU A 38 20.50 -38.17 -19.98
CA GLU A 38 21.57 -38.71 -20.79
C GLU A 38 22.59 -39.43 -19.92
N LYS A 39 22.83 -38.90 -18.70
CA LYS A 39 23.73 -39.62 -17.82
C LYS A 39 23.18 -40.99 -17.46
N PHE A 40 21.87 -41.09 -17.22
CA PHE A 40 21.32 -42.42 -16.86
C PHE A 40 21.24 -43.39 -18.07
N ILE A 41 20.96 -42.88 -19.28
CA ILE A 41 20.93 -43.75 -20.44
C ILE A 41 22.27 -44.45 -20.68
N LEU A 42 23.39 -43.82 -20.31
CA LEU A 42 24.70 -44.44 -20.48
C LEU A 42 24.91 -45.64 -19.56
N ILE A 43 24.06 -45.85 -18.57
CA ILE A 43 24.17 -46.99 -17.66
C ILE A 43 23.35 -48.15 -18.23
N ASN A 44 24.04 -49.16 -18.74
CA ASN A 44 23.37 -50.27 -19.38
C ASN A 44 22.62 -51.13 -18.37
N ASP A 45 22.94 -51.01 -17.08
CA ASP A 45 22.41 -51.89 -16.07
C ASP A 45 20.98 -51.56 -15.67
N PHE A 46 20.45 -50.38 -16.03
CA PHE A 46 19.08 -50.05 -15.67
C PHE A 46 18.09 -50.82 -16.53
N GLU A 47 17.12 -51.46 -15.89
CA GLU A 47 16.05 -52.12 -16.61
C GLU A 47 15.01 -51.10 -17.13
N LYS A 48 14.70 -50.08 -16.34
CA LYS A 48 13.79 -49.00 -16.71
C LYS A 48 14.31 -47.72 -16.09
N ILE A 49 14.08 -46.61 -16.78
CA ILE A 49 14.43 -45.28 -16.31
C ILE A 49 13.14 -44.47 -16.25
N ILE A 50 12.62 -44.28 -15.04
CA ILE A 50 11.26 -43.78 -14.85
C ILE A 50 11.34 -42.33 -14.38
N ILE A 51 10.74 -41.42 -15.15
CA ILE A 51 10.63 -40.01 -14.78
C ILE A 51 9.23 -39.84 -14.23
N ALA A 52 9.13 -39.35 -12.98
CA ALA A 52 7.86 -39.09 -12.35
C ALA A 52 7.71 -37.56 -12.23
N THR A 53 6.57 -37.05 -12.70
CA THR A 53 6.42 -35.60 -12.78
C THR A 53 4.93 -35.26 -12.59
N PRO A 54 4.60 -34.03 -12.20
CA PRO A 54 3.19 -33.68 -12.04
C PRO A 54 2.42 -33.90 -13.33
N GLN A 55 1.14 -34.25 -13.16
CA GLN A 55 0.28 -34.50 -14.33
C GLN A 55 0.38 -33.41 -15.37
N GLN A 56 0.39 -32.14 -14.95
CA GLN A 56 0.37 -31.01 -15.87
C GLN A 56 1.68 -30.84 -16.67
N TRP A 57 2.75 -31.54 -16.33
CA TRP A 57 4.00 -31.43 -17.05
C TRP A 57 4.30 -32.69 -17.88
N MET A 58 3.43 -33.71 -17.85
CA MET A 58 3.77 -34.97 -18.51
C MET A 58 3.87 -34.82 -20.03
N THR A 59 2.90 -34.13 -20.63
CA THR A 59 2.91 -33.95 -22.08
C THR A 59 4.16 -33.19 -22.52
N HIS A 60 4.49 -32.10 -21.82
CA HIS A 60 5.68 -31.35 -22.19
C HIS A 60 6.93 -32.21 -22.00
N THR A 61 6.97 -33.07 -20.98
CA THR A 61 8.13 -33.95 -20.80
C THR A 61 8.30 -34.87 -22.00
N LYS A 62 7.21 -35.49 -22.44
CA LYS A 62 7.29 -36.36 -23.61
C LYS A 62 7.69 -35.57 -24.85
N ASP A 63 7.15 -34.35 -25.01
CA ASP A 63 7.50 -33.52 -26.16
C ASP A 63 9.00 -33.21 -26.15
N THR A 64 9.57 -32.94 -24.97
CA THR A 64 10.99 -32.60 -24.88
C THR A 64 11.87 -33.81 -25.17
N LEU A 65 11.49 -34.99 -24.67
CA LEU A 65 12.20 -36.22 -25.03
C LEU A 65 12.19 -36.38 -26.54
N ARG A 66 11.05 -36.16 -27.19
CA ARG A 66 10.98 -36.30 -28.63
C ARG A 66 11.85 -35.27 -29.35
N LYS A 67 11.84 -34.02 -28.89
CA LYS A 67 12.59 -32.98 -29.59
C LYS A 67 14.08 -33.26 -29.56
N PHE A 68 14.58 -33.82 -28.46
CA PHE A 68 16.00 -34.11 -28.29
C PHE A 68 16.36 -35.56 -28.61
N LYS A 69 15.53 -36.26 -29.38
CA LYS A 69 15.92 -37.55 -29.94
C LYS A 69 16.23 -38.58 -28.86
N ILE A 70 15.55 -38.48 -27.72
CA ILE A 70 15.71 -39.44 -26.64
C ILE A 70 14.75 -40.58 -26.95
N SER A 71 15.29 -41.66 -27.50
CA SER A 71 14.44 -42.75 -27.94
C SER A 71 14.57 -44.04 -27.14
N ASP A 72 15.45 -44.08 -26.15
CA ASP A 72 15.69 -45.31 -25.40
C ASP A 72 14.38 -45.92 -24.87
N GLU A 73 14.15 -47.19 -25.20
CA GLU A 73 12.91 -47.89 -24.88
C GLU A 73 12.70 -48.06 -23.36
N ARG A 74 13.75 -47.88 -22.56
CA ARG A 74 13.67 -47.99 -21.11
C ARG A 74 13.06 -46.77 -20.44
N ILE A 75 12.92 -45.67 -21.16
CA ILE A 75 12.45 -44.44 -20.57
C ILE A 75 10.94 -44.50 -20.44
N GLU A 76 10.41 -44.16 -19.27
CA GLU A 76 8.96 -44.07 -19.12
C GLU A 76 8.62 -42.85 -18.27
N VAL A 77 7.54 -42.13 -18.62
CA VAL A 77 7.08 -40.96 -17.87
C VAL A 77 5.79 -41.34 -17.14
N ILE A 78 5.77 -41.14 -15.81
CA ILE A 78 4.56 -41.41 -15.03
C ILE A 78 4.24 -40.17 -14.18
N GLN A 79 3.01 -40.17 -13.67
CA GLN A 79 2.51 -39.09 -12.83
C GLN A 79 3.09 -39.20 -11.42
N GLY A 80 3.61 -38.09 -10.90
CA GLY A 80 4.10 -38.04 -9.54
C GLY A 80 2.99 -37.97 -8.53
N GLY A 81 3.41 -37.85 -7.26
CA GLY A 81 2.52 -37.93 -6.13
C GLY A 81 2.40 -36.59 -5.42
N SER A 82 1.95 -36.65 -4.15
CA SER A 82 1.66 -35.46 -3.38
C SER A 82 2.89 -34.79 -2.79
N ASP A 83 4.01 -35.50 -2.71
CA ASP A 83 5.27 -34.96 -2.21
C ASP A 83 6.36 -35.90 -2.70
N ARG A 84 7.61 -35.58 -2.40
CA ARG A 84 8.72 -36.29 -3.02
C ARG A 84 8.73 -37.78 -2.63
N ASN A 85 8.55 -38.09 -1.34
CA ASN A 85 8.56 -39.49 -0.96
C ASN A 85 7.34 -40.22 -1.52
N ASP A 86 6.17 -39.55 -1.57
CA ASP A 86 5.00 -40.13 -2.21
C ASP A 86 5.22 -40.38 -3.70
N THR A 87 5.96 -39.50 -4.37
CA THR A 87 6.31 -39.71 -5.77
C THR A 87 7.25 -40.93 -5.92
N ILE A 88 8.24 -41.05 -5.03
CA ILE A 88 9.07 -42.24 -5.06
C ILE A 88 8.20 -43.48 -4.93
N MET A 89 7.22 -43.44 -4.02
CA MET A 89 6.36 -44.61 -3.87
C MET A 89 5.46 -44.80 -5.09
N ASN A 90 5.08 -43.72 -5.80
CA ASN A 90 4.40 -43.92 -7.08
C ASN A 90 5.28 -44.69 -8.06
N ILE A 91 6.58 -44.39 -8.07
CA ILE A 91 7.49 -45.14 -8.95
C ILE A 91 7.54 -46.60 -8.52
N VAL A 92 7.67 -46.84 -7.22
CA VAL A 92 7.69 -48.20 -6.70
C VAL A 92 6.42 -48.96 -7.08
N LYS A 93 5.27 -48.32 -6.92
CA LYS A 93 4.00 -48.97 -7.26
C LYS A 93 3.93 -49.28 -8.75
N HIS A 94 4.45 -48.38 -9.59
CA HIS A 94 4.48 -48.64 -11.02
C HIS A 94 5.35 -49.86 -11.34
N ILE A 95 6.51 -49.95 -10.69
CA ILE A 95 7.34 -51.13 -10.88
C ILE A 95 6.57 -52.39 -10.48
N GLU A 96 5.93 -52.35 -9.30
CA GLU A 96 5.22 -53.56 -8.84
C GLU A 96 4.11 -53.97 -9.80
N SER A 97 3.33 -53.01 -10.31
CA SER A 97 2.24 -53.38 -11.22
C SER A 97 2.74 -53.73 -12.61
N THR A 98 3.93 -53.29 -12.99
CA THR A 98 4.45 -53.55 -14.32
C THR A 98 5.30 -54.82 -14.36
N ASN A 99 6.40 -54.87 -13.58
CA ASN A 99 7.24 -56.06 -13.60
C ASN A 99 7.05 -56.92 -12.37
N GLY A 100 6.52 -56.36 -11.28
CA GLY A 100 6.56 -57.00 -9.98
C GLY A 100 7.94 -56.82 -9.38
N ILE A 101 8.01 -56.63 -8.07
CA ILE A 101 9.28 -56.35 -7.40
C ILE A 101 9.98 -57.65 -7.07
N ASN A 102 11.27 -57.74 -7.41
CA ASN A 102 12.06 -58.89 -6.97
C ASN A 102 12.75 -58.52 -5.66
N ASP A 103 13.09 -59.56 -4.90
CA ASP A 103 13.70 -59.39 -3.59
C ASP A 103 15.02 -58.63 -3.68
N ASP A 104 15.74 -58.77 -4.79
CA ASP A 104 17.03 -58.10 -4.98
C ASP A 104 16.91 -56.81 -5.80
N ASP A 105 15.69 -56.37 -6.14
CA ASP A 105 15.57 -55.14 -6.92
C ASP A 105 16.11 -53.96 -6.11
N VAL A 106 16.75 -53.02 -6.79
CA VAL A 106 17.14 -51.77 -6.17
C VAL A 106 16.64 -50.63 -7.07
N ILE A 107 16.42 -49.48 -6.46
CA ILE A 107 16.03 -48.28 -7.20
C ILE A 107 17.00 -47.17 -6.85
N VAL A 108 17.50 -46.48 -7.88
CA VAL A 108 18.38 -45.33 -7.75
C VAL A 108 17.51 -44.09 -8.01
N THR A 109 17.17 -43.32 -6.97
CA THR A 109 16.33 -42.13 -7.10
C THR A 109 17.23 -40.89 -7.18
N HIS A 110 16.84 -39.92 -8.02
CA HIS A 110 17.77 -38.81 -8.31
C HIS A 110 17.00 -37.57 -8.78
N ASP A 111 17.46 -36.38 -8.35
CA ASP A 111 16.86 -35.11 -8.76
C ASP A 111 17.02 -34.88 -10.27
N ALA A 112 15.92 -34.50 -10.94
CA ALA A 112 16.02 -34.12 -12.34
C ALA A 112 16.96 -32.94 -12.56
N VAL A 113 17.10 -32.04 -11.57
CA VAL A 113 17.95 -30.85 -11.75
C VAL A 113 19.37 -31.08 -11.19
N ARG A 114 19.84 -32.34 -11.08
CA ARG A 114 21.24 -32.62 -10.74
C ARG A 114 21.88 -33.33 -11.92
N PRO A 115 22.27 -32.60 -12.97
CA PRO A 115 22.75 -33.23 -14.21
C PRO A 115 24.21 -33.66 -14.21
N PHE A 116 24.98 -33.35 -13.16
CA PHE A 116 26.41 -33.55 -13.22
C PHE A 116 26.87 -34.73 -12.39
N LEU A 117 25.95 -35.59 -11.97
CA LEU A 117 26.38 -36.83 -11.37
C LEU A 117 27.18 -37.63 -12.39
N THR A 118 27.98 -38.56 -11.90
CA THR A 118 28.96 -39.27 -12.70
C THR A 118 28.65 -40.76 -12.72
N HIS A 119 29.28 -41.41 -13.69
CA HIS A 119 29.23 -42.87 -13.80
C HIS A 119 29.64 -43.52 -12.48
N ARG A 120 30.74 -43.06 -11.87
CA ARG A 120 31.21 -43.63 -10.60
C ARG A 120 30.14 -43.52 -9.53
N ILE A 121 29.52 -42.34 -9.38
CA ILE A 121 28.49 -42.15 -8.36
C ILE A 121 27.33 -43.13 -8.58
N ILE A 122 26.90 -43.31 -9.82
CA ILE A 122 25.77 -44.22 -10.07
C ILE A 122 26.17 -45.66 -9.78
N LYS A 123 27.33 -46.10 -10.26
CA LYS A 123 27.75 -47.47 -10.03
C LYS A 123 27.94 -47.73 -8.55
N GLU A 124 28.52 -46.74 -7.84
CA GLU A 124 28.71 -46.94 -6.41
C GLU A 124 27.37 -47.02 -5.69
N ASN A 125 26.38 -46.23 -6.13
CA ASN A 125 25.05 -46.31 -5.54
C ASN A 125 24.44 -47.69 -5.75
N ILE A 126 24.51 -48.19 -6.97
CA ILE A 126 23.95 -49.51 -7.26
C ILE A 126 24.62 -50.57 -6.40
N GLN A 127 25.95 -50.56 -6.38
CA GLN A 127 26.65 -51.60 -5.61
C GLN A 127 26.30 -51.55 -4.13
N ALA A 128 26.28 -50.35 -3.55
CA ALA A 128 25.97 -50.24 -2.12
C ALA A 128 24.52 -50.61 -1.80
N ALA A 129 23.57 -50.25 -2.66
CA ALA A 129 22.19 -50.68 -2.41
C ALA A 129 22.09 -52.21 -2.52
N LEU A 130 22.75 -52.80 -3.51
CA LEU A 130 22.72 -54.26 -3.61
C LEU A 130 23.30 -54.90 -2.35
N GLU A 131 24.38 -54.34 -1.81
CA GLU A 131 25.05 -55.02 -0.71
C GLU A 131 24.39 -54.70 0.64
N TYR A 132 24.03 -53.44 0.87
CA TYR A 132 23.60 -52.94 2.16
C TYR A 132 22.16 -52.40 2.19
N GLY A 133 21.50 -52.22 1.04
CA GLY A 133 20.08 -51.92 1.06
C GLY A 133 19.69 -50.44 1.00
N ALA A 134 20.56 -49.52 1.39
CA ALA A 134 20.18 -48.11 1.41
C ALA A 134 21.45 -47.27 1.34
N VAL A 135 21.41 -46.20 0.54
CA VAL A 135 22.57 -45.40 0.24
C VAL A 135 22.16 -43.94 0.04
N ASP A 136 23.04 -43.07 0.48
CA ASP A 136 22.94 -41.64 0.34
C ASP A 136 24.20 -41.13 -0.28
N THR A 137 24.10 -40.26 -1.27
CA THR A 137 25.26 -39.60 -1.87
C THR A 137 25.53 -38.27 -1.15
N VAL A 138 26.74 -38.10 -0.60
CA VAL A 138 27.07 -36.95 0.23
C VAL A 138 28.47 -36.45 -0.12
N ILE A 139 28.73 -35.20 0.26
CA ILE A 139 30.10 -34.68 0.26
C ILE A 139 30.37 -34.12 1.65
N ASP A 140 31.64 -34.13 2.05
CA ASP A 140 32.02 -33.53 3.33
C ASP A 140 31.62 -32.06 3.38
N ALA A 141 31.03 -31.63 4.50
CA ALA A 141 30.76 -30.20 4.60
C ALA A 141 32.08 -29.46 4.53
N ILE A 142 32.16 -28.49 3.64
CA ILE A 142 33.37 -27.64 3.69
C ILE A 142 33.11 -26.39 4.51
N ASP A 143 31.93 -25.80 4.38
CA ASP A 143 31.62 -24.68 5.25
C ASP A 143 31.27 -25.24 6.62
N THR A 144 31.50 -24.43 7.64
CA THR A 144 30.90 -24.66 8.95
C THR A 144 29.40 -24.64 8.92
N ILE A 145 28.80 -25.65 9.54
CA ILE A 145 27.36 -25.73 9.66
C ILE A 145 26.95 -25.09 10.99
N VAL A 146 25.91 -24.25 10.95
CA VAL A 146 25.43 -23.65 12.19
C VAL A 146 23.95 -23.94 12.21
N THR A 147 23.40 -24.06 13.41
CA THR A 147 21.98 -24.29 13.57
C THR A 147 21.33 -23.09 14.24
N SER A 148 20.05 -22.88 13.99
CA SER A 148 19.23 -21.86 14.64
C SER A 148 17.79 -22.29 14.65
N LYS A 149 17.13 -22.08 15.77
CA LYS A 149 15.73 -22.43 15.88
C LYS A 149 14.80 -21.25 15.65
N ASP A 150 15.36 -20.05 15.50
CA ASP A 150 14.55 -18.87 15.40
C ASP A 150 14.90 -17.98 14.22
N ASN A 151 15.87 -18.37 13.38
CA ASN A 151 16.33 -17.54 12.26
C ASN A 151 16.91 -16.21 12.70
N GLN A 152 17.29 -16.09 13.99
CA GLN A 152 17.84 -14.88 14.58
C GLN A 152 19.17 -15.08 15.29
N THR A 153 19.33 -16.17 16.02
CA THR A 153 20.51 -16.41 16.84
C THR A 153 21.00 -17.83 16.59
N ILE A 154 22.29 -18.06 16.85
CA ILE A 154 22.82 -19.42 16.73
C ILE A 154 22.27 -20.28 17.86
N ASP A 155 21.84 -21.50 17.52
CA ASP A 155 21.57 -22.48 18.57
C ASP A 155 22.80 -23.33 18.87
N ALA A 156 23.41 -23.93 17.85
CA ALA A 156 24.57 -24.79 18.06
C ALA A 156 25.49 -24.74 16.84
N ILE A 157 26.76 -25.08 17.07
CA ILE A 157 27.75 -25.25 16.02
C ILE A 157 28.35 -26.64 16.24
N PRO A 158 27.86 -27.65 15.53
CA PRO A 158 28.33 -29.04 15.71
C PRO A 158 29.77 -29.23 15.26
N VAL A 159 30.35 -30.37 15.64
CA VAL A 159 31.70 -30.68 15.18
C VAL A 159 31.71 -30.82 13.66
N ARG A 160 32.49 -29.96 13.00
CA ARG A 160 32.45 -29.90 11.53
C ARG A 160 32.88 -31.21 10.86
N ASN A 161 33.85 -31.93 11.43
CA ASN A 161 34.34 -33.16 10.78
C ASN A 161 33.25 -34.23 10.66
N GLU A 162 32.15 -34.10 11.41
CA GLU A 162 31.04 -35.05 11.34
C GLU A 162 29.89 -34.56 10.43
N MET A 163 30.03 -33.41 9.78
CA MET A 163 28.91 -32.86 9.02
C MET A 163 29.11 -33.12 7.54
N TYR A 164 28.02 -33.44 6.84
CA TYR A 164 28.07 -33.72 5.41
C TYR A 164 26.88 -33.04 4.70
N GLN A 165 27.12 -32.58 3.49
CA GLN A 165 26.11 -32.03 2.60
C GLN A 165 25.49 -33.14 1.75
N GLY A 166 24.18 -33.33 1.92
CA GLY A 166 23.47 -34.34 1.17
C GLY A 166 23.27 -33.97 -0.28
N GLN A 167 23.52 -34.95 -1.17
CA GLN A 167 23.16 -34.81 -2.59
C GLN A 167 22.17 -35.90 -3.00
N THR A 168 22.02 -36.16 -4.29
CA THR A 168 21.41 -37.40 -4.75
C THR A 168 22.35 -37.96 -5.82
N PRO A 169 22.23 -39.24 -6.18
CA PRO A 169 21.23 -40.28 -5.89
C PRO A 169 21.09 -40.69 -4.45
N GLN A 170 19.90 -41.20 -4.17
CA GLN A 170 19.63 -41.99 -2.98
C GLN A 170 19.06 -43.31 -3.45
N SER A 171 19.65 -44.41 -3.01
CA SER A 171 19.32 -45.71 -3.61
C SER A 171 18.97 -46.72 -2.54
N PHE A 172 18.07 -47.65 -2.90
CA PHE A 172 17.48 -48.51 -1.89
C PHE A 172 17.17 -49.87 -2.52
N ASN A 173 17.30 -50.90 -1.71
CA ASN A 173 16.57 -52.14 -2.00
C ASN A 173 15.09 -51.80 -1.95
N ILE A 174 14.34 -52.21 -2.97
CA ILE A 174 12.98 -51.70 -3.07
C ILE A 174 12.13 -52.21 -1.92
N ASN A 175 12.24 -53.50 -1.61
CA ASN A 175 11.39 -54.03 -0.55
C ASN A 175 11.74 -53.41 0.79
N LEU A 176 13.03 -53.14 1.02
CA LEU A 176 13.44 -52.48 2.26
C LEU A 176 12.79 -51.11 2.35
N LEU A 177 12.83 -50.38 1.26
CA LEU A 177 12.23 -49.05 1.22
C LEU A 177 10.72 -49.12 1.49
N LYS A 178 10.02 -50.08 0.86
CA LYS A 178 8.58 -50.23 1.09
C LYS A 178 8.29 -50.52 2.56
N GLU A 179 9.04 -51.43 3.15
CA GLU A 179 8.81 -51.79 4.55
C GLU A 179 9.07 -50.61 5.48
N SER A 180 10.14 -49.87 5.24
CA SER A 180 10.41 -48.71 6.07
C SER A 180 9.30 -47.68 5.95
N TYR A 181 8.88 -47.38 4.72
CA TYR A 181 7.81 -46.41 4.52
C TYR A 181 6.53 -46.88 5.20
N ALA A 182 6.22 -48.18 5.11
CA ALA A 182 5.04 -48.71 5.77
C ALA A 182 5.11 -48.60 7.29
N GLN A 183 6.30 -48.53 7.89
CA GLN A 183 6.26 -48.35 9.34
C GLN A 183 5.88 -46.94 9.79
N LEU A 184 5.98 -45.94 8.92
CA LEU A 184 5.75 -44.57 9.34
C LEU A 184 4.26 -44.24 9.42
N SER A 185 3.91 -43.35 10.34
CA SER A 185 2.54 -42.88 10.40
C SER A 185 2.32 -41.82 9.33
N ASP A 186 1.04 -41.47 9.12
CA ASP A 186 0.73 -40.43 8.14
C ASP A 186 1.39 -39.10 8.54
N GLU A 187 1.41 -38.79 9.84
CA GLU A 187 2.06 -37.57 10.33
C GLU A 187 3.54 -37.59 10.05
N GLN A 188 4.21 -38.71 10.34
CA GLN A 188 5.63 -38.80 10.05
C GLN A 188 5.87 -38.62 8.56
N LYS A 189 5.03 -39.25 7.74
CA LYS A 189 5.17 -39.12 6.29
C LYS A 189 4.93 -37.68 5.83
N SER A 190 4.02 -36.96 6.49
CA SER A 190 3.79 -35.56 6.13
C SER A 190 4.96 -34.66 6.47
N ILE A 191 5.69 -34.93 7.54
CA ILE A 191 6.74 -33.96 7.85
C ILE A 191 8.03 -34.34 7.12
N LEU A 192 8.27 -35.64 6.89
CA LEU A 192 9.55 -36.07 6.35
C LEU A 192 9.66 -35.71 4.86
N SER A 193 10.76 -35.09 4.48
CA SER A 193 10.98 -34.70 3.09
C SER A 193 12.11 -35.45 2.39
N ASP A 194 12.87 -36.26 3.11
CA ASP A 194 14.07 -36.85 2.53
C ASP A 194 13.85 -38.35 2.47
N ALA A 195 14.41 -39.00 1.48
CA ALA A 195 14.08 -40.41 1.37
C ALA A 195 14.96 -41.26 2.29
N CYS A 196 16.22 -40.88 2.45
CA CYS A 196 17.06 -41.64 3.35
C CYS A 196 16.61 -41.47 4.80
N LYS A 197 15.95 -40.33 5.12
CA LYS A 197 15.49 -40.18 6.50
C LYS A 197 14.40 -41.18 6.82
N ILE A 198 13.62 -41.63 5.82
CA ILE A 198 12.71 -42.76 6.07
C ILE A 198 13.45 -43.93 6.68
N ILE A 199 14.58 -44.29 6.07
CA ILE A 199 15.33 -45.47 6.51
C ILE A 199 15.91 -45.21 7.89
N VAL A 200 16.53 -44.04 8.08
CA VAL A 200 17.12 -43.74 9.38
C VAL A 200 16.04 -43.79 10.46
N GLU A 201 14.85 -43.24 10.18
CA GLU A 201 13.80 -43.23 11.19
C GLU A 201 13.30 -44.63 11.49
N THR A 202 13.44 -45.57 10.55
CA THR A 202 13.04 -46.94 10.89
C THR A 202 14.24 -47.75 11.35
N ASN A 203 15.29 -47.06 11.76
CA ASN A 203 16.40 -47.66 12.47
C ASN A 203 17.09 -48.73 11.62
N LYS A 204 17.34 -48.41 10.36
CA LYS A 204 18.19 -49.24 9.53
C LYS A 204 19.36 -48.45 8.99
N PRO A 205 20.51 -49.10 8.74
CA PRO A 205 21.69 -48.33 8.33
C PRO A 205 21.54 -47.81 6.92
N VAL A 206 22.16 -46.68 6.68
CA VAL A 206 22.27 -46.06 5.38
C VAL A 206 23.74 -45.81 5.09
N ARG A 207 24.24 -46.35 3.98
CA ARG A 207 25.64 -46.17 3.62
C ARG A 207 25.86 -44.82 2.99
N LEU A 208 27.10 -44.36 3.08
CA LEU A 208 27.51 -43.11 2.43
C LEU A 208 28.26 -43.44 1.16
N VAL A 209 27.89 -42.78 0.07
CA VAL A 209 28.68 -42.75 -1.16
C VAL A 209 29.12 -41.31 -1.37
N LYS A 210 30.40 -41.11 -1.66
CA LYS A 210 30.89 -39.75 -1.79
C LYS A 210 30.53 -39.20 -3.16
N GLY A 211 29.93 -38.00 -3.17
CA GLY A 211 29.57 -37.35 -4.39
C GLY A 211 30.67 -36.51 -4.97
N GLU A 212 30.33 -35.35 -5.52
CA GLU A 212 31.30 -34.43 -6.10
C GLU A 212 30.85 -33.01 -5.79
N LEU A 213 31.84 -32.09 -5.69
CA LEU A 213 31.51 -30.69 -5.43
C LEU A 213 30.63 -30.13 -6.54
N TYR A 214 30.80 -30.64 -7.76
CA TYR A 214 30.07 -30.13 -8.89
C TYR A 214 28.75 -30.84 -9.11
N ASN A 215 28.38 -31.80 -8.26
CA ASN A 215 27.09 -32.47 -8.40
C ASN A 215 25.98 -31.59 -7.80
N ILE A 216 25.90 -30.35 -8.33
CA ILE A 216 25.05 -29.32 -7.75
C ILE A 216 23.62 -29.50 -8.24
N LYS A 217 22.68 -28.91 -7.48
CA LYS A 217 21.28 -28.84 -7.82
C LYS A 217 21.05 -27.48 -8.50
N VAL A 218 20.56 -27.49 -9.74
CA VAL A 218 20.46 -26.27 -10.54
C VAL A 218 19.06 -25.70 -10.39
N THR A 219 18.88 -24.75 -9.44
CA THR A 219 17.55 -24.26 -9.09
C THR A 219 17.38 -22.74 -9.12
N THR A 220 18.46 -22.00 -9.21
CA THR A 220 18.46 -20.55 -9.21
C THR A 220 19.25 -20.06 -10.41
N PRO A 221 19.10 -18.78 -10.75
CA PRO A 221 19.97 -18.22 -11.80
C PRO A 221 21.44 -18.31 -11.46
N TYR A 222 21.80 -18.15 -10.19
CA TYR A 222 23.19 -18.33 -9.80
C TYR A 222 23.64 -19.75 -10.13
N ASP A 223 22.84 -20.75 -9.77
CA ASP A 223 23.19 -22.13 -10.04
C ASP A 223 23.29 -22.38 -11.53
N LEU A 224 22.49 -21.70 -12.34
CA LEU A 224 22.56 -21.89 -13.77
C LEU A 224 23.86 -21.29 -14.32
N LYS A 225 24.29 -20.15 -13.77
CA LYS A 225 25.58 -19.59 -14.16
C LYS A 225 26.72 -20.56 -13.80
N VAL A 226 26.67 -21.12 -12.61
CA VAL A 226 27.71 -22.09 -12.25
C VAL A 226 27.63 -23.32 -13.14
N ALA A 227 26.42 -23.79 -13.46
CA ALA A 227 26.29 -24.98 -14.29
C ALA A 227 26.89 -24.75 -15.66
N ASN A 228 26.66 -23.57 -16.24
CA ASN A 228 27.26 -23.25 -17.52
C ASN A 228 28.78 -23.23 -17.44
N ALA A 229 29.31 -22.74 -16.31
CA ALA A 229 30.75 -22.74 -16.10
C ALA A 229 31.26 -24.18 -16.05
N ILE A 230 30.58 -25.05 -15.28
CA ILE A 230 30.95 -26.46 -15.15
C ILE A 230 31.03 -27.10 -16.54
N ILE A 231 30.04 -26.82 -17.40
CA ILE A 231 30.04 -27.48 -18.70
C ILE A 231 31.19 -26.97 -19.55
N ARG A 232 31.35 -25.65 -19.61
CA ARG A 232 32.38 -25.09 -20.48
C ARG A 232 33.78 -25.56 -20.06
N GLY A 233 34.02 -25.68 -18.76
CA GLY A 233 35.31 -26.12 -18.28
C GLY A 233 35.56 -27.61 -18.27
N GLY A 234 34.60 -28.43 -18.71
CA GLY A 234 34.79 -29.86 -18.70
C GLY A 234 34.96 -30.44 -17.31
N ILE A 235 34.38 -29.78 -16.31
CA ILE A 235 34.64 -30.09 -14.90
C ILE A 235 33.99 -31.43 -14.52
N ALA A 236 32.76 -31.68 -14.96
CA ALA A 236 32.00 -32.87 -14.55
C ALA A 236 32.18 -34.05 -15.51
N MET B 1 34.36 2.48 18.05
CA MET B 1 34.96 2.49 16.71
C MET B 1 34.89 1.13 16.01
N LYS B 2 34.97 1.16 14.68
CA LYS B 2 34.76 -0.03 13.87
C LYS B 2 36.10 -0.43 13.24
N TYR B 3 36.48 -1.69 13.41
CA TYR B 3 37.74 -2.19 12.86
C TYR B 3 37.45 -3.34 11.91
N ALA B 4 38.31 -3.46 10.89
CA ALA B 4 38.27 -4.63 10.00
C ALA B 4 39.50 -5.49 10.22
N GLY B 5 39.30 -6.80 10.28
CA GLY B 5 40.36 -7.79 10.38
C GLY B 5 40.31 -8.79 9.24
N ILE B 6 41.24 -8.65 8.31
CA ILE B 6 41.29 -9.48 7.11
C ILE B 6 42.27 -10.63 7.35
N LEU B 7 41.76 -11.86 7.27
CA LEU B 7 42.43 -13.11 7.68
C LEU B 7 43.07 -13.70 6.42
N ALA B 8 44.38 -13.60 6.28
CA ALA B 8 45.05 -14.15 5.11
C ALA B 8 46.05 -15.24 5.45
N GLY B 9 45.73 -16.06 6.44
CA GLY B 9 46.64 -17.08 6.90
C GLY B 9 46.40 -18.40 6.16
N PRO B 21 49.62 -19.76 -1.00
CA PRO B 21 49.31 -18.32 -1.04
C PRO B 21 48.05 -18.06 -1.84
N LYS B 22 46.94 -18.70 -1.45
CA LYS B 22 45.71 -18.67 -2.26
C LYS B 22 45.18 -17.25 -2.43
N GLN B 23 45.45 -16.37 -1.46
CA GLN B 23 44.91 -15.02 -1.54
C GLN B 23 45.57 -14.24 -2.66
N PHE B 24 46.69 -14.71 -3.20
CA PHE B 24 47.38 -14.04 -4.29
C PHE B 24 47.05 -14.59 -5.67
N LEU B 25 46.19 -15.61 -5.79
CA LEU B 25 45.90 -16.07 -7.14
C LEU B 25 45.15 -14.97 -7.88
N ASP B 26 45.40 -14.91 -9.17
CA ASP B 26 44.83 -13.85 -9.99
C ASP B 26 43.36 -14.10 -10.36
N LEU B 27 42.54 -13.08 -10.20
CA LEU B 27 41.14 -13.11 -10.59
C LEU B 27 40.83 -11.89 -11.47
N ASP B 28 40.63 -12.10 -12.78
CA ASP B 28 40.40 -10.97 -13.68
C ASP B 28 41.49 -9.91 -13.59
N ASN B 29 42.74 -10.37 -13.60
CA ASN B 29 43.92 -9.50 -13.61
C ASN B 29 44.10 -8.77 -12.27
N LYS B 30 43.56 -9.34 -11.19
CA LYS B 30 43.73 -8.74 -9.88
C LYS B 30 43.75 -9.82 -8.78
N PRO B 31 44.69 -9.80 -7.84
CA PRO B 31 44.75 -10.83 -6.79
C PRO B 31 43.48 -10.85 -5.96
N ILE B 32 43.07 -12.07 -5.56
CA ILE B 32 41.85 -12.24 -4.76
C ILE B 32 41.87 -11.32 -3.54
N LEU B 33 43.01 -11.23 -2.86
CA LEU B 33 43.14 -10.37 -1.69
C LEU B 33 42.77 -8.92 -2.01
N ILE B 34 43.17 -8.42 -3.17
CA ILE B 34 42.85 -7.03 -3.52
C ILE B 34 41.36 -6.84 -3.73
N HIS B 35 40.72 -7.79 -4.43
CA HIS B 35 39.26 -7.77 -4.55
C HIS B 35 38.60 -7.67 -3.19
N THR B 36 39.04 -8.49 -2.24
CA THR B 36 38.41 -8.48 -0.92
C THR B 36 38.65 -7.15 -0.23
N LEU B 37 39.90 -6.69 -0.26
CA LEU B 37 40.28 -5.47 0.45
C LEU B 37 39.52 -4.26 -0.07
N GLU B 38 39.32 -4.19 -1.39
CA GLU B 38 38.64 -3.04 -1.99
C GLU B 38 37.25 -2.86 -1.40
N LYS B 39 36.56 -3.97 -1.08
CA LYS B 39 35.24 -3.88 -0.49
C LYS B 39 35.29 -3.19 0.86
N PHE B 40 36.31 -3.48 1.68
CA PHE B 40 36.39 -2.88 3.00
C PHE B 40 36.85 -1.44 2.91
N ILE B 41 37.71 -1.13 1.93
CA ILE B 41 38.18 0.24 1.73
C ILE B 41 37.01 1.15 1.44
N LEU B 42 35.99 0.64 0.74
CA LEU B 42 34.83 1.44 0.40
C LEU B 42 33.97 1.79 1.60
N ILE B 43 34.24 1.21 2.76
CA ILE B 43 33.50 1.52 3.99
C ILE B 43 34.28 2.62 4.73
N ASN B 44 33.75 3.85 4.74
CA ASN B 44 34.51 4.95 5.35
C ASN B 44 34.61 4.82 6.85
N ASP B 45 33.70 4.08 7.49
CA ASP B 45 33.62 4.12 8.95
C ASP B 45 34.65 3.24 9.63
N PHE B 46 35.43 2.44 8.90
CA PHE B 46 36.47 1.68 9.57
C PHE B 46 37.58 2.62 10.01
N GLU B 47 37.99 2.49 11.27
CA GLU B 47 39.15 3.21 11.75
C GLU B 47 40.44 2.62 11.20
N LYS B 48 40.54 1.29 11.18
CA LYS B 48 41.70 0.62 10.62
C LYS B 48 41.22 -0.65 9.92
N ILE B 49 41.97 -1.02 8.88
CA ILE B 49 41.74 -2.25 8.14
C ILE B 49 43.04 -3.03 8.25
N ILE B 50 43.02 -4.08 9.07
CA ILE B 50 44.21 -4.80 9.47
C ILE B 50 44.19 -6.15 8.76
N ILE B 51 45.24 -6.42 7.99
CA ILE B 51 45.42 -7.70 7.33
C ILE B 51 46.45 -8.48 8.14
N ALA B 52 46.11 -9.68 8.58
CA ALA B 52 47.06 -10.50 9.29
C ALA B 52 47.49 -11.65 8.39
N THR B 53 48.79 -11.85 8.28
CA THR B 53 49.35 -12.85 7.40
C THR B 53 50.55 -13.53 8.05
N PRO B 54 50.96 -14.72 7.58
CA PRO B 54 52.20 -15.33 8.12
C PRO B 54 53.42 -14.45 7.89
N GLN B 55 54.39 -14.57 8.80
CA GLN B 55 55.59 -13.75 8.75
C GLN B 55 56.21 -13.73 7.35
N GLN B 56 56.35 -14.92 6.76
CA GLN B 56 57.05 -15.01 5.49
C GLN B 56 56.28 -14.39 4.34
N TRP B 57 55.01 -14.03 4.55
CA TRP B 57 54.23 -13.47 3.46
C TRP B 57 53.97 -11.98 3.64
N MET B 58 54.51 -11.35 4.69
CA MET B 58 54.19 -9.95 4.97
C MET B 58 54.76 -9.01 3.92
N THR B 59 56.04 -9.20 3.56
CA THR B 59 56.61 -8.30 2.56
C THR B 59 55.94 -8.46 1.21
N HIS B 60 55.69 -9.69 0.78
CA HIS B 60 55.00 -9.89 -0.49
C HIS B 60 53.61 -9.25 -0.43
N THR B 61 52.93 -9.34 0.71
CA THR B 61 51.61 -8.72 0.84
C THR B 61 51.71 -7.21 0.69
N LYS B 62 52.69 -6.60 1.37
CA LYS B 62 52.87 -5.16 1.25
C LYS B 62 53.21 -4.78 -0.18
N ASP B 63 54.07 -5.57 -0.83
CA ASP B 63 54.44 -5.26 -2.21
C ASP B 63 53.26 -5.36 -3.15
N THR B 64 52.40 -6.36 -3.00
CA THR B 64 51.27 -6.43 -3.93
C THR B 64 50.30 -5.29 -3.66
N LEU B 65 50.10 -4.92 -2.40
CA LEU B 65 49.33 -3.72 -2.12
C LEU B 65 49.91 -2.52 -2.86
N ARG B 66 51.24 -2.35 -2.80
CA ARG B 66 51.84 -1.23 -3.49
C ARG B 66 51.63 -1.33 -4.99
N LYS B 67 51.70 -2.55 -5.53
CA LYS B 67 51.57 -2.72 -6.97
C LYS B 67 50.20 -2.28 -7.47
N PHE B 68 49.16 -2.47 -6.64
CA PHE B 68 47.80 -2.09 -6.98
C PHE B 68 47.40 -0.76 -6.40
N LYS B 69 48.36 0.09 -6.05
CA LYS B 69 48.08 1.46 -5.68
C LYS B 69 47.21 1.57 -4.45
N ILE B 70 47.27 0.59 -3.56
CA ILE B 70 46.49 0.65 -2.35
C ILE B 70 47.36 1.33 -1.31
N SER B 71 47.01 2.60 -1.04
CA SER B 71 47.79 3.43 -0.14
C SER B 71 47.03 3.85 1.08
N ASP B 72 45.78 3.41 1.21
CA ASP B 72 44.90 3.86 2.28
C ASP B 72 45.63 3.75 3.62
N GLU B 73 45.73 4.88 4.31
CA GLU B 73 46.49 4.92 5.56
C GLU B 73 45.85 4.07 6.66
N ARG B 74 44.58 3.69 6.51
CA ARG B 74 43.93 2.86 7.50
C ARG B 74 44.39 1.41 7.41
N ILE B 75 45.04 1.03 6.31
CA ILE B 75 45.43 -0.36 6.11
C ILE B 75 46.76 -0.60 6.81
N GLU B 76 46.83 -1.67 7.59
CA GLU B 76 48.07 -2.11 8.22
C GLU B 76 48.19 -3.61 8.02
N VAL B 77 49.40 -4.08 7.72
CA VAL B 77 49.68 -5.50 7.57
C VAL B 77 50.47 -5.94 8.78
N ILE B 78 49.97 -6.95 9.48
CA ILE B 78 50.62 -7.48 10.67
C ILE B 78 50.77 -8.99 10.53
N GLN B 79 51.58 -9.53 11.45
CA GLN B 79 51.90 -10.94 11.57
C GLN B 79 50.73 -11.71 12.20
N GLY B 80 50.34 -12.83 11.57
CA GLY B 80 49.31 -13.69 12.11
C GLY B 80 49.74 -14.59 13.27
N GLY B 81 48.81 -15.46 13.70
CA GLY B 81 48.97 -16.32 14.85
C GLY B 81 49.07 -17.80 14.52
N SER B 82 49.00 -18.61 15.60
CA SER B 82 49.27 -20.03 15.39
C SER B 82 48.04 -20.81 14.93
N ASP B 83 46.84 -20.27 15.10
CA ASP B 83 45.61 -20.78 14.53
C ASP B 83 44.74 -19.58 14.23
N ARG B 84 43.61 -19.81 13.56
CA ARG B 84 42.83 -18.68 13.05
C ARG B 84 42.36 -17.80 14.21
N ASN B 85 41.86 -18.42 15.28
CA ASN B 85 41.40 -17.60 16.40
C ASN B 85 42.56 -16.93 17.12
N ASP B 86 43.73 -17.57 17.17
CA ASP B 86 44.93 -16.89 17.64
C ASP B 86 45.27 -15.67 16.81
N THR B 87 45.09 -15.77 15.50
CA THR B 87 45.35 -14.65 14.60
C THR B 87 44.36 -13.51 14.89
N ILE B 88 43.08 -13.85 15.08
CA ILE B 88 42.10 -12.84 15.47
C ILE B 88 42.56 -12.15 16.74
N MET B 89 43.02 -12.93 17.73
CA MET B 89 43.43 -12.30 18.97
C MET B 89 44.69 -11.48 18.75
N ASN B 90 45.53 -11.88 17.80
CA ASN B 90 46.66 -11.04 17.42
C ASN B 90 46.21 -9.69 16.86
N ILE B 91 45.14 -9.69 16.07
CA ILE B 91 44.62 -8.42 15.56
C ILE B 91 44.09 -7.57 16.71
N VAL B 92 43.35 -8.20 17.62
CA VAL B 92 42.85 -7.50 18.80
C VAL B 92 43.99 -6.92 19.61
N LYS B 93 45.05 -7.71 19.84
CA LYS B 93 46.17 -7.21 20.63
C LYS B 93 46.83 -6.03 19.92
N HIS B 94 46.91 -6.08 18.59
CA HIS B 94 47.46 -4.94 17.86
C HIS B 94 46.61 -3.69 18.04
N ILE B 95 45.29 -3.83 17.95
CA ILE B 95 44.42 -2.68 18.21
C ILE B 95 44.65 -2.15 19.61
N GLU B 96 44.67 -3.06 20.57
CA GLU B 96 44.84 -2.68 21.98
C GLU B 96 46.15 -1.94 22.20
N SER B 97 47.24 -2.42 21.61
CA SER B 97 48.54 -1.77 21.80
C SER B 97 48.65 -0.48 21.00
N THR B 98 47.79 -0.29 19.99
CA THR B 98 47.86 0.93 19.19
C THR B 98 46.90 2.01 19.69
N ASN B 99 45.60 1.71 19.68
CA ASN B 99 44.59 2.65 20.11
C ASN B 99 44.00 2.35 21.48
N GLY B 100 44.22 1.16 22.02
CA GLY B 100 43.41 0.78 23.15
C GLY B 100 42.03 0.38 22.67
N ILE B 101 41.31 -0.34 23.52
CA ILE B 101 39.98 -0.79 23.17
C ILE B 101 38.94 0.06 23.89
N ASN B 102 38.00 0.64 23.13
CA ASN B 102 36.86 1.32 23.72
C ASN B 102 35.76 0.29 23.99
N ASP B 103 34.90 0.63 24.96
CA ASP B 103 33.83 -0.28 25.35
C ASP B 103 32.87 -0.59 24.20
N ASP B 104 32.71 0.34 23.24
CA ASP B 104 31.80 0.13 22.13
C ASP B 104 32.47 -0.33 20.83
N ASP B 105 33.78 -0.58 20.84
CA ASP B 105 34.48 -0.98 19.61
C ASP B 105 33.99 -2.33 19.11
N VAL B 106 33.92 -2.47 17.79
CA VAL B 106 33.57 -3.74 17.16
C VAL B 106 34.60 -4.04 16.10
N ILE B 107 34.76 -5.32 15.81
CA ILE B 107 35.67 -5.79 14.77
C ILE B 107 34.91 -6.72 13.83
N VAL B 108 35.07 -6.48 12.54
CA VAL B 108 34.53 -7.30 11.47
C VAL B 108 35.66 -8.15 10.92
N THR B 109 35.69 -9.45 11.22
CA THR B 109 36.74 -10.35 10.73
C THR B 109 36.24 -11.08 9.49
N HIS B 110 37.14 -11.28 8.51
CA HIS B 110 36.72 -11.81 7.21
C HIS B 110 37.85 -12.54 6.49
N ASP B 111 37.53 -13.66 5.82
CA ASP B 111 38.50 -14.41 5.02
C ASP B 111 39.00 -13.56 3.85
N ALA B 112 40.32 -13.47 3.68
CA ALA B 112 40.86 -12.79 2.51
C ALA B 112 40.41 -13.45 1.20
N VAL B 113 40.12 -14.75 1.21
CA VAL B 113 39.76 -15.46 -0.02
C VAL B 113 38.24 -15.48 -0.21
N ARG B 114 37.52 -14.57 0.40
CA ARG B 114 36.08 -14.42 0.13
C ARG B 114 35.83 -13.04 -0.46
N PRO B 115 36.11 -12.86 -1.75
CA PRO B 115 36.08 -11.52 -2.35
C PRO B 115 34.69 -11.02 -2.72
N PHE B 116 33.64 -11.82 -2.58
CA PHE B 116 32.35 -11.46 -3.15
C PHE B 116 31.33 -11.03 -2.11
N LEU B 117 31.76 -10.77 -0.87
CA LEU B 117 30.86 -10.17 0.11
C LEU B 117 30.41 -8.80 -0.39
N THR B 118 29.31 -8.31 0.19
CA THR B 118 28.70 -7.10 -0.33
C THR B 118 28.69 -6.01 0.72
N HIS B 119 28.43 -4.79 0.24
CA HIS B 119 28.21 -3.64 1.11
C HIS B 119 27.17 -3.96 2.17
N ARG B 120 26.04 -4.56 1.75
CA ARG B 120 24.99 -4.91 2.69
C ARG B 120 25.53 -5.86 3.76
N ILE B 121 26.28 -6.90 3.36
CA ILE B 121 26.83 -7.84 4.33
C ILE B 121 27.72 -7.14 5.36
N ILE B 122 28.61 -6.24 4.90
CA ILE B 122 29.49 -5.53 5.84
C ILE B 122 28.69 -4.60 6.76
N LYS B 123 27.77 -3.84 6.19
CA LYS B 123 27.02 -2.89 7.01
C LYS B 123 26.16 -3.62 8.04
N GLU B 124 25.50 -4.71 7.64
CA GLU B 124 24.70 -5.49 8.58
C GLU B 124 25.57 -6.14 9.66
N ASN B 125 26.76 -6.59 9.29
CA ASN B 125 27.66 -7.10 10.32
C ASN B 125 28.00 -6.02 11.35
N ILE B 126 28.35 -4.82 10.87
CA ILE B 126 28.71 -3.74 11.80
C ILE B 126 27.53 -3.42 12.71
N GLN B 127 26.35 -3.20 12.14
CA GLN B 127 25.19 -2.83 12.96
C GLN B 127 24.83 -3.92 13.94
N ALA B 128 24.93 -5.18 13.52
CA ALA B 128 24.59 -6.28 14.42
C ALA B 128 25.60 -6.35 15.55
N ALA B 129 26.87 -6.12 15.25
CA ALA B 129 27.85 -6.16 16.33
C ALA B 129 27.58 -5.04 17.32
N LEU B 130 27.24 -3.86 16.82
CA LEU B 130 26.93 -2.74 17.70
C LEU B 130 25.73 -3.04 18.57
N GLU B 131 24.73 -3.70 18.01
CA GLU B 131 23.49 -3.90 18.75
C GLU B 131 23.51 -5.14 19.65
N TYR B 132 24.10 -6.23 19.19
CA TYR B 132 23.99 -7.54 19.84
C TYR B 132 25.31 -8.13 20.33
N GLY B 133 26.47 -7.60 19.91
CA GLY B 133 27.77 -7.99 20.42
C GLY B 133 28.49 -9.08 19.62
N ALA B 134 27.76 -9.92 18.90
CA ALA B 134 28.41 -11.02 18.17
C ALA B 134 27.51 -11.47 17.02
N VAL B 135 28.11 -11.76 15.88
CA VAL B 135 27.34 -12.06 14.69
C VAL B 135 28.11 -12.99 13.77
N ASP B 136 27.37 -13.90 13.13
CA ASP B 136 27.89 -14.85 12.15
C ASP B 136 27.12 -14.57 10.86
N THR B 137 27.83 -14.54 9.75
CA THR B 137 27.21 -14.44 8.42
C THR B 137 26.90 -15.84 7.91
N VAL B 138 25.62 -16.10 7.62
CA VAL B 138 25.19 -17.46 7.27
C VAL B 138 24.20 -17.37 6.11
N ILE B 139 24.02 -18.51 5.43
CA ILE B 139 22.91 -18.69 4.49
C ILE B 139 22.15 -19.95 4.86
N ASP B 140 20.89 -20.04 4.42
CA ASP B 140 20.14 -21.29 4.58
C ASP B 140 20.92 -22.45 3.95
N ALA B 141 20.95 -23.60 4.64
CA ALA B 141 21.66 -24.74 4.06
C ALA B 141 21.13 -25.04 2.67
N ILE B 142 22.07 -25.19 1.73
CA ILE B 142 21.69 -25.41 0.34
C ILE B 142 21.23 -26.85 0.14
N ASP B 143 21.89 -27.78 0.81
CA ASP B 143 21.56 -29.20 0.82
C ASP B 143 21.03 -29.59 2.19
N THR B 144 20.35 -30.72 2.23
CA THR B 144 20.13 -31.43 3.48
C THR B 144 21.44 -31.74 4.15
N ILE B 145 21.53 -31.51 5.45
CA ILE B 145 22.74 -31.81 6.19
C ILE B 145 22.59 -33.22 6.76
N VAL B 146 23.65 -34.02 6.61
CA VAL B 146 23.70 -35.38 7.13
C VAL B 146 24.92 -35.49 8.04
N THR B 147 24.81 -36.25 9.14
CA THR B 147 25.94 -36.43 10.03
C THR B 147 26.42 -37.89 9.97
N SER B 148 27.72 -38.06 10.27
CA SER B 148 28.30 -39.39 10.33
C SER B 148 29.47 -39.36 11.30
N LYS B 149 29.54 -40.37 12.16
CA LYS B 149 30.65 -40.46 13.08
C LYS B 149 31.72 -41.41 12.58
N ASP B 150 31.42 -42.20 11.55
CA ASP B 150 32.35 -43.20 11.04
C ASP B 150 32.71 -42.98 9.59
N ASN B 151 32.21 -41.92 8.96
CA ASN B 151 32.47 -41.59 7.56
C ASN B 151 31.99 -42.69 6.64
N GLN B 152 31.16 -43.61 7.13
CA GLN B 152 30.68 -44.74 6.35
C GLN B 152 29.17 -44.88 6.31
N THR B 153 28.49 -44.54 7.41
CA THR B 153 27.05 -44.70 7.54
C THR B 153 26.47 -43.43 8.17
N ILE B 154 25.18 -43.19 7.92
CA ILE B 154 24.53 -42.02 8.49
C ILE B 154 24.36 -42.22 9.99
N ASP B 155 24.70 -41.21 10.75
CA ASP B 155 24.32 -41.19 12.15
C ASP B 155 22.98 -40.49 12.37
N ALA B 156 22.82 -39.29 11.83
CA ALA B 156 21.59 -38.55 12.02
C ALA B 156 21.35 -37.64 10.82
N ILE B 157 20.10 -37.27 10.65
CA ILE B 157 19.70 -36.25 9.68
C ILE B 157 18.91 -35.18 10.42
N PRO B 158 19.56 -34.07 10.77
CA PRO B 158 18.89 -33.02 11.55
C PRO B 158 17.76 -32.38 10.76
N VAL B 159 16.93 -31.63 11.50
CA VAL B 159 15.79 -30.89 10.91
C VAL B 159 16.34 -29.85 9.94
N ARG B 160 15.94 -29.94 8.66
CA ARG B 160 16.62 -29.16 7.63
C ARG B 160 16.43 -27.66 7.80
N ASN B 161 15.23 -27.24 8.23
CA ASN B 161 14.97 -25.80 8.34
C ASN B 161 15.78 -25.13 9.44
N GLU B 162 16.44 -25.91 10.29
CA GLU B 162 17.28 -25.36 11.34
C GLU B 162 18.72 -25.29 10.94
N MET B 163 19.07 -25.69 9.74
CA MET B 163 20.47 -25.80 9.33
C MET B 163 20.91 -24.62 8.49
N TYR B 164 22.12 -24.14 8.74
CA TYR B 164 22.68 -23.01 8.02
C TYR B 164 24.13 -23.29 7.65
N GLN B 165 24.55 -22.77 6.52
CA GLN B 165 25.96 -22.78 6.13
C GLN B 165 26.63 -21.50 6.60
N GLY B 166 27.67 -21.65 7.42
CA GLY B 166 28.45 -20.52 7.91
C GLY B 166 29.36 -19.93 6.84
N GLN B 167 29.35 -18.60 6.73
CA GLN B 167 30.29 -17.91 5.86
C GLN B 167 31.12 -16.97 6.76
N THR B 168 31.75 -15.97 6.18
CA THR B 168 32.27 -14.84 6.94
C THR B 168 31.80 -13.62 6.16
N PRO B 169 31.81 -12.40 6.78
CA PRO B 169 32.36 -11.94 8.06
C PRO B 169 31.77 -12.60 9.29
N GLN B 170 32.57 -12.59 10.37
CA GLN B 170 32.15 -12.80 11.75
C GLN B 170 32.57 -11.56 12.54
N SER B 171 31.63 -10.99 13.27
CA SER B 171 31.88 -9.68 13.86
C SER B 171 31.53 -9.64 15.33
N PHE B 172 32.28 -8.84 16.08
CA PHE B 172 32.16 -8.91 17.53
C PHE B 172 32.41 -7.56 18.15
N ASN B 173 31.70 -7.29 19.24
CA ASN B 173 32.22 -6.32 20.19
C ASN B 173 33.58 -6.82 20.67
N ILE B 174 34.60 -5.96 20.63
CA ILE B 174 35.98 -6.41 20.88
C ILE B 174 36.12 -6.87 22.33
N ASN B 175 35.59 -6.10 23.28
CA ASN B 175 35.75 -6.50 24.68
C ASN B 175 35.04 -7.82 24.95
N LEU B 176 33.87 -8.02 24.32
CA LEU B 176 33.15 -9.29 24.48
C LEU B 176 33.97 -10.45 23.96
N LEU B 177 34.59 -10.29 22.78
CA LEU B 177 35.41 -11.37 22.21
C LEU B 177 36.59 -11.65 23.12
N LYS B 178 37.27 -10.60 23.58
CA LYS B 178 38.44 -10.77 24.44
C LYS B 178 38.03 -11.51 25.71
N GLU B 179 36.93 -11.06 26.34
CA GLU B 179 36.48 -11.66 27.59
C GLU B 179 36.07 -13.13 27.40
N SER B 180 35.34 -13.43 26.31
CA SER B 180 34.98 -14.83 26.05
C SER B 180 36.21 -15.69 25.82
N TYR B 181 37.15 -15.21 25.01
CA TYR B 181 38.33 -16.01 24.71
C TYR B 181 39.15 -16.27 25.97
N ALA B 182 39.25 -15.26 26.86
CA ALA B 182 40.01 -15.44 28.09
C ALA B 182 39.43 -16.52 28.99
N GLN B 183 38.14 -16.79 28.89
CA GLN B 183 37.53 -17.83 29.73
C GLN B 183 37.83 -19.26 29.24
N LEU B 184 38.25 -19.43 28.00
CA LEU B 184 38.45 -20.75 27.48
C LEU B 184 39.73 -21.42 27.87
N SER B 185 39.74 -22.75 27.83
CA SER B 185 40.95 -23.48 28.15
C SER B 185 41.92 -23.59 26.99
N ASP B 186 43.14 -24.04 27.33
CA ASP B 186 44.15 -24.24 26.30
C ASP B 186 43.70 -25.30 25.31
N GLU B 187 43.12 -26.38 25.84
CA GLU B 187 42.55 -27.38 24.98
C GLU B 187 41.35 -26.82 24.22
N GLN B 188 40.46 -26.12 24.93
CA GLN B 188 39.32 -25.52 24.25
C GLN B 188 39.73 -24.51 23.21
N LYS B 189 40.69 -23.62 23.51
CA LYS B 189 41.05 -22.68 22.47
C LYS B 189 41.69 -23.39 21.28
N SER B 190 42.51 -24.40 21.53
CA SER B 190 43.12 -25.08 20.38
C SER B 190 42.09 -25.82 19.55
N ILE B 191 41.04 -26.34 20.20
CA ILE B 191 40.18 -27.19 19.39
C ILE B 191 39.17 -26.36 18.63
N LEU B 192 38.85 -25.15 19.08
CA LEU B 192 37.83 -24.42 18.35
C LEU B 192 38.55 -23.93 17.11
N SER B 193 37.91 -24.02 15.96
CA SER B 193 38.48 -23.43 14.76
C SER B 193 37.66 -22.24 14.26
N ASP B 194 36.52 -21.97 14.88
CA ASP B 194 35.59 -20.91 14.50
C ASP B 194 35.61 -19.83 15.57
N ALA B 195 35.35 -18.59 15.20
CA ALA B 195 35.31 -17.61 16.28
C ALA B 195 33.93 -17.49 16.87
N CYS B 196 32.86 -17.65 16.08
CA CYS B 196 31.55 -17.53 16.68
C CYS B 196 31.32 -18.64 17.69
N LYS B 197 32.00 -19.78 17.49
CA LYS B 197 31.86 -20.87 18.46
C LYS B 197 32.52 -20.52 19.79
N ILE B 198 33.54 -19.64 19.80
CA ILE B 198 34.05 -19.11 21.06
C ILE B 198 32.92 -18.52 21.89
N ILE B 199 32.13 -17.67 21.25
CA ILE B 199 31.06 -16.98 21.95
C ILE B 199 29.96 -17.95 22.37
N VAL B 200 29.50 -18.81 21.45
CA VAL B 200 28.42 -19.73 21.84
C VAL B 200 28.87 -20.62 23.00
N GLU B 201 30.12 -21.12 22.94
CA GLU B 201 30.63 -22.01 23.97
C GLU B 201 30.77 -21.27 25.29
N THR B 202 30.89 -19.94 25.25
CA THR B 202 30.90 -19.17 26.49
C THR B 202 29.51 -18.59 26.82
N ASN B 203 28.45 -19.15 26.22
CA ASN B 203 27.07 -18.83 26.62
C ASN B 203 26.74 -17.35 26.46
N LYS B 204 27.17 -16.78 25.34
CA LYS B 204 26.72 -15.45 24.94
C LYS B 204 26.00 -15.56 23.61
N PRO B 205 25.04 -14.68 23.33
CA PRO B 205 24.26 -14.82 22.09
C PRO B 205 25.12 -14.48 20.88
N VAL B 206 24.83 -15.15 19.77
CA VAL B 206 25.40 -14.79 18.47
C VAL B 206 24.24 -14.58 17.50
N ARG B 207 24.17 -13.40 16.90
CA ARG B 207 23.12 -13.05 15.96
C ARG B 207 23.51 -13.53 14.57
N LEU B 208 22.49 -13.72 13.72
CA LEU B 208 22.69 -14.16 12.35
C LEU B 208 22.51 -12.99 11.41
N VAL B 209 23.44 -12.86 10.46
CA VAL B 209 23.26 -11.96 9.33
C VAL B 209 23.28 -12.79 8.04
N LYS B 210 22.36 -12.48 7.12
CA LYS B 210 22.26 -13.27 5.90
C LYS B 210 23.41 -12.98 4.93
N GLY B 211 24.05 -14.04 4.44
CA GLY B 211 25.07 -13.89 3.42
C GLY B 211 24.52 -13.95 2.01
N GLU B 212 25.25 -14.56 1.09
CA GLU B 212 24.82 -14.71 -0.29
C GLU B 212 25.31 -16.06 -0.82
N LEU B 213 24.58 -16.61 -1.79
CA LEU B 213 25.01 -17.86 -2.41
C LEU B 213 26.39 -17.73 -3.05
N TYR B 214 26.74 -16.55 -3.54
CA TYR B 214 28.00 -16.30 -4.24
C TYR B 214 29.13 -15.81 -3.34
N ASN B 215 28.91 -15.70 -2.02
CA ASN B 215 29.98 -15.30 -1.08
C ASN B 215 30.88 -16.48 -0.74
N ILE B 216 31.44 -17.08 -1.80
CA ILE B 216 32.21 -18.32 -1.68
C ILE B 216 33.64 -18.04 -1.22
N LYS B 217 34.27 -19.09 -0.71
CA LYS B 217 35.66 -19.06 -0.29
C LYS B 217 36.41 -19.62 -1.49
N VAL B 218 37.38 -18.86 -2.01
CA VAL B 218 38.07 -19.24 -3.24
C VAL B 218 39.37 -19.94 -2.87
N THR B 219 39.35 -21.27 -2.90
CA THR B 219 40.53 -22.02 -2.50
C THR B 219 41.01 -23.11 -3.45
N THR B 220 40.20 -23.55 -4.43
CA THR B 220 40.56 -24.61 -5.36
C THR B 220 40.40 -24.15 -6.80
N PRO B 221 40.99 -24.88 -7.77
CA PRO B 221 40.75 -24.50 -9.18
C PRO B 221 39.27 -24.48 -9.54
N TYR B 222 38.49 -25.39 -8.95
CA TYR B 222 37.05 -25.33 -9.16
C TYR B 222 36.50 -23.99 -8.67
N ASP B 223 36.89 -23.57 -7.45
CA ASP B 223 36.39 -22.30 -6.93
C ASP B 223 36.80 -21.13 -7.83
N LEU B 224 38.00 -21.19 -8.43
CA LEU B 224 38.42 -20.10 -9.30
C LEU B 224 37.62 -20.07 -10.60
N LYS B 225 37.25 -21.25 -11.13
CA LYS B 225 36.35 -21.26 -12.29
C LYS B 225 35.01 -20.65 -11.94
N VAL B 226 34.48 -21.01 -10.75
CA VAL B 226 33.23 -20.43 -10.28
C VAL B 226 33.38 -18.93 -10.08
N ALA B 227 34.51 -18.50 -9.52
CA ALA B 227 34.75 -17.08 -9.29
C ALA B 227 34.78 -16.30 -10.60
N ASN B 228 35.40 -16.84 -11.64
CA ASN B 228 35.42 -16.15 -12.91
C ASN B 228 34.00 -16.01 -13.45
N ALA B 229 33.18 -17.05 -13.26
CA ALA B 229 31.79 -16.93 -13.67
C ALA B 229 31.08 -15.85 -12.86
N ILE B 230 31.29 -15.82 -11.54
CA ILE B 230 30.67 -14.80 -10.68
C ILE B 230 31.02 -13.40 -11.14
N ILE B 231 32.30 -13.18 -11.45
CA ILE B 231 32.75 -11.85 -11.84
C ILE B 231 32.16 -11.43 -13.20
N ARG B 232 32.28 -12.30 -14.21
CA ARG B 232 31.79 -11.92 -15.53
C ARG B 232 30.29 -11.64 -15.54
N GLY B 233 29.53 -12.34 -14.70
CA GLY B 233 28.09 -12.14 -14.67
C GLY B 233 27.70 -10.94 -13.82
N MET C 1 0.86 21.60 26.90
CA MET C 1 2.01 21.79 26.00
C MET C 1 2.06 20.69 24.93
N LYS C 2 2.65 20.99 23.77
CA LYS C 2 2.69 20.07 22.62
C LYS C 2 4.13 19.62 22.37
N TYR C 3 4.35 18.31 22.31
CA TYR C 3 5.67 17.75 22.13
C TYR C 3 5.73 16.87 20.89
N ALA C 4 6.89 16.85 20.23
CA ALA C 4 7.10 15.92 19.13
C ALA C 4 8.15 14.89 19.52
N GLY C 5 7.87 13.62 19.17
CA GLY C 5 8.75 12.49 19.34
C GLY C 5 9.02 11.78 18.03
N ILE C 6 10.25 11.93 17.56
CA ILE C 6 10.68 11.35 16.30
C ILE C 6 11.38 10.03 16.61
N LEU C 7 10.86 8.93 16.07
CA LEU C 7 11.31 7.57 16.39
C LEU C 7 12.32 7.17 15.32
N ALA C 8 13.60 7.10 15.70
CA ALA C 8 14.67 6.79 14.76
C ALA C 8 15.33 5.46 15.14
N GLY C 9 14.53 4.40 15.30
CA GLY C 9 15.00 3.08 15.69
C GLY C 9 15.49 2.22 14.55
N GLY C 10 15.35 2.69 13.32
CA GLY C 10 15.85 1.98 12.17
C GLY C 10 14.89 0.90 11.74
N ILE C 11 15.29 0.19 10.70
CA ILE C 11 14.43 -0.77 10.03
C ILE C 11 15.07 -2.13 10.19
N GLY C 12 14.34 -3.07 10.75
CA GLY C 12 14.91 -4.37 11.04
C GLY C 12 15.26 -5.13 9.77
N SER C 13 16.40 -5.81 9.80
CA SER C 13 16.76 -6.77 8.75
C SER C 13 15.94 -8.04 8.93
N ARG C 14 15.50 -8.62 7.81
CA ARG C 14 14.62 -9.78 7.92
C ARG C 14 15.28 -10.91 8.71
N MET C 15 16.54 -11.21 8.41
CA MET C 15 17.31 -12.18 9.19
C MET C 15 18.07 -11.47 10.30
N GLY C 16 17.80 -11.85 11.56
CA GLY C 16 18.51 -11.31 12.69
C GLY C 16 17.94 -10.03 13.27
N ASN C 17 16.96 -9.39 12.61
CA ASN C 17 16.36 -8.13 13.05
C ASN C 17 17.43 -7.10 13.39
N VAL C 18 18.37 -6.92 12.46
CA VAL C 18 19.46 -5.96 12.66
C VAL C 18 18.93 -4.58 12.30
N PRO C 19 18.86 -3.64 13.25
CA PRO C 19 18.39 -2.29 12.90
C PRO C 19 19.34 -1.62 11.91
N LEU C 20 18.77 -1.17 10.78
CA LEU C 20 19.56 -0.46 9.77
C LEU C 20 19.22 1.02 9.79
N PRO C 21 20.22 1.90 9.76
CA PRO C 21 19.86 3.33 9.93
C PRO C 21 19.47 4.01 8.62
N LYS C 22 18.34 3.58 8.04
CA LYS C 22 17.86 4.07 6.76
C LYS C 22 17.48 5.54 6.80
N GLN C 23 17.21 6.08 8.00
CA GLN C 23 16.88 7.50 8.08
C GLN C 23 18.08 8.37 7.72
N PHE C 24 19.29 7.80 7.67
CA PHE C 24 20.44 8.61 7.25
C PHE C 24 20.70 8.52 5.76
N LEU C 25 19.91 7.75 5.03
CA LEU C 25 20.08 7.63 3.58
C LEU C 25 19.73 8.97 2.91
N ASP C 26 20.41 9.25 1.81
CA ASP C 26 20.28 10.54 1.13
C ASP C 26 19.03 10.60 0.27
N LEU C 27 18.32 11.69 0.38
CA LEU C 27 17.14 11.99 -0.42
C LEU C 27 17.42 13.37 -0.99
N ASP C 28 17.75 13.41 -2.29
CA ASP C 28 18.09 14.65 -2.97
C ASP C 28 19.21 15.38 -2.22
N ASN C 29 20.24 14.61 -1.88
CA ASN C 29 21.49 15.14 -1.30
C ASN C 29 21.28 15.63 0.12
N LYS C 30 20.29 15.06 0.82
CA LYS C 30 20.06 15.36 2.22
C LYS C 30 19.43 14.13 2.88
N PRO C 31 19.91 13.71 4.04
CA PRO C 31 19.32 12.55 4.72
C PRO C 31 17.85 12.70 5.02
N ILE C 32 17.14 11.57 4.91
CA ILE C 32 15.70 11.47 5.17
C ILE C 32 15.33 12.08 6.52
N LEU C 33 16.13 11.78 7.55
CA LEU C 33 15.85 12.30 8.88
C LEU C 33 15.68 13.81 8.88
N ILE C 34 16.52 14.51 8.13
CA ILE C 34 16.50 15.97 8.06
C ILE C 34 15.24 16.45 7.35
N HIS C 35 14.86 15.80 6.24
CA HIS C 35 13.59 16.14 5.60
C HIS C 35 12.46 16.07 6.61
N THR C 36 12.42 14.99 7.39
CA THR C 36 11.35 14.82 8.35
C THR C 36 11.38 15.92 9.41
N LEU C 37 12.57 16.20 9.94
CA LEU C 37 12.70 17.21 10.99
C LEU C 37 12.27 18.58 10.55
N GLU C 38 12.56 18.94 9.29
CA GLU C 38 12.22 20.28 8.82
C GLU C 38 10.72 20.53 8.92
N LYS C 39 9.91 19.51 8.66
CA LYS C 39 8.47 19.63 8.79
C LYS C 39 8.03 19.92 10.22
N PHE C 40 8.72 19.32 11.19
CA PHE C 40 8.36 19.55 12.58
C PHE C 40 8.87 20.90 13.08
N ILE C 41 10.04 21.30 12.60
CA ILE C 41 10.58 22.61 12.98
C ILE C 41 9.65 23.73 12.55
N LEU C 42 8.94 23.56 11.44
CA LEU C 42 7.98 24.58 10.99
C LEU C 42 6.79 24.73 11.91
N ILE C 43 6.58 23.83 12.86
CA ILE C 43 5.45 23.95 13.79
C ILE C 43 5.92 24.66 15.07
N ASN C 44 5.54 25.93 15.22
CA ASN C 44 5.97 26.68 16.40
C ASN C 44 5.28 26.22 17.67
N ASP C 45 4.18 25.49 17.56
CA ASP C 45 3.50 25.16 18.80
C ASP C 45 4.22 24.06 19.56
N PHE C 46 5.22 23.39 18.96
CA PHE C 46 5.94 22.38 19.72
C PHE C 46 6.86 23.05 20.73
N GLU C 47 6.79 22.56 21.95
CA GLU C 47 7.71 23.01 22.97
C GLU C 47 9.11 22.38 22.76
N LYS C 48 9.16 21.08 22.43
CA LYS C 48 10.41 20.39 22.14
C LYS C 48 10.16 19.36 21.03
N ILE C 49 11.20 19.13 20.23
CA ILE C 49 11.17 18.11 19.19
C ILE C 49 12.28 17.10 19.48
N ILE C 50 11.89 15.92 19.96
CA ILE C 50 12.78 14.93 20.53
C ILE C 50 12.97 13.77 19.58
N ILE C 51 14.23 13.50 19.22
CA ILE C 51 14.61 12.36 18.39
C ILE C 51 15.12 11.29 19.34
N ALA C 52 14.52 10.11 19.32
CA ALA C 52 14.98 8.98 20.12
C ALA C 52 15.60 7.96 19.21
N THR C 53 16.84 7.54 19.51
CA THR C 53 17.59 6.71 18.59
C THR C 53 18.53 5.82 19.38
N PRO C 54 18.96 4.68 18.81
CA PRO C 54 19.90 3.82 19.54
C PRO C 54 21.18 4.55 19.92
N GLN C 55 21.73 4.16 21.09
CA GLN C 55 22.96 4.78 21.59
C GLN C 55 24.04 4.90 20.53
N GLN C 56 24.21 3.85 19.71
CA GLN C 56 25.30 3.83 18.74
C GLN C 56 25.08 4.81 17.59
N TRP C 57 23.89 5.41 17.46
CA TRP C 57 23.62 6.37 16.40
C TRP C 57 23.50 7.80 16.92
N MET C 58 23.63 8.02 18.22
CA MET C 58 23.35 9.36 18.76
C MET C 58 24.36 10.39 18.27
N THR C 59 25.64 10.02 18.24
CA THR C 59 26.70 10.92 17.79
C THR C 59 26.52 11.32 16.33
N HIS C 60 26.29 10.33 15.45
CA HIS C 60 26.06 10.64 14.05
C HIS C 60 24.81 11.48 13.84
N THR C 61 23.78 11.26 14.67
CA THR C 61 22.59 12.07 14.53
C THR C 61 22.91 13.53 14.82
N LYS C 62 23.64 13.77 15.92
CA LYS C 62 24.04 15.14 16.26
C LYS C 62 24.95 15.75 15.20
N ASP C 63 25.88 14.96 14.66
CA ASP C 63 26.76 15.48 13.62
C ASP C 63 25.94 15.90 12.40
N THR C 64 24.95 15.10 12.03
CA THR C 64 24.15 15.45 10.86
C THR C 64 23.29 16.69 11.12
N LEU C 65 22.72 16.80 12.33
CA LEU C 65 22.02 18.04 12.69
C LEU C 65 22.93 19.26 12.54
N ARG C 66 24.16 19.17 13.05
CA ARG C 66 25.05 20.32 12.94
C ARG C 66 25.43 20.58 11.48
N LYS C 67 25.70 19.53 10.71
CA LYS C 67 26.11 19.71 9.32
C LYS C 67 25.04 20.36 8.45
N PHE C 68 23.77 20.10 8.72
CA PHE C 68 22.69 20.75 7.96
C PHE C 68 22.12 21.97 8.67
N LYS C 69 22.89 22.59 9.57
CA LYS C 69 22.60 23.93 10.08
C LYS C 69 21.25 23.99 10.81
N ILE C 70 20.84 22.87 11.40
CA ILE C 70 19.60 22.78 12.16
C ILE C 70 19.93 23.19 13.60
N SER C 71 19.60 24.43 13.95
CA SER C 71 20.02 25.01 15.22
C SER C 71 18.88 25.18 16.21
N ASP C 72 17.65 24.88 15.82
CA ASP C 72 16.49 25.08 16.69
C ASP C 72 16.73 24.45 18.06
N GLU C 73 16.62 25.27 19.12
CA GLU C 73 16.91 24.84 20.49
C GLU C 73 15.93 23.81 21.04
N ARG C 74 14.78 23.62 20.41
CA ARG C 74 13.78 22.65 20.85
C ARG C 74 14.17 21.20 20.50
N ILE C 75 15.15 21.00 19.65
CA ILE C 75 15.50 19.65 19.23
C ILE C 75 16.42 19.03 20.28
N GLU C 76 16.11 17.80 20.67
CA GLU C 76 16.92 17.07 21.63
C GLU C 76 17.09 15.66 21.09
N VAL C 77 18.30 15.08 21.21
CA VAL C 77 18.57 13.70 20.80
C VAL C 77 18.77 12.86 22.06
N ILE C 78 17.96 11.81 22.24
CA ILE C 78 18.07 10.93 23.39
C ILE C 78 18.19 9.48 22.95
N GLN C 79 18.59 8.64 23.90
CA GLN C 79 18.76 7.22 23.63
C GLN C 79 17.41 6.51 23.59
N GLY C 80 17.19 5.71 22.55
CA GLY C 80 15.98 4.93 22.41
C GLY C 80 15.99 3.69 23.31
N GLY C 81 14.93 2.90 23.19
CA GLY C 81 14.68 1.77 24.04
C GLY C 81 14.84 0.44 23.34
N SER C 82 14.29 -0.61 23.98
CA SER C 82 14.41 -1.98 23.50
C SER C 82 13.42 -2.30 22.39
N ASP C 83 12.38 -1.48 22.21
CA ASP C 83 11.42 -1.64 21.13
C ASP C 83 10.74 -0.29 20.90
N ARG C 84 9.86 -0.24 19.90
CA ARG C 84 9.29 1.05 19.46
C ARG C 84 8.46 1.71 20.57
N ASN C 85 7.58 0.95 21.21
CA ASN C 85 6.72 1.51 22.23
C ASN C 85 7.52 1.89 23.47
N ASP C 86 8.52 1.07 23.80
CA ASP C 86 9.44 1.38 24.88
C ASP C 86 10.23 2.64 24.60
N THR C 87 10.59 2.85 23.33
CA THR C 87 11.27 4.07 22.93
C THR C 87 10.36 5.30 23.11
N ILE C 88 9.08 5.17 22.70
CA ILE C 88 8.13 6.23 23.00
C ILE C 88 8.06 6.52 24.49
N MET C 89 8.01 5.48 25.32
CA MET C 89 7.89 5.70 26.77
C MET C 89 9.16 6.32 27.32
N ASN C 90 10.29 6.02 26.72
CA ASN C 90 11.52 6.71 27.04
C ASN C 90 11.44 8.21 26.73
N ILE C 91 10.80 8.57 25.60
CA ILE C 91 10.61 9.99 25.30
C ILE C 91 9.71 10.63 26.35
N VAL C 92 8.64 9.94 26.71
CA VAL C 92 7.73 10.43 27.75
C VAL C 92 8.48 10.63 29.06
N LYS C 93 9.30 9.65 29.45
CA LYS C 93 10.06 9.75 30.69
C LYS C 93 11.03 10.93 30.63
N HIS C 94 11.62 11.18 29.46
CA HIS C 94 12.50 12.33 29.34
C HIS C 94 11.76 13.65 29.54
N ILE C 95 10.59 13.77 28.93
CA ILE C 95 9.79 14.97 29.16
C ILE C 95 9.41 15.10 30.63
N GLU C 96 8.98 14.01 31.24
CA GLU C 96 8.55 14.06 32.63
C GLU C 96 9.72 14.53 33.49
N SER C 97 10.93 14.04 33.21
CA SER C 97 12.09 14.42 34.01
C SER C 97 12.59 15.83 33.73
N THR C 98 12.28 16.40 32.55
CA THR C 98 12.73 17.74 32.18
C THR C 98 11.75 18.85 32.49
N ASN C 99 10.54 18.79 31.94
CA ASN C 99 9.55 19.81 32.18
C ASN C 99 8.49 19.39 33.18
N GLY C 100 8.32 18.09 33.43
CA GLY C 100 7.16 17.54 34.12
C GLY C 100 5.96 17.45 33.18
N ILE C 101 5.06 16.51 33.42
CA ILE C 101 3.93 16.30 32.51
C ILE C 101 2.69 17.01 33.06
N ASN C 102 2.09 17.88 32.24
CA ASN C 102 0.80 18.47 32.59
C ASN C 102 -0.30 17.61 31.99
N ASP C 103 -1.48 17.64 32.62
CA ASP C 103 -2.59 16.82 32.15
C ASP C 103 -3.05 17.18 30.74
N ASP C 104 -2.80 18.39 30.27
CA ASP C 104 -3.20 18.76 28.91
C ASP C 104 -2.09 18.56 27.88
N ASP C 105 -0.94 18.03 28.28
CA ASP C 105 0.17 17.83 27.35
C ASP C 105 -0.19 16.76 26.31
N VAL C 106 0.26 16.97 25.08
CA VAL C 106 0.12 15.95 24.04
C VAL C 106 1.46 15.73 23.37
N ILE C 107 1.62 14.53 22.80
CA ILE C 107 2.82 14.13 22.07
C ILE C 107 2.42 13.61 20.69
N VAL C 108 3.09 14.12 19.66
CA VAL C 108 2.94 13.71 18.28
C VAL C 108 4.15 12.81 17.96
N THR C 109 3.95 11.49 17.84
CA THR C 109 5.03 10.55 17.52
C THR C 109 5.02 10.23 16.03
N HIS C 110 6.23 10.09 15.45
CA HIS C 110 6.33 9.98 14.00
C HIS C 110 7.61 9.24 13.60
N ASP C 111 7.49 8.41 12.55
CA ASP C 111 8.63 7.69 11.98
C ASP C 111 9.65 8.65 11.37
N ALA C 112 10.92 8.45 11.67
CA ALA C 112 11.97 9.25 11.04
C ALA C 112 12.00 9.07 9.51
N VAL C 113 11.56 7.93 8.98
CA VAL C 113 11.61 7.67 7.54
C VAL C 113 10.29 8.00 6.83
N ARG C 114 9.46 8.90 7.38
CA ARG C 114 8.25 9.40 6.69
C ARG C 114 8.41 10.91 6.48
N PRO C 115 9.16 11.33 5.47
CA PRO C 115 9.48 12.76 5.33
C PRO C 115 8.40 13.58 4.67
N PHE C 116 7.34 12.95 4.19
CA PHE C 116 6.40 13.64 3.33
C PHE C 116 5.09 13.97 4.04
N LEU C 117 5.05 13.79 5.37
CA LEU C 117 3.89 14.29 6.09
C LEU C 117 3.80 15.79 5.92
N THR C 118 2.60 16.34 6.15
CA THR C 118 2.30 17.73 5.84
C THR C 118 1.92 18.54 7.07
N HIS C 119 1.96 19.86 6.91
CA HIS C 119 1.45 20.77 7.92
C HIS C 119 0.04 20.41 8.35
N ARG C 120 -0.85 20.14 7.38
CA ARG C 120 -2.21 19.75 7.72
C ARG C 120 -2.23 18.49 8.60
N ILE C 121 -1.44 17.49 8.23
CA ILE C 121 -1.40 16.24 9.02
C ILE C 121 -0.94 16.52 10.45
N ILE C 122 0.11 17.32 10.61
CA ILE C 122 0.62 17.57 11.96
C ILE C 122 -0.40 18.37 12.77
N LYS C 123 -0.99 19.40 12.16
CA LYS C 123 -1.95 20.24 12.89
C LYS C 123 -3.16 19.43 13.30
N GLU C 124 -3.67 18.59 12.39
CA GLU C 124 -4.82 17.77 12.73
C GLU C 124 -4.47 16.77 13.81
N ASN C 125 -3.24 16.20 13.77
CA ASN C 125 -2.84 15.30 14.84
C ASN C 125 -2.86 16.00 16.19
N ILE C 126 -2.30 17.20 16.23
CA ILE C 126 -2.32 17.97 17.47
C ILE C 126 -3.75 18.23 17.93
N GLN C 127 -4.62 18.70 17.02
CA GLN C 127 -5.99 19.04 17.42
C GLN C 127 -6.77 17.81 17.87
N ALA C 128 -6.59 16.68 17.18
CA ALA C 128 -7.25 15.45 17.57
C ALA C 128 -6.73 14.96 18.93
N ALA C 129 -5.43 15.08 19.17
CA ALA C 129 -4.93 14.66 20.47
C ALA C 129 -5.48 15.55 21.57
N LEU C 130 -5.55 16.87 21.33
CA LEU C 130 -6.11 17.76 22.34
C LEU C 130 -7.57 17.44 22.64
N GLU C 131 -8.37 17.12 21.61
CA GLU C 131 -9.81 16.94 21.81
C GLU C 131 -10.20 15.53 22.26
N TYR C 132 -9.56 14.50 21.73
CA TYR C 132 -9.99 13.12 21.92
C TYR C 132 -8.96 12.24 22.65
N GLY C 133 -7.73 12.69 22.82
CA GLY C 133 -6.77 11.98 23.65
C GLY C 133 -5.85 11.00 22.92
N ALA C 134 -6.26 10.48 21.76
CA ALA C 134 -5.47 9.50 21.02
C ALA C 134 -5.91 9.52 19.56
N VAL C 135 -4.94 9.47 18.66
CA VAL C 135 -5.19 9.61 17.22
C VAL C 135 -4.17 8.81 16.42
N ASP C 136 -4.64 8.22 15.32
CA ASP C 136 -3.85 7.50 14.31
C ASP C 136 -4.01 8.17 12.96
N THR C 137 -2.90 8.35 12.23
CA THR C 137 -2.94 8.86 10.86
C THR C 137 -3.08 7.66 9.93
N VAL C 138 -4.17 7.63 9.13
CA VAL C 138 -4.53 6.50 8.29
C VAL C 138 -4.98 7.00 6.91
N ILE C 139 -4.95 6.07 5.94
CA ILE C 139 -5.59 6.25 4.63
C ILE C 139 -6.45 5.02 4.34
N ASP C 140 -7.44 5.18 3.45
CA ASP C 140 -8.24 4.04 3.00
C ASP C 140 -7.32 2.96 2.44
N ALA C 141 -7.62 1.70 2.76
CA ALA C 141 -6.84 0.59 2.23
C ALA C 141 -6.84 0.68 0.70
N ILE C 142 -5.63 0.60 0.15
CA ILE C 142 -5.43 0.73 -1.28
C ILE C 142 -5.78 -0.55 -2.01
N ASP C 143 -5.38 -1.68 -1.46
CA ASP C 143 -5.66 -3.01 -1.94
C ASP C 143 -6.71 -3.68 -1.06
N THR C 144 -7.32 -4.71 -1.62
CA THR C 144 -8.05 -5.67 -0.82
C THR C 144 -7.09 -6.30 0.17
N ILE C 145 -7.50 -6.40 1.42
CA ILE C 145 -6.68 -7.03 2.44
C ILE C 145 -7.02 -8.52 2.53
N VAL C 146 -5.99 -9.36 2.57
CA VAL C 146 -6.12 -10.80 2.67
C VAL C 146 -5.30 -11.27 3.86
N THR C 147 -5.79 -12.30 4.56
CA THR C 147 -5.08 -12.88 5.70
C THR C 147 -4.66 -14.32 5.39
N SER C 148 -3.59 -14.74 6.07
CA SER C 148 -3.08 -16.10 5.99
C SER C 148 -2.36 -16.41 7.29
N LYS C 149 -2.60 -17.61 7.82
CA LYS C 149 -1.91 -18.02 9.04
C LYS C 149 -0.69 -18.86 8.74
N ASP C 150 -0.48 -19.24 7.47
CA ASP C 150 0.61 -20.13 7.10
C ASP C 150 1.50 -19.65 5.95
N ASN C 151 1.30 -18.44 5.41
CA ASN C 151 2.07 -17.95 4.26
C ASN C 151 1.89 -18.86 3.01
N GLN C 152 0.84 -19.66 2.98
CA GLN C 152 0.60 -20.58 1.86
C GLN C 152 -0.79 -20.43 1.27
N THR C 153 -1.80 -20.23 2.11
CA THR C 153 -3.19 -20.16 1.67
C THR C 153 -3.89 -18.99 2.35
N ILE C 154 -4.98 -18.55 1.73
CA ILE C 154 -5.80 -17.49 2.30
C ILE C 154 -6.51 -18.02 3.54
N ASP C 155 -6.52 -17.24 4.62
CA ASP C 155 -7.39 -17.53 5.75
C ASP C 155 -8.74 -16.84 5.62
N ALA C 156 -8.74 -15.52 5.41
CA ALA C 156 -9.96 -14.75 5.28
C ALA C 156 -9.69 -13.54 4.42
N ILE C 157 -10.76 -12.99 3.86
CA ILE C 157 -10.72 -11.72 3.16
C ILE C 157 -11.73 -10.79 3.82
N PRO C 158 -11.28 -9.89 4.69
CA PRO C 158 -12.23 -9.03 5.42
C PRO C 158 -12.93 -8.08 4.46
N VAL C 159 -13.99 -7.48 5.00
CA VAL C 159 -14.79 -6.48 4.30
C VAL C 159 -13.93 -5.28 4.01
N ARG C 160 -13.74 -4.96 2.72
CA ARG C 160 -12.76 -3.96 2.30
C ARG C 160 -13.11 -2.55 2.78
N ASN C 161 -14.39 -2.18 2.82
CA ASN C 161 -14.73 -0.81 3.17
C ASN C 161 -14.40 -0.44 4.62
N GLU C 162 -14.08 -1.41 5.47
CA GLU C 162 -13.68 -1.13 6.84
C GLU C 162 -12.18 -1.11 7.02
N MET C 163 -11.41 -1.27 5.95
CA MET C 163 -9.97 -1.45 6.07
C MET C 163 -9.21 -0.16 5.79
N TYR C 164 -8.18 0.10 6.61
CA TYR C 164 -7.32 1.27 6.50
C TYR C 164 -5.86 0.91 6.64
N GLN C 165 -5.01 1.65 5.93
CA GLN C 165 -3.56 1.55 6.08
C GLN C 165 -3.12 2.53 7.15
N GLY C 166 -2.47 1.99 8.20
CA GLY C 166 -1.93 2.84 9.25
C GLY C 166 -0.69 3.58 8.77
N GLN C 167 -0.63 4.86 9.12
CA GLN C 167 0.63 5.59 8.88
C GLN C 167 1.11 6.15 10.22
N THR C 168 1.98 7.16 10.21
CA THR C 168 2.22 8.01 11.36
C THR C 168 2.16 9.45 10.85
N PRO C 169 2.00 10.46 11.73
CA PRO C 169 2.04 10.50 13.20
C PRO C 169 0.99 9.64 13.84
N GLN C 170 1.28 9.25 15.06
CA GLN C 170 0.31 8.76 16.03
C GLN C 170 0.46 9.66 17.23
N SER C 171 -0.64 10.25 17.70
CA SER C 171 -0.51 11.30 18.71
C SER C 171 -1.43 11.01 19.90
N PHE C 172 -1.00 11.46 21.08
CA PHE C 172 -1.63 11.03 22.33
C PHE C 172 -1.56 12.13 23.38
N ASN C 173 -2.61 12.22 24.19
CA ASN C 173 -2.47 12.86 25.50
C ASN C 173 -1.47 12.04 26.30
N ILE C 174 -0.47 12.70 26.89
CA ILE C 174 0.66 11.96 27.45
C ILE C 174 0.23 11.11 28.65
N ASN C 175 -0.56 11.66 29.56
CA ASN C 175 -0.98 10.89 30.72
C ASN C 175 -1.90 9.73 30.33
N LEU C 176 -2.74 9.95 29.32
CA LEU C 176 -3.58 8.86 28.85
C LEU C 176 -2.72 7.70 28.36
N LEU C 177 -1.70 8.03 27.57
CA LEU C 177 -0.78 7.01 27.11
C LEU C 177 -0.06 6.33 28.29
N LYS C 178 0.40 7.11 29.27
CA LYS C 178 1.11 6.54 30.43
C LYS C 178 0.22 5.58 31.18
N GLU C 179 -1.02 5.99 31.47
CA GLU C 179 -1.93 5.13 32.22
C GLU C 179 -2.26 3.86 31.44
N SER C 180 -2.53 3.99 30.14
CA SER C 180 -2.84 2.80 29.35
C SER C 180 -1.65 1.83 29.30
N TYR C 181 -0.45 2.36 29.06
CA TYR C 181 0.72 1.50 29.00
C TYR C 181 0.94 0.79 30.32
N ALA C 182 0.74 1.49 31.44
CA ALA C 182 0.88 0.86 32.75
C ALA C 182 -0.13 -0.25 32.99
N GLN C 183 -1.27 -0.21 32.32
CA GLN C 183 -2.24 -1.28 32.50
C GLN C 183 -1.80 -2.59 31.85
N LEU C 184 -0.93 -2.53 30.84
CA LEU C 184 -0.59 -3.72 30.08
C LEU C 184 0.46 -4.56 30.81
N SER C 185 0.40 -5.87 30.61
CA SER C 185 1.41 -6.73 31.19
C SER C 185 2.67 -6.72 30.34
N ASP C 186 3.74 -7.27 30.92
CA ASP C 186 4.97 -7.39 30.15
C ASP C 186 4.76 -8.33 28.96
N GLU C 187 3.95 -9.38 29.13
CA GLU C 187 3.66 -10.27 28.01
C GLU C 187 2.84 -9.54 26.95
N GLN C 188 1.80 -8.81 27.36
CA GLN C 188 1.02 -8.05 26.39
C GLN C 188 1.90 -7.02 25.72
N LYS C 189 2.73 -6.34 26.50
CA LYS C 189 3.61 -5.34 25.93
C LYS C 189 4.58 -5.97 24.94
N SER C 190 5.00 -7.20 25.23
CA SER C 190 5.91 -7.94 24.35
C SER C 190 5.30 -8.18 22.96
N ILE C 191 3.99 -8.37 22.84
CA ILE C 191 3.46 -8.66 21.51
C ILE C 191 3.23 -7.37 20.70
N LEU C 192 3.03 -6.23 21.36
CA LEU C 192 2.71 -4.98 20.64
C LEU C 192 3.96 -4.29 20.08
N SER C 193 3.86 -3.93 18.83
CA SER C 193 4.84 -3.13 18.11
C SER C 193 4.29 -1.75 17.75
N ASP C 194 3.03 -1.49 18.05
CA ASP C 194 2.34 -0.31 17.55
C ASP C 194 1.78 0.42 18.76
N ALA C 195 1.72 1.73 18.65
CA ALA C 195 1.32 2.49 19.83
C ALA C 195 -0.19 2.66 19.97
N CYS C 196 -0.92 2.82 18.88
CA CYS C 196 -2.35 2.96 19.05
C CYS C 196 -2.98 1.65 19.56
N LYS C 197 -2.34 0.51 19.31
CA LYS C 197 -2.93 -0.72 19.87
C LYS C 197 -2.85 -0.74 21.39
N ILE C 198 -1.88 -0.06 21.99
CA ILE C 198 -1.88 0.14 23.45
C ILE C 198 -3.22 0.70 23.91
N ILE C 199 -3.66 1.78 23.23
CA ILE C 199 -4.90 2.45 23.61
C ILE C 199 -6.10 1.55 23.33
N VAL C 200 -6.15 0.97 22.12
CA VAL C 200 -7.27 0.11 21.71
C VAL C 200 -7.43 -1.09 22.64
N GLU C 201 -6.33 -1.72 23.04
CA GLU C 201 -6.42 -2.92 23.85
C GLU C 201 -6.98 -2.59 25.22
N THR C 202 -6.84 -1.34 25.66
CA THR C 202 -7.47 -0.87 26.89
C THR C 202 -8.85 -0.21 26.66
N ASN C 203 -9.51 -0.43 25.53
CA ASN C 203 -10.90 0.04 25.36
C ASN C 203 -11.02 1.54 25.60
N LYS C 204 -10.09 2.31 25.05
CA LYS C 204 -10.25 3.74 24.99
C LYS C 204 -10.26 4.11 23.51
N PRO C 205 -10.96 5.17 23.13
CA PRO C 205 -11.10 5.46 21.71
C PRO C 205 -9.81 5.97 21.08
N VAL C 206 -9.64 5.65 19.80
CA VAL C 206 -8.58 6.23 18.99
C VAL C 206 -9.23 6.86 17.77
N ARG C 207 -9.01 8.15 17.60
CA ARG C 207 -9.61 8.88 16.49
C ARG C 207 -8.72 8.71 15.25
N LEU C 208 -9.32 8.91 14.08
CA LEU C 208 -8.65 8.81 12.79
C LEU C 208 -8.37 10.19 12.21
N VAL C 209 -7.14 10.41 11.74
CA VAL C 209 -6.80 11.58 10.94
C VAL C 209 -6.35 11.07 9.55
N LYS C 210 -6.82 11.71 8.49
CA LYS C 210 -6.48 11.23 7.17
C LYS C 210 -5.05 11.63 6.78
N GLY C 211 -4.27 10.63 6.35
CA GLY C 211 -2.93 10.89 5.85
C GLY C 211 -2.92 11.26 4.38
N GLU C 212 -1.89 10.84 3.66
CA GLU C 212 -1.79 11.12 2.24
C GLU C 212 -1.19 9.91 1.55
N LEU C 213 -1.54 9.71 0.27
CA LEU C 213 -0.94 8.57 -0.42
C LEU C 213 0.58 8.72 -0.45
N TYR C 214 1.10 9.94 -0.42
CA TYR C 214 2.54 10.11 -0.53
C TYR C 214 3.23 10.10 0.82
N ASN C 215 2.51 9.90 1.93
CA ASN C 215 3.12 9.89 3.26
C ASN C 215 3.72 8.49 3.51
N ILE C 216 4.61 8.09 2.61
CA ILE C 216 5.13 6.73 2.59
C ILE C 216 6.25 6.61 3.61
N LYS C 217 6.53 5.37 4.00
CA LYS C 217 7.64 5.00 4.86
C LYS C 217 8.79 4.59 3.94
N VAL C 218 9.93 5.27 4.04
CA VAL C 218 11.02 5.04 3.09
C VAL C 218 12.00 4.03 3.69
N THR C 219 11.83 2.75 3.35
CA THR C 219 12.58 1.67 4.00
C THR C 219 13.30 0.75 3.04
N THR C 220 13.03 0.83 1.73
CA THR C 220 13.64 -0.06 0.74
C THR C 220 14.21 0.79 -0.39
N PRO C 221 15.08 0.21 -1.23
CA PRO C 221 15.56 0.97 -2.42
C PRO C 221 14.45 1.41 -3.37
N TYR C 222 13.40 0.59 -3.53
CA TYR C 222 12.25 0.97 -4.33
C TYR C 222 11.60 2.23 -3.74
N ASP C 223 11.40 2.23 -2.44
CA ASP C 223 10.82 3.40 -1.80
C ASP C 223 11.69 4.62 -2.01
N LEU C 224 13.01 4.45 -2.09
CA LEU C 224 13.86 5.62 -2.33
C LEU C 224 13.71 6.14 -3.75
N LYS C 225 13.51 5.26 -4.72
CA LYS C 225 13.20 5.75 -6.06
C LYS C 225 11.89 6.54 -6.07
N VAL C 226 10.88 6.02 -5.39
CA VAL C 226 9.60 6.74 -5.31
C VAL C 226 9.76 8.08 -4.60
N ALA C 227 10.55 8.11 -3.52
CA ALA C 227 10.76 9.35 -2.78
C ALA C 227 11.45 10.40 -3.64
N ASN C 228 12.46 9.98 -4.40
CA ASN C 228 13.12 10.92 -5.29
C ASN C 228 12.13 11.45 -6.31
N ALA C 229 11.24 10.58 -6.80
CA ALA C 229 10.19 11.03 -7.72
C ALA C 229 9.26 12.04 -7.06
N ILE C 230 8.82 11.77 -5.84
CA ILE C 230 7.94 12.70 -5.12
C ILE C 230 8.63 14.06 -5.00
N ILE C 231 9.92 14.06 -4.65
CA ILE C 231 10.61 15.33 -4.47
C ILE C 231 10.74 16.06 -5.80
N ARG C 232 11.20 15.35 -6.84
CA ARG C 232 11.39 15.98 -8.15
C ARG C 232 10.09 16.52 -8.72
N GLY C 233 8.98 15.82 -8.47
CA GLY C 233 7.65 16.23 -8.92
C GLY C 233 6.93 17.22 -8.04
N GLY C 234 7.42 17.46 -6.83
CA GLY C 234 6.78 18.43 -5.95
C GLY C 234 5.39 18.05 -5.49
N ILE C 235 5.11 16.74 -5.36
CA ILE C 235 3.78 16.32 -4.94
C ILE C 235 3.58 16.58 -3.44
N ALA C 236 4.62 16.39 -2.64
CA ALA C 236 4.55 16.62 -1.20
C ALA C 236 4.31 18.09 -0.87
N MET D 1 -5.18 -26.06 -21.36
CA MET D 1 -4.78 -24.82 -22.01
C MET D 1 -4.82 -23.64 -21.00
N LYS D 2 -4.02 -22.61 -21.25
CA LYS D 2 -3.86 -21.49 -20.35
C LYS D 2 -4.44 -20.24 -21.00
N TYR D 3 -5.32 -19.54 -20.29
CA TYR D 3 -5.98 -18.36 -20.84
C TYR D 3 -5.67 -17.15 -19.98
N ALA D 4 -5.59 -15.98 -20.63
CA ALA D 4 -5.48 -14.71 -19.92
C ALA D 4 -6.76 -13.91 -20.06
N GLY D 5 -7.21 -13.34 -18.94
CA GLY D 5 -8.36 -12.47 -18.91
C GLY D 5 -8.02 -11.11 -18.34
N ILE D 6 -7.99 -10.08 -19.19
CA ILE D 6 -7.63 -8.74 -18.77
C ILE D 6 -8.93 -7.98 -18.45
N LEU D 7 -9.07 -7.54 -17.20
CA LEU D 7 -10.31 -6.93 -16.74
C LEU D 7 -10.16 -5.44 -16.88
N ALA D 8 -10.89 -4.86 -17.85
CA ALA D 8 -10.81 -3.44 -18.11
C ALA D 8 -12.16 -2.76 -17.87
N GLY D 9 -12.76 -2.97 -16.69
CA GLY D 9 -14.07 -2.42 -16.35
C GLY D 9 -14.03 -0.99 -15.83
N GLY D 10 -12.86 -0.41 -15.63
CA GLY D 10 -12.73 0.96 -15.17
C GLY D 10 -12.64 1.11 -13.66
N ILE D 11 -12.35 2.34 -13.25
CA ILE D 11 -12.26 2.72 -11.86
C ILE D 11 -13.48 3.59 -11.54
N GLY D 12 -14.31 3.15 -10.59
CA GLY D 12 -15.54 3.85 -10.32
C GLY D 12 -15.28 5.12 -9.55
N SER D 13 -15.99 6.19 -9.91
CA SER D 13 -15.89 7.45 -9.21
C SER D 13 -16.53 7.34 -7.83
N ARG D 14 -16.05 8.18 -6.89
CA ARG D 14 -16.52 8.06 -5.51
C ARG D 14 -18.02 8.35 -5.43
N MET D 15 -18.47 9.44 -6.05
CA MET D 15 -19.89 9.71 -6.16
C MET D 15 -20.38 9.12 -7.47
N GLY D 16 -21.50 8.39 -7.41
CA GLY D 16 -22.10 7.79 -8.59
C GLY D 16 -21.54 6.45 -9.01
N ASN D 17 -20.30 6.11 -8.62
CA ASN D 17 -19.62 4.90 -9.11
C ASN D 17 -19.72 4.82 -10.63
N VAL D 18 -19.41 5.93 -11.27
CA VAL D 18 -19.26 5.96 -12.73
C VAL D 18 -17.94 5.28 -13.08
N PRO D 19 -17.94 4.30 -13.99
CA PRO D 19 -16.68 3.70 -14.43
C PRO D 19 -15.87 4.72 -15.21
N LEU D 20 -14.65 4.98 -14.76
CA LEU D 20 -13.85 5.89 -15.58
C LEU D 20 -12.71 5.11 -16.22
N PRO D 21 -12.43 5.35 -17.52
CA PRO D 21 -11.50 4.48 -18.29
C PRO D 21 -10.04 4.84 -18.05
N LYS D 22 -9.61 4.61 -16.81
CA LYS D 22 -8.24 4.94 -16.40
C LYS D 22 -7.18 4.16 -17.15
N GLN D 23 -7.54 2.97 -17.67
CA GLN D 23 -6.56 2.17 -18.39
C GLN D 23 -6.12 2.82 -19.69
N PHE D 24 -6.82 3.85 -20.16
CA PHE D 24 -6.41 4.53 -21.38
C PHE D 24 -5.50 5.72 -21.13
N LEU D 25 -5.22 6.05 -19.87
CA LEU D 25 -4.34 7.17 -19.60
C LEU D 25 -2.91 6.84 -20.01
N ASP D 26 -2.17 7.87 -20.42
CA ASP D 26 -0.82 7.72 -20.96
C ASP D 26 0.21 7.49 -19.85
N LEU D 27 1.07 6.50 -20.05
CA LEU D 27 2.20 6.20 -19.18
C LEU D 27 3.40 6.15 -20.10
N ASP D 28 4.25 7.17 -20.01
CA ASP D 28 5.41 7.30 -20.88
C ASP D 28 4.96 7.23 -22.35
N ASN D 29 3.91 8.00 -22.64
CA ASN D 29 3.42 8.19 -23.99
C ASN D 29 2.76 6.93 -24.55
N LYS D 30 2.27 6.05 -23.68
CA LYS D 30 1.62 4.85 -24.13
C LYS D 30 0.57 4.48 -23.10
N PRO D 31 -0.65 4.16 -23.52
CA PRO D 31 -1.71 3.85 -22.56
C PRO D 31 -1.34 2.69 -21.66
N ILE D 32 -1.75 2.81 -20.40
CA ILE D 32 -1.48 1.77 -19.39
C ILE D 32 -1.90 0.40 -19.89
N LEU D 33 -3.08 0.32 -20.53
CA LEU D 33 -3.60 -0.94 -21.01
C LEU D 33 -2.58 -1.66 -21.90
N ILE D 34 -1.88 -0.91 -22.75
CA ILE D 34 -0.89 -1.52 -23.66
C ILE D 34 0.31 -2.07 -22.90
N HIS D 35 0.81 -1.33 -21.89
CA HIS D 35 1.89 -1.83 -21.04
C HIS D 35 1.53 -3.19 -20.44
N THR D 36 0.32 -3.27 -19.90
CA THR D 36 -0.13 -4.50 -19.27
C THR D 36 -0.18 -5.61 -20.33
N LEU D 37 -0.74 -5.30 -21.47
CA LEU D 37 -0.85 -6.24 -22.53
C LEU D 37 0.45 -6.76 -22.99
N GLU D 38 1.42 -5.88 -23.16
CA GLU D 38 2.73 -6.30 -23.64
C GLU D 38 3.33 -7.35 -22.73
N LYS D 39 3.11 -7.19 -21.42
CA LYS D 39 3.60 -8.21 -20.49
C LYS D 39 2.96 -9.57 -20.75
N PHE D 40 1.65 -9.59 -21.07
CA PHE D 40 1.02 -10.90 -21.30
C PHE D 40 1.40 -11.52 -22.65
N ILE D 41 1.60 -10.71 -23.68
CA ILE D 41 2.00 -11.19 -25.00
C ILE D 41 3.31 -11.95 -24.98
N LEU D 42 4.23 -11.59 -24.07
CA LEU D 42 5.52 -12.25 -23.94
C LEU D 42 5.42 -13.68 -23.41
N ILE D 43 4.27 -14.09 -22.89
CA ILE D 43 4.03 -15.44 -22.38
C ILE D 43 3.50 -16.28 -23.52
N ASN D 44 4.34 -17.17 -24.04
CA ASN D 44 3.99 -17.96 -25.22
C ASN D 44 2.89 -18.98 -24.92
N ASP D 45 2.73 -19.36 -23.66
CA ASP D 45 1.81 -20.44 -23.32
C ASP D 45 0.35 -20.00 -23.28
N PHE D 46 0.03 -18.72 -23.37
CA PHE D 46 -1.38 -18.36 -23.40
C PHE D 46 -1.96 -18.75 -24.74
N GLU D 47 -3.09 -19.44 -24.69
CA GLU D 47 -3.80 -19.79 -25.91
C GLU D 47 -4.53 -18.57 -26.45
N LYS D 48 -5.14 -17.76 -25.55
CA LYS D 48 -5.81 -16.53 -25.95
C LYS D 48 -5.65 -15.50 -24.83
N ILE D 49 -5.59 -14.25 -25.24
CA ILE D 49 -5.49 -13.14 -24.31
C ILE D 49 -6.71 -12.24 -24.51
N ILE D 50 -7.65 -12.34 -23.57
CA ILE D 50 -8.99 -11.78 -23.72
C ILE D 50 -9.15 -10.56 -22.82
N ILE D 51 -9.46 -9.41 -23.42
CA ILE D 51 -9.74 -8.15 -22.73
C ILE D 51 -11.26 -8.00 -22.67
N ALA D 52 -11.84 -7.88 -21.48
CA ALA D 52 -13.28 -7.67 -21.35
C ALA D 52 -13.51 -6.26 -20.84
N THR D 53 -14.39 -5.52 -21.50
CA THR D 53 -14.51 -4.10 -21.20
C THR D 53 -15.96 -3.71 -21.48
N PRO D 54 -16.46 -2.62 -20.89
CA PRO D 54 -17.86 -2.20 -21.14
C PRO D 54 -18.11 -2.02 -22.63
N GLN D 55 -19.34 -2.30 -23.04
CA GLN D 55 -19.69 -2.18 -24.46
C GLN D 55 -19.22 -0.86 -25.05
N GLN D 56 -19.41 0.25 -24.29
CA GLN D 56 -19.10 1.57 -24.83
C GLN D 56 -17.61 1.83 -25.01
N TRP D 57 -16.74 0.97 -24.49
CA TRP D 57 -15.32 1.16 -24.65
C TRP D 57 -14.73 0.13 -25.60
N MET D 58 -15.57 -0.76 -26.14
CA MET D 58 -14.99 -1.82 -26.96
C MET D 58 -14.34 -1.24 -28.21
N THR D 59 -15.03 -0.31 -28.87
CA THR D 59 -14.47 0.27 -30.08
C THR D 59 -13.16 0.98 -29.77
N HIS D 60 -13.13 1.80 -28.71
CA HIS D 60 -11.89 2.50 -28.39
C HIS D 60 -10.77 1.55 -28.03
N THR D 61 -11.09 0.44 -27.38
CA THR D 61 -10.07 -0.53 -27.05
C THR D 61 -9.43 -1.08 -28.32
N LYS D 62 -10.27 -1.45 -29.30
CA LYS D 62 -9.75 -1.96 -30.56
C LYS D 62 -8.93 -0.90 -31.29
N ASP D 63 -9.39 0.35 -31.26
CA ASP D 63 -8.64 1.41 -31.94
C ASP D 63 -7.28 1.59 -31.29
N THR D 64 -7.24 1.50 -29.96
CA THR D 64 -5.96 1.68 -29.27
C THR D 64 -5.01 0.53 -29.57
N LEU D 65 -5.55 -0.71 -29.60
CA LEU D 65 -4.73 -1.85 -30.00
C LEU D 65 -4.11 -1.62 -31.37
N ARG D 66 -4.92 -1.11 -32.31
CA ARG D 66 -4.41 -0.88 -33.65
C ARG D 66 -3.32 0.19 -33.65
N LYS D 67 -3.53 1.28 -32.89
CA LYS D 67 -2.58 2.40 -32.90
C LYS D 67 -1.19 2.02 -32.37
N PHE D 68 -1.09 1.10 -31.42
CA PHE D 68 0.20 0.71 -30.85
C PHE D 68 0.73 -0.59 -31.42
N LYS D 69 0.26 -0.97 -32.61
CA LYS D 69 0.85 -2.04 -33.39
C LYS D 69 0.76 -3.38 -32.66
N ILE D 70 -0.27 -3.52 -31.83
CA ILE D 70 -0.52 -4.76 -31.11
C ILE D 70 -1.35 -5.63 -32.05
N SER D 71 -0.68 -6.54 -32.74
CA SER D 71 -1.33 -7.35 -33.75
C SER D 71 -1.46 -8.81 -33.36
N ASP D 72 -0.93 -9.22 -32.21
CA ASP D 72 -0.96 -10.63 -31.81
C ASP D 72 -2.37 -11.21 -31.93
N GLU D 73 -2.47 -12.29 -32.72
CA GLU D 73 -3.75 -12.93 -33.07
C GLU D 73 -4.47 -13.55 -31.87
N ARG D 74 -3.78 -13.77 -30.76
CA ARG D 74 -4.40 -14.35 -29.58
C ARG D 74 -5.26 -13.35 -28.82
N ILE D 75 -5.14 -12.07 -29.12
CA ILE D 75 -5.85 -10.99 -28.40
C ILE D 75 -7.29 -10.85 -28.88
N GLU D 76 -8.20 -10.79 -27.94
CA GLU D 76 -9.59 -10.59 -28.24
C GLU D 76 -10.30 -9.62 -27.27
N VAL D 77 -11.13 -8.72 -27.77
CA VAL D 77 -11.87 -7.74 -26.97
C VAL D 77 -13.32 -8.21 -26.91
N ILE D 78 -13.85 -8.40 -25.70
CA ILE D 78 -15.23 -8.81 -25.51
C ILE D 78 -15.94 -7.83 -24.56
N GLN D 79 -17.26 -7.92 -24.55
CA GLN D 79 -18.10 -7.11 -23.71
C GLN D 79 -18.05 -7.61 -22.28
N GLY D 80 -17.84 -6.68 -21.34
CA GLY D 80 -17.85 -7.01 -19.94
C GLY D 80 -19.25 -7.19 -19.38
N GLY D 81 -19.31 -7.46 -18.07
CA GLY D 81 -20.55 -7.79 -17.41
C GLY D 81 -21.01 -6.70 -16.45
N SER D 82 -21.92 -7.09 -15.56
CA SER D 82 -22.55 -6.16 -14.65
C SER D 82 -21.70 -5.84 -13.42
N ASP D 83 -20.67 -6.65 -13.14
CA ASP D 83 -19.72 -6.39 -12.07
C ASP D 83 -18.47 -7.19 -12.42
N ARG D 84 -17.43 -7.06 -11.58
CA ARG D 84 -16.13 -7.64 -11.95
C ARG D 84 -16.20 -9.15 -12.10
N ASN D 85 -16.85 -9.83 -11.15
CA ASN D 85 -16.94 -11.29 -11.22
C ASN D 85 -17.84 -11.75 -12.36
N ASP D 86 -18.91 -11.00 -12.63
CA ASP D 86 -19.73 -11.32 -13.80
C ASP D 86 -18.93 -11.15 -15.10
N THR D 87 -18.04 -10.17 -15.15
CA THR D 87 -17.17 -9.98 -16.32
C THR D 87 -16.21 -11.15 -16.48
N ILE D 88 -15.62 -11.61 -15.37
CA ILE D 88 -14.79 -12.80 -15.41
C ILE D 88 -15.59 -13.98 -15.99
N MET D 89 -16.83 -14.14 -15.53
CA MET D 89 -17.62 -15.27 -16.02
C MET D 89 -17.99 -15.07 -17.50
N ASN D 90 -18.13 -13.83 -17.94
CA ASN D 90 -18.29 -13.58 -19.37
C ASN D 90 -17.09 -14.07 -20.16
N ILE D 91 -15.88 -13.87 -19.63
CA ILE D 91 -14.70 -14.36 -20.32
C ILE D 91 -14.73 -15.89 -20.38
N VAL D 92 -15.10 -16.51 -19.27
CA VAL D 92 -15.20 -17.96 -19.25
C VAL D 92 -16.20 -18.43 -20.31
N LYS D 93 -17.36 -17.76 -20.38
CA LYS D 93 -18.37 -18.15 -21.36
C LYS D 93 -17.84 -17.95 -22.77
N HIS D 94 -17.06 -16.91 -22.98
CA HIS D 94 -16.48 -16.71 -24.29
C HIS D 94 -15.52 -17.85 -24.67
N ILE D 95 -14.64 -18.25 -23.75
CA ILE D 95 -13.77 -19.41 -24.01
C ILE D 95 -14.60 -20.63 -24.32
N GLU D 96 -15.64 -20.85 -23.52
CA GLU D 96 -16.50 -22.00 -23.70
C GLU D 96 -17.13 -22.01 -25.09
N SER D 97 -17.54 -20.89 -25.59
CA SER D 97 -18.18 -20.84 -26.86
C SER D 97 -17.27 -21.03 -28.03
N THR D 98 -16.04 -20.63 -27.92
CA THR D 98 -15.14 -20.71 -29.06
C THR D 98 -14.36 -22.01 -29.08
N ASN D 99 -13.64 -22.33 -28.02
CA ASN D 99 -12.83 -23.54 -27.99
C ASN D 99 -13.44 -24.68 -27.16
N GLY D 100 -14.40 -24.39 -26.28
CA GLY D 100 -14.81 -25.34 -25.27
C GLY D 100 -13.80 -25.37 -24.15
N ILE D 101 -14.24 -25.73 -22.93
CA ILE D 101 -13.39 -25.77 -21.75
C ILE D 101 -12.94 -27.21 -21.48
N ASN D 102 -11.63 -27.40 -21.31
CA ASN D 102 -11.07 -28.68 -20.87
C ASN D 102 -10.93 -28.70 -19.35
N ASP D 103 -10.90 -29.91 -18.81
CA ASP D 103 -10.81 -30.09 -17.36
C ASP D 103 -9.51 -29.50 -16.78
N ASP D 104 -8.45 -29.41 -17.58
CA ASP D 104 -7.18 -28.87 -17.07
C ASP D 104 -6.95 -27.39 -17.38
N ASP D 105 -7.93 -26.72 -18.02
CA ASP D 105 -7.79 -25.31 -18.39
C ASP D 105 -7.65 -24.45 -17.16
N VAL D 106 -6.82 -23.41 -17.25
CA VAL D 106 -6.69 -22.40 -16.20
C VAL D 106 -6.83 -21.02 -16.84
N ILE D 107 -7.29 -20.05 -16.06
CA ILE D 107 -7.40 -18.66 -16.50
C ILE D 107 -6.68 -17.77 -15.49
N VAL D 108 -5.84 -16.88 -16.01
CA VAL D 108 -5.10 -15.89 -15.24
C VAL D 108 -5.80 -14.55 -15.44
N THR D 109 -6.53 -14.05 -14.45
CA THR D 109 -7.25 -12.79 -14.55
C THR D 109 -6.43 -11.66 -13.92
N HIS D 110 -6.48 -10.48 -14.52
CA HIS D 110 -5.55 -9.43 -14.10
C HIS D 110 -6.14 -8.07 -14.44
N ASP D 111 -5.91 -7.11 -13.53
CA ASP D 111 -6.34 -5.72 -13.70
C ASP D 111 -5.61 -5.08 -14.89
N ALA D 112 -6.38 -4.44 -15.75
CA ALA D 112 -5.79 -3.67 -16.85
C ALA D 112 -4.87 -2.52 -16.35
N VAL D 113 -5.12 -1.95 -15.16
CA VAL D 113 -4.31 -0.83 -14.69
C VAL D 113 -3.16 -1.29 -13.79
N ARG D 114 -2.71 -2.54 -13.92
CA ARG D 114 -1.52 -3.04 -13.20
C ARG D 114 -0.45 -3.45 -14.22
N PRO D 115 0.29 -2.48 -14.77
CA PRO D 115 1.20 -2.79 -15.89
C PRO D 115 2.54 -3.37 -15.48
N PHE D 116 2.85 -3.45 -14.19
CA PHE D 116 4.19 -3.77 -13.71
C PHE D 116 4.32 -5.19 -13.15
N LEU D 117 3.32 -6.05 -13.37
CA LEU D 117 3.51 -7.45 -13.02
C LEU D 117 4.66 -8.02 -13.87
N THR D 118 5.22 -9.13 -13.40
CA THR D 118 6.44 -9.66 -14.01
C THR D 118 6.19 -11.02 -14.64
N HIS D 119 7.15 -11.44 -15.46
CA HIS D 119 7.15 -12.79 -15.99
C HIS D 119 7.05 -13.83 -14.88
N ARG D 120 7.81 -13.64 -13.80
CA ARG D 120 7.77 -14.58 -12.68
C ARG D 120 6.36 -14.66 -12.11
N ILE D 121 5.70 -13.51 -11.88
CA ILE D 121 4.36 -13.53 -11.30
C ILE D 121 3.41 -14.32 -12.18
N ILE D 122 3.47 -14.10 -13.50
CA ILE D 122 2.55 -14.80 -14.40
C ILE D 122 2.85 -16.30 -14.38
N LYS D 123 4.13 -16.66 -14.44
CA LYS D 123 4.48 -18.08 -14.48
C LYS D 123 4.05 -18.79 -13.20
N GLU D 124 4.29 -18.15 -12.05
CA GLU D 124 3.89 -18.75 -10.78
C GLU D 124 2.38 -18.82 -10.66
N ASN D 125 1.64 -17.81 -11.16
CA ASN D 125 0.19 -17.90 -11.16
C ASN D 125 -0.29 -19.08 -11.98
N ILE D 126 0.26 -19.26 -13.18
CA ILE D 126 -0.13 -20.40 -14.03
C ILE D 126 0.19 -21.74 -13.34
N GLN D 127 1.42 -21.88 -12.82
CA GLN D 127 1.82 -23.15 -12.22
C GLN D 127 0.98 -23.46 -10.99
N ALA D 128 0.66 -22.41 -10.20
CA ALA D 128 -0.15 -22.56 -8.99
C ALA D 128 -1.59 -22.92 -9.34
N ALA D 129 -2.14 -22.34 -10.42
CA ALA D 129 -3.48 -22.73 -10.82
C ALA D 129 -3.50 -24.19 -11.25
N LEU D 130 -2.48 -24.61 -12.00
CA LEU D 130 -2.39 -26.01 -12.45
C LEU D 130 -2.29 -26.96 -11.26
N GLU D 131 -1.54 -26.58 -10.23
CA GLU D 131 -1.30 -27.49 -9.11
C GLU D 131 -2.39 -27.44 -8.05
N TYR D 132 -2.90 -26.26 -7.73
CA TYR D 132 -3.76 -26.03 -6.57
C TYR D 132 -5.17 -25.53 -6.92
N GLY D 133 -5.44 -25.08 -8.15
CA GLY D 133 -6.79 -24.78 -8.55
C GLY D 133 -7.20 -23.32 -8.39
N ALA D 134 -6.58 -22.58 -7.47
CA ALA D 134 -6.96 -21.19 -7.21
C ALA D 134 -5.77 -20.46 -6.61
N VAL D 135 -5.55 -19.21 -7.03
CA VAL D 135 -4.36 -18.46 -6.63
C VAL D 135 -4.67 -16.98 -6.52
N ASP D 136 -4.12 -16.35 -5.50
CA ASP D 136 -4.16 -14.91 -5.29
C ASP D 136 -2.71 -14.39 -5.25
N THR D 137 -2.44 -13.30 -5.96
CA THR D 137 -1.14 -12.65 -5.89
C THR D 137 -1.16 -11.62 -4.75
N VAL D 138 -0.26 -11.78 -3.79
CA VAL D 138 -0.28 -10.96 -2.57
C VAL D 138 1.14 -10.56 -2.20
N ILE D 139 1.23 -9.48 -1.40
CA ILE D 139 2.46 -9.10 -0.71
C ILE D 139 2.16 -8.90 0.76
N ASP D 140 3.21 -9.02 1.59
CA ASP D 140 3.10 -8.68 3.01
C ASP D 140 2.57 -7.26 3.13
N ALA D 141 1.64 -7.07 4.08
CA ALA D 141 1.11 -5.72 4.27
C ALA D 141 2.24 -4.75 4.56
N ILE D 142 2.26 -3.63 3.83
CA ILE D 142 3.33 -2.65 3.95
C ILE D 142 3.17 -1.85 5.23
N ASP D 143 1.95 -1.50 5.58
CA ASP D 143 1.65 -0.80 6.80
C ASP D 143 0.87 -1.70 7.75
N THR D 144 0.83 -1.28 8.99
CA THR D 144 -0.18 -1.78 9.91
C THR D 144 -1.56 -1.53 9.32
N ILE D 145 -2.39 -2.54 9.41
CA ILE D 145 -3.77 -2.46 8.97
C ILE D 145 -4.62 -2.04 10.16
N VAL D 146 -5.55 -1.11 9.94
CA VAL D 146 -6.49 -0.72 10.96
C VAL D 146 -7.91 -0.79 10.41
N THR D 147 -8.88 -1.10 11.27
CA THR D 147 -10.27 -1.14 10.87
C THR D 147 -11.09 -0.06 11.54
N SER D 148 -12.18 0.33 10.87
CA SER D 148 -13.10 1.29 11.45
C SER D 148 -14.48 1.01 10.88
N LYS D 149 -15.48 1.04 11.74
CA LYS D 149 -16.85 0.86 11.29
C LYS D 149 -17.56 2.19 11.09
N ASP D 150 -16.93 3.30 11.47
CA ASP D 150 -17.59 4.61 11.43
C ASP D 150 -16.78 5.71 10.76
N ASN D 151 -15.61 5.42 10.22
CA ASN D 151 -14.70 6.43 9.65
C ASN D 151 -14.27 7.47 10.69
N GLN D 152 -14.42 7.18 11.96
CA GLN D 152 -14.09 8.09 13.04
C GLN D 152 -13.14 7.49 14.07
N THR D 153 -13.31 6.22 14.40
CA THR D 153 -12.51 5.61 15.46
C THR D 153 -12.06 4.23 15.01
N ILE D 154 -10.98 3.77 15.64
CA ILE D 154 -10.48 2.44 15.38
C ILE D 154 -11.45 1.42 15.98
N ASP D 155 -11.78 0.39 15.22
CA ASP D 155 -12.48 -0.76 15.78
C ASP D 155 -11.51 -1.84 16.24
N ALA D 156 -10.56 -2.21 15.38
CA ALA D 156 -9.60 -3.25 15.70
C ALA D 156 -8.30 -2.95 14.97
N ILE D 157 -7.22 -3.51 15.49
CA ILE D 157 -5.93 -3.51 14.85
C ILE D 157 -5.45 -4.96 14.82
N PRO D 158 -5.61 -5.69 13.70
CA PRO D 158 -5.24 -7.12 13.70
C PRO D 158 -3.74 -7.34 13.84
N VAL D 159 -3.39 -8.60 14.14
CA VAL D 159 -1.99 -9.01 14.26
C VAL D 159 -1.33 -8.87 12.90
N ARG D 160 -0.29 -8.02 12.84
CA ARG D 160 0.28 -7.63 11.56
C ARG D 160 0.93 -8.79 10.81
N ASN D 161 1.47 -9.78 11.53
CA ASN D 161 2.13 -10.89 10.84
C ASN D 161 1.19 -11.70 9.95
N GLU D 162 -0.13 -11.56 10.09
CA GLU D 162 -1.08 -12.27 9.24
C GLU D 162 -1.69 -11.45 8.11
N MET D 163 -1.30 -10.19 7.92
CA MET D 163 -1.95 -9.31 6.95
C MET D 163 -1.17 -9.21 5.64
N TYR D 164 -1.92 -9.24 4.54
CA TYR D 164 -1.33 -9.14 3.22
C TYR D 164 -2.17 -8.20 2.37
N GLN D 165 -1.50 -7.49 1.47
CA GLN D 165 -2.16 -6.68 0.47
C GLN D 165 -2.39 -7.52 -0.78
N GLY D 166 -3.66 -7.64 -1.15
CA GLY D 166 -4.01 -8.37 -2.36
C GLY D 166 -3.65 -7.57 -3.60
N GLN D 167 -3.07 -8.26 -4.58
CA GLN D 167 -2.87 -7.68 -5.89
C GLN D 167 -3.64 -8.54 -6.88
N THR D 168 -3.33 -8.43 -8.15
CA THR D 168 -3.73 -9.41 -9.15
C THR D 168 -2.44 -9.71 -9.89
N PRO D 169 -2.36 -10.83 -10.65
CA PRO D 169 -3.39 -11.78 -11.11
C PRO D 169 -4.07 -12.55 -10.01
N GLN D 170 -5.27 -13.02 -10.34
CA GLN D 170 -5.91 -14.09 -9.61
C GLN D 170 -6.23 -15.18 -10.63
N SER D 171 -5.86 -16.41 -10.32
CA SER D 171 -5.88 -17.43 -11.36
C SER D 171 -6.57 -18.69 -10.85
N PHE D 172 -7.20 -19.40 -11.77
CA PHE D 172 -8.12 -20.45 -11.37
C PHE D 172 -8.12 -21.56 -12.40
N ASN D 173 -8.28 -22.78 -11.94
CA ASN D 173 -8.79 -23.79 -12.84
C ASN D 173 -10.21 -23.37 -13.25
N ILE D 174 -10.49 -23.39 -14.55
CA ILE D 174 -11.71 -22.78 -15.07
C ILE D 174 -12.94 -23.51 -14.54
N ASN D 175 -12.90 -24.83 -14.54
CA ASN D 175 -14.05 -25.58 -14.06
C ASN D 175 -14.25 -25.36 -12.57
N LEU D 176 -13.15 -25.24 -11.80
CA LEU D 176 -13.27 -24.94 -10.38
C LEU D 176 -13.99 -23.61 -10.16
N LEU D 177 -13.59 -22.59 -10.92
CA LEU D 177 -14.23 -21.27 -10.80
C LEU D 177 -15.71 -21.34 -11.15
N LYS D 178 -16.04 -22.05 -12.24
CA LYS D 178 -17.44 -22.19 -12.63
C LYS D 178 -18.25 -22.89 -11.56
N GLU D 179 -17.73 -23.99 -11.02
CA GLU D 179 -18.49 -24.74 -10.02
C GLU D 179 -18.71 -23.93 -8.75
N SER D 180 -17.66 -23.25 -8.26
CA SER D 180 -17.83 -22.41 -7.08
C SER D 180 -18.82 -21.28 -7.34
N TYR D 181 -18.73 -20.63 -8.50
CA TYR D 181 -19.63 -19.52 -8.80
C TYR D 181 -21.09 -19.96 -8.84
N ALA D 182 -21.38 -21.15 -9.37
CA ALA D 182 -22.78 -21.59 -9.31
C ALA D 182 -23.26 -21.82 -7.88
N GLN D 183 -22.34 -22.10 -6.95
CA GLN D 183 -22.65 -22.37 -5.55
C GLN D 183 -23.08 -21.15 -4.76
N LEU D 184 -22.75 -19.95 -5.22
CA LEU D 184 -23.00 -18.73 -4.46
C LEU D 184 -24.44 -18.28 -4.64
N SER D 185 -24.91 -17.51 -3.66
CA SER D 185 -26.25 -16.99 -3.83
C SER D 185 -26.29 -15.81 -4.77
N ASP D 186 -27.50 -15.45 -5.16
CA ASP D 186 -27.67 -14.24 -5.95
C ASP D 186 -27.25 -13.01 -5.14
N GLU D 187 -27.55 -13.00 -3.83
CA GLU D 187 -27.09 -11.90 -2.98
C GLU D 187 -25.58 -11.89 -2.79
N GLN D 188 -25.00 -13.05 -2.48
CA GLN D 188 -23.54 -13.13 -2.35
C GLN D 188 -22.86 -12.76 -3.66
N LYS D 189 -23.39 -13.26 -4.78
CA LYS D 189 -22.81 -12.86 -6.05
C LYS D 189 -22.97 -11.35 -6.29
N SER D 190 -24.10 -10.76 -5.89
CA SER D 190 -24.23 -9.31 -6.07
C SER D 190 -23.23 -8.52 -5.24
N ILE D 191 -22.96 -8.99 -4.03
CA ILE D 191 -22.12 -8.26 -3.10
C ILE D 191 -20.63 -8.54 -3.21
N LEU D 192 -20.21 -9.69 -3.74
CA LEU D 192 -18.79 -10.00 -3.81
C LEU D 192 -18.10 -9.29 -4.92
N SER D 193 -17.01 -8.66 -4.58
CA SER D 193 -16.30 -7.94 -5.66
C SER D 193 -14.97 -8.55 -6.03
N ASP D 194 -14.53 -9.58 -5.34
CA ASP D 194 -13.21 -10.12 -5.51
C ASP D 194 -13.40 -11.57 -5.91
N ALA D 195 -12.52 -12.04 -6.77
CA ALA D 195 -12.71 -13.35 -7.36
C ALA D 195 -12.24 -14.47 -6.46
N CYS D 196 -11.16 -14.25 -5.70
CA CYS D 196 -10.70 -15.28 -4.76
C CYS D 196 -11.68 -15.46 -3.61
N LYS D 197 -12.44 -14.41 -3.28
CA LYS D 197 -13.45 -14.56 -2.25
C LYS D 197 -14.58 -15.48 -2.69
N ILE D 198 -14.84 -15.60 -3.99
CA ILE D 198 -15.74 -16.65 -4.47
C ILE D 198 -15.29 -18.01 -3.96
N ILE D 199 -14.01 -18.33 -4.18
CA ILE D 199 -13.46 -19.63 -3.81
C ILE D 199 -13.46 -19.79 -2.30
N VAL D 200 -12.99 -18.78 -1.57
CA VAL D 200 -12.95 -18.87 -0.11
C VAL D 200 -14.33 -19.12 0.46
N GLU D 201 -15.34 -18.41 -0.06
CA GLU D 201 -16.69 -18.57 0.45
C GLU D 201 -17.25 -19.96 0.17
N THR D 202 -16.75 -20.65 -0.87
CA THR D 202 -17.16 -22.02 -1.14
C THR D 202 -16.23 -23.03 -0.51
N ASN D 203 -15.46 -22.61 0.50
CA ASN D 203 -14.65 -23.48 1.35
C ASN D 203 -13.65 -24.29 0.53
N LYS D 204 -13.00 -23.64 -0.43
CA LYS D 204 -11.88 -24.28 -1.11
C LYS D 204 -10.61 -23.45 -0.94
N PRO D 205 -9.44 -24.08 -0.96
CA PRO D 205 -8.20 -23.35 -0.71
C PRO D 205 -7.87 -22.42 -1.86
N VAL D 206 -7.23 -21.31 -1.53
CA VAL D 206 -6.63 -20.39 -2.48
C VAL D 206 -5.16 -20.23 -2.11
N ARG D 207 -4.28 -20.51 -3.05
CA ARG D 207 -2.85 -20.43 -2.81
C ARG D 207 -2.37 -18.98 -2.93
N LEU D 208 -1.24 -18.72 -2.28
CA LEU D 208 -0.63 -17.40 -2.32
C LEU D 208 0.57 -17.43 -3.25
N VAL D 209 0.64 -16.45 -4.15
CA VAL D 209 1.84 -16.20 -4.93
C VAL D 209 2.32 -14.80 -4.58
N LYS D 210 3.63 -14.65 -4.38
CA LYS D 210 4.17 -13.36 -3.97
C LYS D 210 4.20 -12.39 -5.15
N GLY D 211 3.64 -11.20 -4.93
CA GLY D 211 3.71 -10.15 -5.93
C GLY D 211 4.97 -9.32 -5.80
N GLU D 212 4.90 -8.00 -6.05
CA GLU D 212 6.05 -7.12 -5.90
C GLU D 212 5.50 -5.80 -5.37
N LEU D 213 6.36 -5.05 -4.66
CA LEU D 213 5.96 -3.74 -4.14
C LEU D 213 5.57 -2.80 -5.28
N TYR D 214 6.15 -2.96 -6.45
CA TYR D 214 5.88 -2.07 -7.56
C TYR D 214 4.74 -2.57 -8.46
N ASN D 215 4.10 -3.69 -8.12
CA ASN D 215 2.96 -4.20 -8.89
C ASN D 215 1.69 -3.44 -8.50
N ILE D 216 1.78 -2.12 -8.65
CA ILE D 216 0.72 -1.23 -8.18
C ILE D 216 -0.41 -1.13 -9.20
N LYS D 217 -1.55 -0.67 -8.70
CA LYS D 217 -2.72 -0.32 -9.49
C LYS D 217 -2.60 1.16 -9.82
N VAL D 218 -2.60 1.51 -11.10
CA VAL D 218 -2.39 2.91 -11.51
C VAL D 218 -3.75 3.54 -11.76
N THR D 219 -4.31 4.22 -10.75
CA THR D 219 -5.67 4.76 -10.85
C THR D 219 -5.81 6.23 -10.49
N THR D 220 -4.80 6.88 -9.89
CA THR D 220 -4.91 8.28 -9.47
C THR D 220 -3.78 9.06 -10.13
N PRO D 221 -3.86 10.40 -10.13
CA PRO D 221 -2.71 11.18 -10.64
C PRO D 221 -1.39 10.91 -9.89
N TYR D 222 -1.46 10.70 -8.58
CA TYR D 222 -0.28 10.30 -7.82
C TYR D 222 0.29 8.98 -8.32
N ASP D 223 -0.57 7.98 -8.52
CA ASP D 223 -0.07 6.69 -9.00
C ASP D 223 0.61 6.84 -10.36
N LEU D 224 0.12 7.75 -11.20
CA LEU D 224 0.73 7.96 -12.51
C LEU D 224 2.11 8.60 -12.39
N LYS D 225 2.28 9.51 -11.44
CA LYS D 225 3.63 10.05 -11.21
C LYS D 225 4.58 8.94 -10.73
N VAL D 226 4.11 8.10 -9.80
CA VAL D 226 4.95 6.98 -9.35
C VAL D 226 5.26 6.03 -10.50
N ALA D 227 4.28 5.76 -11.36
CA ALA D 227 4.46 4.84 -12.48
C ALA D 227 5.51 5.39 -13.44
N ASN D 228 5.47 6.69 -13.69
CA ASN D 228 6.50 7.28 -14.55
C ASN D 228 7.88 7.13 -13.92
N ALA D 229 7.95 7.23 -12.57
CA ALA D 229 9.22 6.99 -11.90
C ALA D 229 9.69 5.54 -12.09
N ILE D 230 8.78 4.58 -11.94
CA ILE D 230 9.08 3.16 -12.14
C ILE D 230 9.62 2.91 -13.55
N ILE D 231 8.99 3.55 -14.54
CA ILE D 231 9.43 3.37 -15.92
C ILE D 231 10.82 3.95 -16.09
N ARG D 232 11.03 5.18 -15.61
CA ARG D 232 12.33 5.84 -15.77
C ARG D 232 13.45 5.07 -15.07
N GLY D 233 13.15 4.46 -13.93
CA GLY D 233 14.14 3.69 -13.19
C GLY D 233 14.35 2.26 -13.65
N GLY D 234 13.48 1.73 -14.51
CA GLY D 234 13.62 0.35 -14.95
C GLY D 234 13.50 -0.67 -13.83
N ILE D 235 12.50 -0.49 -12.97
CA ILE D 235 12.37 -1.34 -11.79
C ILE D 235 11.64 -2.65 -12.11
N ALA D 236 10.79 -2.66 -13.13
CA ALA D 236 10.08 -3.88 -13.53
C ALA D 236 10.73 -4.53 -14.76
N MET E 1 -23.10 8.06 -30.38
CA MET E 1 -22.33 9.28 -30.54
C MET E 1 -22.69 10.23 -29.38
N LYS E 2 -21.82 11.19 -29.08
CA LYS E 2 -22.01 12.06 -27.92
C LYS E 2 -22.32 13.46 -28.38
N TYR E 3 -23.37 14.05 -27.84
CA TYR E 3 -23.82 15.38 -28.23
C TYR E 3 -23.83 16.33 -27.03
N ALA E 4 -23.54 17.61 -27.26
CA ALA E 4 -23.66 18.67 -26.26
C ALA E 4 -24.80 19.61 -26.64
N GLY E 5 -25.65 19.95 -25.66
CA GLY E 5 -26.75 20.89 -25.86
C GLY E 5 -26.64 22.05 -24.89
N ILE E 6 -26.25 23.21 -25.38
CA ILE E 6 -26.09 24.39 -24.54
C ILE E 6 -27.33 25.26 -24.52
N LEU E 7 -27.90 25.39 -23.36
CA LEU E 7 -29.10 26.11 -23.17
C LEU E 7 -28.90 27.52 -22.71
N ALA E 8 -29.18 28.43 -23.60
CA ALA E 8 -29.02 29.85 -23.32
C ALA E 8 -30.32 30.61 -23.49
N GLY E 9 -31.45 29.99 -23.19
CA GLY E 9 -32.75 30.62 -23.40
C GLY E 9 -33.27 31.42 -22.23
N ASN E 17 -39.92 40.89 -27.03
CA ASN E 17 -39.85 41.30 -25.63
C ASN E 17 -39.01 40.34 -24.79
N VAL E 18 -38.02 39.71 -25.40
CA VAL E 18 -37.09 38.83 -24.70
C VAL E 18 -35.85 39.66 -24.33
N PRO E 19 -35.63 39.97 -23.06
CA PRO E 19 -34.52 40.86 -22.70
C PRO E 19 -33.18 40.16 -22.88
N LEU E 20 -32.15 40.96 -23.17
CA LEU E 20 -30.78 40.54 -23.44
C LEU E 20 -30.36 39.47 -22.43
N PRO E 21 -30.20 38.24 -22.87
CA PRO E 21 -29.98 37.16 -21.92
C PRO E 21 -28.59 37.18 -21.28
N LYS E 22 -28.58 36.61 -20.08
CA LYS E 22 -27.48 36.71 -19.12
C LYS E 22 -26.18 36.15 -19.69
N GLN E 23 -26.26 35.21 -20.65
CA GLN E 23 -25.08 34.57 -21.23
C GLN E 23 -24.19 35.54 -21.99
N PHE E 24 -24.67 36.74 -22.32
CA PHE E 24 -23.84 37.73 -23.01
C PHE E 24 -23.17 38.68 -22.06
N LEU E 25 -23.37 38.54 -20.75
CA LEU E 25 -22.72 39.51 -19.89
C LEU E 25 -21.22 39.25 -19.96
N ASP E 26 -20.44 40.31 -19.84
CA ASP E 26 -19.00 40.18 -20.00
C ASP E 26 -18.35 39.62 -18.74
N LEU E 27 -17.46 38.65 -18.92
CA LEU E 27 -16.66 38.12 -17.82
C LEU E 27 -15.19 38.11 -18.22
N ASP E 28 -14.39 39.03 -17.65
CA ASP E 28 -12.97 39.21 -18.03
C ASP E 28 -12.81 39.46 -19.53
N ASN E 29 -13.65 40.38 -20.04
CA ASN E 29 -13.60 40.92 -21.40
C ASN E 29 -14.00 39.88 -22.43
N LYS E 30 -14.81 38.90 -22.03
CA LYS E 30 -15.30 37.87 -22.91
C LYS E 30 -16.68 37.39 -22.44
N PRO E 31 -17.67 37.26 -23.32
CA PRO E 31 -19.00 36.82 -22.88
C PRO E 31 -18.96 35.47 -22.18
N ILE E 32 -19.80 35.34 -21.16
CA ILE E 32 -19.93 34.12 -20.36
C ILE E 32 -20.15 32.91 -21.25
N LEU E 33 -21.03 33.06 -22.25
CA LEU E 33 -21.33 31.98 -23.20
C LEU E 33 -20.06 31.44 -23.84
N ILE E 34 -19.10 32.32 -24.17
CA ILE E 34 -17.87 31.86 -24.80
C ILE E 34 -17.02 31.06 -23.83
N HIS E 35 -16.91 31.50 -22.58
CA HIS E 35 -16.22 30.70 -21.57
C HIS E 35 -16.79 29.28 -21.51
N THR E 36 -18.12 29.17 -21.46
CA THR E 36 -18.75 27.85 -21.34
C THR E 36 -18.45 27.03 -22.60
N LEU E 37 -18.61 27.66 -23.76
CA LEU E 37 -18.42 26.93 -25.00
C LEU E 37 -17.00 26.44 -25.11
N GLU E 38 -16.02 27.26 -24.70
CA GLU E 38 -14.63 26.83 -24.82
C GLU E 38 -14.40 25.57 -24.01
N LYS E 39 -15.07 25.44 -22.86
CA LYS E 39 -14.90 24.19 -22.13
C LYS E 39 -15.45 23.02 -22.94
N PHE E 40 -16.58 23.21 -23.65
CA PHE E 40 -17.10 22.08 -24.42
C PHE E 40 -16.29 21.78 -25.69
N ILE E 41 -15.75 22.81 -26.33
CA ILE E 41 -14.92 22.62 -27.52
C ILE E 41 -13.70 21.76 -27.24
N LEU E 42 -13.15 21.84 -26.03
CA LEU E 42 -11.98 21.05 -25.68
C LEU E 42 -12.27 19.56 -25.58
N ILE E 43 -13.53 19.14 -25.62
CA ILE E 43 -13.89 17.72 -25.59
C ILE E 43 -13.99 17.22 -27.02
N ASN E 44 -12.98 16.44 -27.46
CA ASN E 44 -12.94 16.00 -28.85
C ASN E 44 -14.03 15.00 -29.20
N ASP E 45 -14.62 14.34 -28.21
CA ASP E 45 -15.55 13.25 -28.48
C ASP E 45 -16.95 13.70 -28.87
N PHE E 46 -17.27 15.00 -28.75
CA PHE E 46 -18.61 15.45 -29.16
C PHE E 46 -18.71 15.42 -30.68
N GLU E 47 -19.81 14.86 -31.18
CA GLU E 47 -20.10 14.89 -32.60
C GLU E 47 -20.61 16.27 -33.01
N LYS E 48 -21.48 16.87 -32.20
CA LYS E 48 -21.99 18.21 -32.44
C LYS E 48 -22.15 18.93 -31.11
N ILE E 49 -21.95 20.24 -31.12
CA ILE E 49 -22.18 21.09 -29.96
C ILE E 49 -23.25 22.10 -30.36
N ILE E 50 -24.46 21.93 -29.83
CA ILE E 50 -25.65 22.66 -30.27
C ILE E 50 -26.04 23.68 -29.21
N ILE E 51 -26.08 24.94 -29.59
CA ILE E 51 -26.54 26.02 -28.73
C ILE E 51 -27.95 26.38 -29.13
N ALA E 52 -28.86 26.33 -28.17
CA ALA E 52 -30.22 26.74 -28.46
C ALA E 52 -30.46 28.07 -27.76
N THR E 53 -30.95 29.05 -28.51
CA THR E 53 -31.11 30.39 -27.98
C THR E 53 -32.44 30.92 -28.48
N PRO E 54 -33.01 31.95 -27.83
CA PRO E 54 -34.23 32.54 -28.37
C PRO E 54 -34.02 33.12 -29.76
N GLN E 55 -35.07 33.01 -30.58
CA GLN E 55 -35.01 33.50 -31.96
C GLN E 55 -34.49 34.93 -32.00
N GLN E 56 -34.96 35.77 -31.07
CA GLN E 56 -34.64 37.18 -31.14
C GLN E 56 -33.14 37.40 -30.88
N TRP E 57 -32.45 36.45 -30.28
CA TRP E 57 -31.03 36.64 -29.98
C TRP E 57 -30.13 35.77 -30.86
N MET E 58 -30.68 35.03 -31.84
CA MET E 58 -29.84 34.11 -32.61
C MET E 58 -28.79 34.84 -33.44
N THR E 59 -29.17 35.94 -34.08
CA THR E 59 -28.20 36.65 -34.89
C THR E 59 -27.05 37.18 -34.04
N HIS E 60 -27.35 37.78 -32.89
CA HIS E 60 -26.28 38.28 -32.02
C HIS E 60 -25.41 37.12 -31.54
N THR E 61 -26.02 35.94 -31.29
CA THR E 61 -25.25 34.79 -30.82
C THR E 61 -24.24 34.36 -31.89
N LYS E 62 -24.68 34.26 -33.15
CA LYS E 62 -23.73 33.89 -34.20
C LYS E 62 -22.65 34.95 -34.35
N ASP E 63 -23.05 36.23 -34.28
CA ASP E 63 -22.09 37.33 -34.39
C ASP E 63 -21.06 37.25 -33.26
N THR E 64 -21.50 36.93 -32.06
CA THR E 64 -20.57 36.86 -30.94
C THR E 64 -19.61 35.69 -31.10
N LEU E 65 -20.11 34.55 -31.59
CA LEU E 65 -19.23 33.43 -31.91
C LEU E 65 -18.15 33.85 -32.91
N ARG E 66 -18.56 34.52 -33.99
CA ARG E 66 -17.57 34.95 -34.98
C ARG E 66 -16.59 35.97 -34.41
N LYS E 67 -17.08 36.90 -33.60
CA LYS E 67 -16.22 37.93 -33.04
C LYS E 67 -15.15 37.35 -32.12
N PHE E 68 -15.48 36.26 -31.43
CA PHE E 68 -14.55 35.62 -30.51
C PHE E 68 -13.83 34.42 -31.11
N LYS E 69 -13.79 34.32 -32.44
CA LYS E 69 -12.96 33.32 -33.14
C LYS E 69 -13.37 31.89 -32.81
N ILE E 70 -14.65 31.70 -32.48
CA ILE E 70 -15.18 30.37 -32.20
C ILE E 70 -15.64 29.84 -33.55
N SER E 71 -14.79 28.99 -34.17
CA SER E 71 -15.05 28.51 -35.52
C SER E 71 -15.32 27.01 -35.63
N ASP E 72 -15.29 26.28 -34.51
CA ASP E 72 -15.41 24.82 -34.53
C ASP E 72 -16.58 24.38 -35.39
N GLU E 73 -16.31 23.53 -36.40
CA GLU E 73 -17.36 23.16 -37.35
C GLU E 73 -18.50 22.38 -36.70
N ARG E 74 -18.30 21.86 -35.49
CA ARG E 74 -19.31 21.10 -34.75
C ARG E 74 -20.37 21.98 -34.10
N ILE E 75 -20.18 23.28 -34.02
CA ILE E 75 -21.10 24.16 -33.31
C ILE E 75 -22.26 24.51 -34.23
N GLU E 76 -23.47 24.40 -33.71
CA GLU E 76 -24.67 24.80 -34.45
C GLU E 76 -25.56 25.61 -33.53
N VAL E 77 -26.09 26.72 -34.03
CA VAL E 77 -27.00 27.57 -33.27
C VAL E 77 -28.42 27.38 -33.78
N ILE E 78 -29.33 26.99 -32.90
CA ILE E 78 -30.72 26.75 -33.26
C ILE E 78 -31.63 27.53 -32.32
N GLN E 79 -32.90 27.58 -32.68
CA GLN E 79 -33.93 28.26 -31.92
C GLN E 79 -34.34 27.45 -30.71
N GLY E 80 -34.41 28.09 -29.55
CA GLY E 80 -34.92 27.42 -28.39
C GLY E 80 -36.44 27.35 -28.37
N GLY E 81 -36.94 26.80 -27.26
CA GLY E 81 -38.34 26.51 -27.09
C GLY E 81 -39.03 27.38 -26.05
N SER E 82 -40.25 26.99 -25.72
CA SER E 82 -41.08 27.80 -24.84
C SER E 82 -40.74 27.58 -23.37
N ASP E 83 -40.02 26.51 -23.04
CA ASP E 83 -39.51 26.30 -21.70
C ASP E 83 -38.22 25.49 -21.85
N ARG E 84 -37.53 25.28 -20.74
CA ARG E 84 -36.19 24.71 -20.82
C ARG E 84 -36.23 23.28 -21.37
N ASN E 85 -37.17 22.47 -20.86
CA ASN E 85 -37.27 21.10 -21.34
C ASN E 85 -37.75 21.04 -22.78
N ASP E 86 -38.61 21.95 -23.20
CA ASP E 86 -38.98 22.03 -24.61
C ASP E 86 -37.78 22.39 -25.47
N THR E 87 -36.92 23.25 -24.95
CA THR E 87 -35.70 23.60 -25.65
C THR E 87 -34.78 22.37 -25.79
N ILE E 88 -34.64 21.59 -24.71
CA ILE E 88 -33.90 20.32 -24.82
C ILE E 88 -34.50 19.45 -25.92
N MET E 89 -35.83 19.34 -25.97
CA MET E 89 -36.43 18.47 -26.96
C MET E 89 -36.23 19.03 -28.36
N ASN E 90 -36.16 20.36 -28.50
CA ASN E 90 -35.76 20.95 -29.77
C ASN E 90 -34.37 20.52 -30.17
N ILE E 91 -33.45 20.45 -29.21
CA ILE E 91 -32.11 20.02 -29.54
C ILE E 91 -32.15 18.56 -29.99
N VAL E 92 -32.89 17.72 -29.26
CA VAL E 92 -33.03 16.32 -29.65
C VAL E 92 -33.60 16.20 -31.05
N LYS E 93 -34.65 16.99 -31.35
CA LYS E 93 -35.27 16.94 -32.67
C LYS E 93 -34.30 17.37 -33.74
N HIS E 94 -33.47 18.37 -33.47
CA HIS E 94 -32.48 18.77 -34.45
C HIS E 94 -31.51 17.65 -34.74
N ILE E 95 -31.03 16.98 -33.70
CA ILE E 95 -30.15 15.83 -33.89
C ILE E 95 -30.85 14.76 -34.73
N GLU E 96 -32.09 14.45 -34.37
CA GLU E 96 -32.85 13.42 -35.06
C GLU E 96 -33.03 13.74 -36.54
N SER E 97 -33.32 15.00 -36.87
CA SER E 97 -33.55 15.37 -38.26
C SER E 97 -32.25 15.50 -39.06
N THR E 98 -31.13 15.77 -38.40
CA THR E 98 -29.88 15.92 -39.14
C THR E 98 -29.11 14.61 -39.28
N ASN E 99 -28.79 13.96 -38.16
CA ASN E 99 -28.01 12.73 -38.19
C ASN E 99 -28.83 11.45 -37.97
N GLY E 100 -30.04 11.55 -37.43
CA GLY E 100 -30.77 10.40 -36.91
C GLY E 100 -30.21 10.04 -35.54
N ILE E 101 -31.03 9.42 -34.69
CA ILE E 101 -30.61 9.02 -33.35
C ILE E 101 -30.27 7.54 -33.31
N ASN E 102 -29.07 7.24 -32.82
CA ASN E 102 -28.67 5.85 -32.54
C ASN E 102 -29.00 5.51 -31.09
N ASP E 103 -29.17 4.21 -30.85
CA ASP E 103 -29.56 3.70 -29.54
C ASP E 103 -28.49 4.00 -28.48
N ASP E 104 -27.24 4.17 -28.86
CA ASP E 104 -26.21 4.44 -27.87
C ASP E 104 -25.90 5.94 -27.72
N ASP E 105 -26.63 6.83 -28.41
CA ASP E 105 -26.36 8.27 -28.33
C ASP E 105 -26.62 8.80 -26.93
N VAL E 106 -25.80 9.75 -26.50
CA VAL E 106 -26.02 10.45 -25.25
C VAL E 106 -25.93 11.94 -25.52
N ILE E 107 -26.62 12.73 -24.69
CA ILE E 107 -26.57 14.18 -24.81
C ILE E 107 -26.22 14.76 -23.45
N VAL E 108 -25.29 15.70 -23.44
CA VAL E 108 -24.86 16.41 -22.24
C VAL E 108 -25.48 17.81 -22.33
N THR E 109 -26.50 18.10 -21.53
CA THR E 109 -27.18 19.39 -21.59
C THR E 109 -26.62 20.27 -20.47
N HIS E 110 -26.47 21.57 -20.75
CA HIS E 110 -25.74 22.40 -19.79
C HIS E 110 -26.15 23.87 -19.93
N ASP E 111 -26.29 24.56 -18.78
CA ASP E 111 -26.62 25.99 -18.77
C ASP E 111 -25.49 26.80 -19.40
N ALA E 112 -25.84 27.69 -20.33
CA ALA E 112 -24.83 28.61 -20.87
C ALA E 112 -24.17 29.46 -19.79
N VAL E 113 -24.90 29.75 -18.68
CA VAL E 113 -24.36 30.64 -17.67
C VAL E 113 -23.66 29.89 -16.54
N ARG E 114 -23.19 28.66 -16.80
CA ARG E 114 -22.35 27.93 -15.85
C ARG E 114 -20.99 27.69 -16.51
N PRO E 115 -20.14 28.71 -16.54
CA PRO E 115 -18.89 28.65 -17.32
C PRO E 115 -17.76 27.92 -16.62
N PHE E 116 -17.92 27.50 -15.35
CA PHE E 116 -16.81 27.01 -14.55
C PHE E 116 -16.86 25.50 -14.36
N LEU E 117 -17.71 24.81 -15.12
CA LEU E 117 -17.65 23.37 -15.13
C LEU E 117 -16.27 22.95 -15.62
N THR E 118 -15.91 21.70 -15.37
CA THR E 118 -14.55 21.28 -15.61
C THR E 118 -14.52 20.15 -16.64
N HIS E 119 -13.33 19.90 -17.16
CA HIS E 119 -13.13 18.77 -18.05
C HIS E 119 -13.62 17.48 -17.39
N ARG E 120 -13.23 17.27 -16.11
CA ARG E 120 -13.65 16.07 -15.38
C ARG E 120 -15.17 15.93 -15.30
N ILE E 121 -15.86 17.03 -14.99
CA ILE E 121 -17.32 16.98 -14.87
C ILE E 121 -17.94 16.50 -16.19
N ILE E 122 -17.48 17.02 -17.31
CA ILE E 122 -18.04 16.63 -18.60
C ILE E 122 -17.73 15.17 -18.87
N LYS E 123 -16.49 14.76 -18.59
CA LYS E 123 -16.12 13.37 -18.90
C LYS E 123 -16.95 12.40 -18.06
N GLU E 124 -17.12 12.69 -16.77
CA GLU E 124 -17.93 11.82 -15.92
C GLU E 124 -19.40 11.82 -16.34
N ASN E 125 -19.93 12.98 -16.78
CA ASN E 125 -21.29 13.00 -17.30
C ASN E 125 -21.47 12.10 -18.52
N ILE E 126 -20.54 12.17 -19.47
CA ILE E 126 -20.62 11.30 -20.65
C ILE E 126 -20.56 9.83 -20.22
N GLN E 127 -19.58 9.48 -19.38
CA GLN E 127 -19.45 8.08 -18.98
C GLN E 127 -20.67 7.62 -18.19
N ALA E 128 -21.21 8.49 -17.33
CA ALA E 128 -22.38 8.12 -16.55
C ALA E 128 -23.58 7.93 -17.46
N ALA E 129 -23.71 8.77 -18.48
CA ALA E 129 -24.81 8.62 -19.42
C ALA E 129 -24.69 7.30 -20.21
N LEU E 130 -23.48 6.97 -20.66
CA LEU E 130 -23.28 5.71 -21.38
C LEU E 130 -23.61 4.52 -20.49
N GLU E 131 -23.22 4.59 -19.22
CA GLU E 131 -23.38 3.41 -18.39
C GLU E 131 -24.77 3.30 -17.76
N TYR E 132 -25.36 4.43 -17.33
CA TYR E 132 -26.57 4.42 -16.52
C TYR E 132 -27.76 5.10 -17.15
N GLY E 133 -27.59 5.83 -18.24
CA GLY E 133 -28.71 6.36 -18.98
C GLY E 133 -29.13 7.77 -18.57
N ALA E 134 -28.85 8.18 -17.33
CA ALA E 134 -29.31 9.50 -16.92
C ALA E 134 -28.48 9.95 -15.74
N VAL E 135 -28.09 11.22 -15.74
CA VAL E 135 -27.18 11.70 -14.71
C VAL E 135 -27.44 13.18 -14.45
N ASP E 136 -27.31 13.54 -13.17
CA ASP E 136 -27.40 14.88 -12.63
C ASP E 136 -26.06 15.20 -11.98
N THR E 137 -25.56 16.40 -12.25
CA THR E 137 -24.36 16.92 -11.60
C THR E 137 -24.77 17.62 -10.32
N VAL E 138 -24.26 17.16 -9.17
CA VAL E 138 -24.66 17.67 -7.87
C VAL E 138 -23.44 17.86 -6.98
N ILE E 139 -23.63 18.67 -5.93
CA ILE E 139 -22.67 18.77 -4.83
C ILE E 139 -23.39 18.57 -3.50
N ASP E 140 -22.62 18.14 -2.50
CA ASP E 140 -23.12 18.09 -1.13
C ASP E 140 -23.72 19.44 -0.76
N ALA E 141 -24.89 19.42 -0.12
CA ALA E 141 -25.51 20.69 0.31
C ALA E 141 -24.53 21.49 1.15
N ILE E 142 -24.34 22.76 0.81
CA ILE E 142 -23.36 23.59 1.52
C ILE E 142 -23.90 24.01 2.87
N ASP E 143 -25.20 24.25 2.97
CA ASP E 143 -25.87 24.59 4.21
C ASP E 143 -26.80 23.47 4.60
N THR E 144 -27.21 23.49 5.86
CA THR E 144 -28.37 22.74 6.28
C THR E 144 -29.61 23.14 5.48
N ILE E 145 -30.32 22.13 5.00
CA ILE E 145 -31.55 22.31 4.27
C ILE E 145 -32.66 22.29 5.30
N VAL E 146 -33.57 23.22 5.18
CA VAL E 146 -34.71 23.29 6.09
C VAL E 146 -35.93 23.27 5.22
N THR E 147 -36.97 22.58 5.66
CA THR E 147 -38.17 22.54 4.87
C THR E 147 -39.27 23.30 5.60
N SER E 148 -40.19 23.85 4.84
CA SER E 148 -41.32 24.54 5.41
C SER E 148 -42.46 24.47 4.42
N LYS E 149 -43.66 24.22 4.94
CA LYS E 149 -44.85 24.15 4.08
C LYS E 149 -45.64 25.45 4.08
N ASP E 150 -45.25 26.44 4.91
CA ASP E 150 -45.99 27.69 5.04
C ASP E 150 -45.17 28.96 4.86
N ASN E 151 -43.87 28.88 4.57
CA ASN E 151 -43.01 30.06 4.47
C ASN E 151 -42.95 30.87 5.76
N GLN E 152 -43.36 30.28 6.87
CA GLN E 152 -43.39 30.97 8.16
C GLN E 152 -42.66 30.20 9.26
N THR E 153 -42.75 28.87 9.26
CA THR E 153 -42.26 28.04 10.35
C THR E 153 -41.53 26.86 9.74
N ILE E 154 -40.61 26.27 10.51
CA ILE E 154 -39.90 25.09 10.02
C ILE E 154 -40.87 23.92 10.02
N ASP E 155 -40.88 23.16 8.93
CA ASP E 155 -41.60 21.89 8.95
C ASP E 155 -40.70 20.75 9.36
N ALA E 156 -39.56 20.63 8.69
CA ALA E 156 -38.62 19.56 8.98
C ALA E 156 -37.23 20.03 8.59
N ILE E 157 -36.25 19.40 9.22
CA ILE E 157 -34.85 19.55 8.89
C ILE E 157 -34.34 18.16 8.58
N PRO E 158 -34.26 17.80 7.30
CA PRO E 158 -33.80 16.45 7.00
C PRO E 158 -32.35 16.28 7.37
N VAL E 159 -31.95 15.02 7.43
CA VAL E 159 -30.59 14.62 7.76
C VAL E 159 -29.66 15.09 6.65
N ARG E 160 -28.67 15.92 7.04
CA ARG E 160 -27.86 16.65 6.07
C ARG E 160 -27.11 15.73 5.13
N ASN E 161 -26.66 14.57 5.59
CA ASN E 161 -25.87 13.72 4.71
C ASN E 161 -26.64 13.18 3.52
N GLU E 162 -27.97 13.31 3.49
CA GLU E 162 -28.74 12.93 2.31
C GLU E 162 -29.10 14.09 1.38
N MET E 163 -28.67 15.31 1.67
CA MET E 163 -29.10 16.48 0.89
C MET E 163 -28.02 16.94 -0.08
N TYR E 164 -28.45 17.29 -1.30
CA TYR E 164 -27.52 17.75 -2.33
C TYR E 164 -28.11 18.94 -3.09
N GLN E 165 -27.25 19.69 -3.72
CA GLN E 165 -27.63 20.80 -4.51
C GLN E 165 -27.35 20.45 -5.91
N GLY E 166 -28.37 20.48 -6.72
CA GLY E 166 -28.25 20.19 -8.14
C GLY E 166 -27.60 21.29 -8.95
N GLN E 167 -26.68 20.89 -9.83
CA GLN E 167 -26.08 21.81 -10.80
C GLN E 167 -26.39 21.32 -12.22
N THR E 168 -25.62 21.77 -13.21
CA THR E 168 -25.59 21.13 -14.52
C THR E 168 -24.11 20.93 -14.82
N PRO E 169 -23.75 20.05 -15.81
CA PRO E 169 -24.59 19.34 -16.79
C PRO E 169 -25.63 18.38 -16.23
N GLN E 170 -26.65 18.10 -17.04
CA GLN E 170 -27.53 16.95 -16.88
C GLN E 170 -27.48 16.19 -18.20
N SER E 171 -27.20 14.91 -18.12
CA SER E 171 -26.89 14.11 -19.31
C SER E 171 -27.71 12.83 -19.38
N PHE E 172 -28.01 12.40 -20.63
CA PHE E 172 -28.99 11.35 -20.83
C PHE E 172 -28.67 10.50 -22.05
N ASN E 173 -28.97 9.21 -21.96
CA ASN E 173 -29.23 8.48 -23.19
C ASN E 173 -30.41 9.15 -23.88
N ILE E 174 -30.25 9.48 -25.17
CA ILE E 174 -31.22 10.30 -25.87
C ILE E 174 -32.56 9.57 -26.03
N ASN E 175 -32.52 8.29 -26.40
CA ASN E 175 -33.77 7.56 -26.57
C ASN E 175 -34.52 7.44 -25.25
N LEU E 176 -33.78 7.25 -24.15
CA LEU E 176 -34.39 7.21 -22.83
C LEU E 176 -35.07 8.53 -22.49
N LEU E 177 -34.40 9.64 -22.78
CA LEU E 177 -34.99 10.96 -22.55
C LEU E 177 -36.24 11.15 -23.38
N LYS E 178 -36.20 10.74 -24.65
CA LYS E 178 -37.36 10.89 -25.50
C LYS E 178 -38.53 10.10 -24.96
N GLU E 179 -38.29 8.84 -24.59
CA GLU E 179 -39.35 7.99 -24.07
C GLU E 179 -39.94 8.53 -22.77
N SER E 180 -39.07 8.97 -21.85
CA SER E 180 -39.59 9.53 -20.61
C SER E 180 -40.41 10.78 -20.89
N TYR E 181 -39.91 11.68 -21.75
CA TYR E 181 -40.66 12.89 -22.08
C TYR E 181 -41.99 12.55 -22.73
N ALA E 182 -42.02 11.52 -23.60
CA ALA E 182 -43.26 11.08 -24.25
C ALA E 182 -44.27 10.53 -23.24
N GLN E 183 -43.80 10.03 -22.09
CA GLN E 183 -44.75 9.52 -21.10
C GLN E 183 -45.50 10.63 -20.38
N LEU E 184 -44.99 11.86 -20.38
CA LEU E 184 -45.57 12.94 -19.58
C LEU E 184 -46.76 13.60 -20.25
N SER E 185 -47.65 14.14 -19.44
CA SER E 185 -48.78 14.93 -19.91
C SER E 185 -48.38 16.37 -20.17
N ASP E 186 -49.28 17.09 -20.84
CA ASP E 186 -49.00 18.50 -21.09
C ASP E 186 -48.92 19.23 -19.74
N GLU E 187 -49.76 18.86 -18.76
CA GLU E 187 -49.65 19.48 -17.44
C GLU E 187 -48.32 19.13 -16.75
N GLN E 188 -47.94 17.84 -16.77
CA GLN E 188 -46.66 17.46 -16.18
C GLN E 188 -45.52 18.19 -16.86
N LYS E 189 -45.57 18.26 -18.19
CA LYS E 189 -44.51 18.98 -18.89
C LYS E 189 -44.58 20.45 -18.53
N SER E 190 -45.79 20.98 -18.37
CA SER E 190 -45.88 22.39 -18.03
C SER E 190 -45.29 22.69 -16.66
N ILE E 191 -45.45 21.79 -15.68
CA ILE E 191 -44.91 22.20 -14.39
C ILE E 191 -43.45 21.81 -14.17
N LEU E 192 -42.92 20.82 -14.89
CA LEU E 192 -41.56 20.42 -14.56
C LEU E 192 -40.62 21.44 -15.18
N SER E 193 -39.61 21.91 -14.45
CA SER E 193 -38.61 22.77 -15.07
C SER E 193 -37.24 22.13 -15.12
N ASP E 194 -37.06 20.96 -14.50
CA ASP E 194 -35.79 20.28 -14.43
C ASP E 194 -35.82 19.06 -15.34
N ALA E 195 -34.70 18.75 -15.97
CA ALA E 195 -34.82 17.59 -16.83
C ALA E 195 -34.56 16.31 -16.08
N CYS E 196 -33.73 16.31 -15.04
CA CYS E 196 -33.56 15.05 -14.32
C CYS E 196 -34.86 14.64 -13.68
N LYS E 197 -35.70 15.64 -13.35
CA LYS E 197 -37.02 15.36 -12.80
C LYS E 197 -37.95 14.71 -13.81
N ILE E 198 -37.76 14.96 -15.11
CA ILE E 198 -38.51 14.20 -16.10
C ILE E 198 -38.29 12.71 -15.86
N ILE E 199 -37.02 12.33 -15.72
CA ILE E 199 -36.63 10.93 -15.55
C ILE E 199 -37.16 10.39 -14.22
N VAL E 200 -36.99 11.14 -13.13
CA VAL E 200 -37.47 10.67 -11.83
C VAL E 200 -38.98 10.42 -11.88
N GLU E 201 -39.73 11.33 -12.51
CA GLU E 201 -41.19 11.17 -12.62
C GLU E 201 -41.59 9.95 -13.43
N THR E 202 -40.77 9.52 -14.39
CA THR E 202 -41.03 8.31 -15.14
C THR E 202 -40.33 7.09 -14.56
N ASN E 203 -39.91 7.16 -13.30
CA ASN E 203 -39.42 6.02 -12.53
C ASN E 203 -38.25 5.31 -13.22
N LYS E 204 -37.31 6.09 -13.75
CA LYS E 204 -36.04 5.55 -14.20
C LYS E 204 -34.89 6.13 -13.37
N PRO E 205 -33.79 5.41 -13.23
CA PRO E 205 -32.74 5.86 -12.29
C PRO E 205 -32.04 7.10 -12.82
N VAL E 206 -31.58 7.95 -11.90
CA VAL E 206 -30.70 9.05 -12.25
C VAL E 206 -29.44 8.95 -11.38
N ARG E 207 -28.28 8.86 -12.02
CA ARG E 207 -27.04 8.77 -11.29
C ARG E 207 -26.55 10.17 -10.92
N LEU E 208 -25.70 10.23 -9.89
CA LEU E 208 -25.11 11.47 -9.41
C LEU E 208 -23.66 11.55 -9.88
N VAL E 209 -23.26 12.69 -10.43
CA VAL E 209 -21.86 13.01 -10.70
C VAL E 209 -21.51 14.24 -9.88
N LYS E 210 -20.34 14.23 -9.25
CA LYS E 210 -19.94 15.34 -8.39
C LYS E 210 -19.54 16.56 -9.21
N GLY E 211 -20.13 17.71 -8.85
CA GLY E 211 -19.74 18.98 -9.43
C GLY E 211 -18.61 19.64 -8.69
N GLU E 212 -18.65 20.97 -8.54
CA GLU E 212 -17.64 21.73 -7.82
C GLU E 212 -18.34 22.89 -7.11
N LEU E 213 -17.73 23.35 -6.01
CA LEU E 213 -18.29 24.49 -5.29
C LEU E 213 -18.39 25.72 -6.19
N TYR E 214 -17.47 25.84 -7.15
CA TYR E 214 -17.41 27.00 -8.03
C TYR E 214 -18.20 26.85 -9.33
N ASN E 215 -18.90 25.73 -9.55
CA ASN E 215 -19.74 25.53 -10.74
C ASN E 215 -21.06 26.29 -10.59
N ILE E 216 -20.94 27.61 -10.35
CA ILE E 216 -22.07 28.47 -10.05
C ILE E 216 -22.80 28.89 -11.33
N LYS E 217 -24.04 29.33 -11.17
CA LYS E 217 -24.77 29.87 -12.31
C LYS E 217 -24.64 31.38 -12.18
N VAL E 218 -24.16 32.05 -13.24
CA VAL E 218 -24.01 33.50 -13.22
C VAL E 218 -25.26 34.23 -13.75
N THR E 219 -26.08 34.75 -12.83
CA THR E 219 -27.37 35.36 -13.20
C THR E 219 -27.58 36.78 -12.70
N THR E 220 -26.89 37.19 -11.63
CA THR E 220 -27.08 38.48 -10.99
C THR E 220 -25.76 39.17 -10.79
N PRO E 221 -25.78 40.47 -10.48
CA PRO E 221 -24.50 41.14 -10.19
C PRO E 221 -23.72 40.54 -9.03
N TYR E 222 -24.37 40.05 -7.98
CA TYR E 222 -23.62 39.37 -6.93
C TYR E 222 -22.88 38.15 -7.50
N ASP E 223 -23.57 37.34 -8.34
CA ASP E 223 -22.95 36.15 -8.92
C ASP E 223 -21.79 36.56 -9.80
N LEU E 224 -21.92 37.70 -10.46
CA LEU E 224 -20.86 38.17 -11.33
C LEU E 224 -19.63 38.61 -10.52
N LYS E 225 -19.85 39.21 -9.34
CA LYS E 225 -18.73 39.51 -8.45
C LYS E 225 -18.02 38.24 -8.00
N VAL E 226 -18.81 37.23 -7.62
CA VAL E 226 -18.22 35.96 -7.21
C VAL E 226 -17.47 35.33 -8.39
N ALA E 227 -18.03 35.43 -9.59
CA ALA E 227 -17.41 34.89 -10.79
C ALA E 227 -16.08 35.57 -11.10
N ASN E 228 -16.02 36.88 -10.94
CA ASN E 228 -14.75 37.57 -11.13
C ASN E 228 -13.72 37.06 -10.14
N ALA E 229 -14.15 36.77 -8.90
CA ALA E 229 -13.23 36.19 -7.92
C ALA E 229 -12.76 34.79 -8.35
N ILE E 230 -13.69 33.95 -8.82
CA ILE E 230 -13.35 32.61 -9.28
C ILE E 230 -12.31 32.66 -10.40
N ILE E 231 -12.49 33.57 -11.36
CA ILE E 231 -11.54 33.70 -12.46
C ILE E 231 -10.18 34.17 -11.95
N ARG E 232 -10.16 35.21 -11.12
CA ARG E 232 -8.88 35.73 -10.65
C ARG E 232 -8.11 34.64 -9.89
N GLY E 233 -8.84 33.80 -9.14
CA GLY E 233 -8.23 32.73 -8.38
C GLY E 233 -7.97 31.52 -9.26
N MET F 1 -33.88 40.83 28.45
CA MET F 1 -32.58 41.23 27.92
C MET F 1 -32.11 40.33 26.80
N LYS F 2 -31.27 40.87 25.93
CA LYS F 2 -30.79 40.16 24.75
C LYS F 2 -29.31 39.85 24.91
N TYR F 3 -28.92 38.61 24.67
CA TYR F 3 -27.55 38.15 24.80
C TYR F 3 -27.09 37.58 23.47
N ALA F 4 -25.81 37.71 23.15
CA ALA F 4 -25.25 37.08 21.97
C ALA F 4 -24.32 35.93 22.34
N GLY F 5 -24.46 34.82 21.62
CA GLY F 5 -23.60 33.66 21.77
C GLY F 5 -22.90 33.31 20.47
N ILE F 6 -21.59 33.54 20.42
CA ILE F 6 -20.78 33.29 19.24
C ILE F 6 -20.16 31.92 19.41
N LEU F 7 -20.47 31.00 18.49
CA LEU F 7 -20.10 29.60 18.63
C LEU F 7 -18.82 29.39 17.84
N ALA F 8 -17.71 29.21 18.56
CA ALA F 8 -16.42 29.03 17.90
C ALA F 8 -15.87 27.63 18.16
N GLY F 9 -16.66 26.60 17.85
CA GLY F 9 -16.27 25.23 18.08
C GLY F 9 -15.40 24.61 17.00
N GLY F 10 -15.06 25.37 15.96
CA GLY F 10 -14.27 24.87 14.86
C GLY F 10 -15.12 24.18 13.80
N ILE F 11 -14.44 23.78 12.74
CA ILE F 11 -15.05 23.08 11.61
C ILE F 11 -14.50 21.66 11.58
N GLY F 12 -15.39 20.68 11.64
CA GLY F 12 -14.97 19.30 11.81
C GLY F 12 -14.34 18.76 10.54
N SER F 13 -13.18 18.09 10.70
CA SER F 13 -12.57 17.39 9.58
C SER F 13 -13.45 16.22 9.16
N ARG F 14 -13.48 15.93 7.86
CA ARG F 14 -14.42 14.92 7.36
C ARG F 14 -14.09 13.52 7.88
N MET F 15 -12.85 13.10 7.81
CA MET F 15 -12.41 11.90 8.50
C MET F 15 -12.00 12.27 9.92
N GLY F 16 -12.64 11.63 10.92
CA GLY F 16 -12.30 11.79 12.31
C GLY F 16 -13.03 12.89 13.06
N ASN F 17 -13.72 13.80 12.35
CA ASN F 17 -14.41 14.95 12.95
C ASN F 17 -13.51 15.69 13.95
N VAL F 18 -12.31 16.04 13.49
CA VAL F 18 -11.34 16.76 14.30
C VAL F 18 -11.62 18.25 14.14
N PRO F 19 -11.94 18.97 15.21
CA PRO F 19 -12.32 20.39 15.06
C PRO F 19 -11.11 21.23 14.66
N LEU F 20 -11.23 21.94 13.54
CA LEU F 20 -10.11 22.77 13.12
C LEU F 20 -10.44 24.25 13.32
N PRO F 21 -9.54 25.04 13.91
CA PRO F 21 -9.93 26.42 14.27
C PRO F 21 -9.95 27.37 13.09
N LYS F 22 -10.93 27.13 12.17
CA LYS F 22 -11.06 27.92 10.96
C LYS F 22 -11.39 29.38 11.23
N GLN F 23 -11.96 29.67 12.39
CA GLN F 23 -12.33 31.05 12.70
C GLN F 23 -11.11 31.93 12.90
N PHE F 24 -9.91 31.35 13.06
CA PHE F 24 -8.69 32.14 13.20
C PHE F 24 -7.99 32.42 11.89
N LEU F 25 -8.47 31.90 10.78
CA LEU F 25 -7.83 32.18 9.50
C LEU F 25 -8.02 33.65 9.14
N ASP F 26 -7.04 34.19 8.43
CA ASP F 26 -6.99 35.61 8.10
C ASP F 26 -7.92 35.94 6.94
N LEU F 27 -8.71 37.00 7.09
CA LEU F 27 -9.55 37.56 6.04
C LEU F 27 -9.09 39.00 5.98
N ASP F 28 -8.33 39.32 4.93
CA ASP F 28 -7.75 40.64 4.75
C ASP F 28 -6.97 41.03 6.00
N ASN F 29 -6.17 40.08 6.52
CA ASN F 29 -5.20 40.29 7.62
C ASN F 29 -5.87 40.50 8.97
N LYS F 30 -7.07 39.94 9.14
CA LYS F 30 -7.78 39.99 10.38
C LYS F 30 -8.54 38.66 10.45
N PRO F 31 -8.47 37.97 11.59
CA PRO F 31 -9.19 36.70 11.74
C PRO F 31 -10.68 36.81 11.52
N ILE F 32 -11.23 35.75 10.91
CA ILE F 32 -12.66 35.71 10.63
C ILE F 32 -13.46 36.00 11.91
N LEU F 33 -13.02 35.39 13.02
CA LEU F 33 -13.66 35.58 14.32
C LEU F 33 -13.79 37.07 14.67
N ILE F 34 -12.75 37.86 14.40
CA ILE F 34 -12.80 39.29 14.75
C ILE F 34 -13.83 40.02 13.88
N HIS F 35 -13.91 39.73 12.58
CA HIS F 35 -14.95 40.34 11.75
C HIS F 35 -16.33 40.09 12.35
N THR F 36 -16.58 38.82 12.72
CA THR F 36 -17.91 38.49 13.26
C THR F 36 -18.18 39.23 14.56
N LEU F 37 -17.19 39.22 15.45
CA LEU F 37 -17.39 39.87 16.74
C LEU F 37 -17.65 41.34 16.57
N GLU F 38 -16.91 42.01 15.67
CA GLU F 38 -17.10 43.44 15.50
C GLU F 38 -18.53 43.73 15.05
N LYS F 39 -19.10 42.85 14.23
CA LYS F 39 -20.49 43.06 13.84
C LYS F 39 -21.41 43.01 15.06
N PHE F 40 -21.14 42.09 16.00
CA PHE F 40 -21.99 41.99 17.20
C PHE F 40 -21.78 43.12 18.23
N ILE F 41 -20.54 43.63 18.37
CA ILE F 41 -20.26 44.73 19.30
C ILE F 41 -21.09 45.97 18.98
N LEU F 42 -21.40 46.19 17.71
CA LEU F 42 -22.21 47.33 17.31
C LEU F 42 -23.66 47.29 17.77
N ILE F 43 -24.17 46.17 18.25
CA ILE F 43 -25.56 46.09 18.70
C ILE F 43 -25.59 46.36 20.20
N ASN F 44 -26.04 47.57 20.57
CA ASN F 44 -26.01 47.98 21.96
C ASN F 44 -27.02 47.24 22.85
N ASP F 45 -28.06 46.60 22.31
CA ASP F 45 -29.03 45.99 23.21
C ASP F 45 -28.52 44.70 23.82
N PHE F 46 -27.38 44.16 23.35
CA PHE F 46 -26.84 42.96 23.98
C PHE F 46 -26.28 43.34 25.35
N GLU F 47 -26.69 42.57 26.35
CA GLU F 47 -26.14 42.68 27.69
C GLU F 47 -24.73 42.09 27.79
N LYS F 48 -24.48 40.97 27.10
CA LYS F 48 -23.17 40.34 27.08
C LYS F 48 -22.97 39.67 25.72
N ILE F 49 -21.72 39.62 25.26
CA ILE F 49 -21.36 38.95 24.00
C ILE F 49 -20.39 37.84 24.34
N ILE F 50 -20.88 36.61 24.32
CA ILE F 50 -20.18 35.46 24.87
C ILE F 50 -19.66 34.60 23.72
N ILE F 51 -18.35 34.41 23.67
CA ILE F 51 -17.73 33.53 22.70
C ILE F 51 -17.46 32.22 23.41
N ALA F 52 -18.00 31.13 22.89
CA ALA F 52 -17.73 29.82 23.45
C ALA F 52 -16.86 29.05 22.49
N THR F 53 -15.77 28.50 23.01
CA THR F 53 -14.75 27.85 22.19
C THR F 53 -14.13 26.74 23.00
N PRO F 54 -13.51 25.74 22.35
CA PRO F 54 -12.87 24.67 23.12
C PRO F 54 -11.81 25.17 24.08
N GLN F 55 -11.70 24.45 25.20
CA GLN F 55 -10.74 24.78 26.24
C GLN F 55 -9.37 25.06 25.65
N GLN F 56 -8.92 24.18 24.73
CA GLN F 56 -7.57 24.25 24.18
C GLN F 56 -7.35 25.48 23.30
N TRP F 57 -8.43 26.21 22.94
CA TRP F 57 -8.30 27.40 22.11
C TRP F 57 -8.57 28.67 22.93
N MET F 58 -8.89 28.53 24.21
CA MET F 58 -9.28 29.72 24.95
C MET F 58 -8.13 30.72 25.07
N THR F 59 -6.91 30.24 25.38
CA THR F 59 -5.80 31.15 25.53
C THR F 59 -5.55 31.91 24.23
N HIS F 60 -5.53 31.18 23.11
CA HIS F 60 -5.27 31.88 21.85
C HIS F 60 -6.39 32.87 21.53
N THR F 61 -7.62 32.51 21.89
CA THR F 61 -8.73 33.40 21.60
C THR F 61 -8.53 34.71 22.34
N LYS F 62 -8.18 34.63 23.63
CA LYS F 62 -8.01 35.88 24.37
C LYS F 62 -6.84 36.67 23.80
N ASP F 63 -5.74 35.99 23.46
CA ASP F 63 -4.61 36.71 22.89
C ASP F 63 -5.04 37.41 21.60
N THR F 64 -5.84 36.73 20.78
CA THR F 64 -6.23 37.33 19.50
C THR F 64 -7.12 38.53 19.73
N LEU F 65 -8.06 38.45 20.68
CA LEU F 65 -8.83 39.64 21.02
C LEU F 65 -7.94 40.78 21.47
N ARG F 66 -6.96 40.49 22.33
CA ARG F 66 -6.09 41.57 22.78
C ARG F 66 -5.34 42.17 21.60
N LYS F 67 -4.86 41.31 20.69
CA LYS F 67 -4.04 41.81 19.59
C LYS F 67 -4.85 42.74 18.68
N PHE F 68 -6.13 42.45 18.50
CA PHE F 68 -6.99 43.25 17.62
C PHE F 68 -7.85 44.29 18.36
N LYS F 69 -7.46 44.70 19.57
CA LYS F 69 -8.05 45.88 20.23
C LYS F 69 -9.54 45.73 20.55
N ILE F 70 -9.97 44.50 20.79
CA ILE F 70 -11.35 44.22 21.14
C ILE F 70 -11.49 44.40 22.66
N SER F 71 -12.03 45.56 23.05
CA SER F 71 -12.06 45.94 24.46
C SER F 71 -13.45 46.01 25.07
N ASP F 72 -14.52 45.80 24.30
CA ASP F 72 -15.89 45.94 24.82
C ASP F 72 -16.09 45.11 26.08
N GLU F 73 -16.56 45.76 27.15
CA GLU F 73 -16.70 45.11 28.45
C GLU F 73 -17.72 43.98 28.45
N ARG F 74 -18.61 43.93 27.45
CA ARG F 74 -19.62 42.88 27.33
C ARG F 74 -19.06 41.58 26.80
N ILE F 75 -17.82 41.59 26.33
CA ILE F 75 -17.19 40.46 25.67
C ILE F 75 -16.70 39.50 26.73
N GLU F 76 -17.06 38.22 26.61
CA GLU F 76 -16.52 37.24 27.53
C GLU F 76 -16.27 35.94 26.76
N VAL F 77 -15.13 35.28 27.03
CA VAL F 77 -14.76 34.00 26.42
C VAL F 77 -14.94 32.87 27.44
N ILE F 78 -15.71 31.86 27.07
CA ILE F 78 -15.94 30.70 27.93
C ILE F 78 -15.65 29.43 27.15
N GLN F 79 -15.53 28.37 27.95
CA GLN F 79 -15.26 27.02 27.48
C GLN F 79 -16.52 26.44 26.87
N GLY F 80 -16.38 25.87 25.67
CA GLY F 80 -17.47 25.20 24.99
C GLY F 80 -17.73 23.81 25.56
N GLY F 81 -18.67 23.11 24.93
CA GLY F 81 -19.16 21.86 25.44
C GLY F 81 -18.77 20.67 24.58
N SER F 82 -19.49 19.56 24.78
CA SER F 82 -19.14 18.31 24.14
C SER F 82 -19.61 18.26 22.70
N ASP F 83 -20.53 19.14 22.32
CA ASP F 83 -21.02 19.31 20.97
C ASP F 83 -21.60 20.72 20.90
N ARG F 84 -22.09 21.09 19.72
CA ARG F 84 -22.54 22.46 19.52
C ARG F 84 -23.69 22.81 20.42
N ASN F 85 -24.67 21.92 20.56
CA ASN F 85 -25.81 22.21 21.40
C ASN F 85 -25.43 22.24 22.87
N ASP F 86 -24.53 21.34 23.29
CA ASP F 86 -24.01 21.37 24.64
C ASP F 86 -23.26 22.66 24.91
N THR F 87 -22.56 23.18 23.90
CA THR F 87 -21.88 24.46 24.01
C THR F 87 -22.89 25.60 24.19
N ILE F 88 -23.97 25.58 23.41
CA ILE F 88 -25.03 26.57 23.64
C ILE F 88 -25.51 26.48 25.09
N MET F 89 -25.68 25.26 25.59
CA MET F 89 -26.18 25.12 26.95
C MET F 89 -25.15 25.63 27.95
N ASN F 90 -23.87 25.52 27.61
CA ASN F 90 -22.85 26.16 28.42
C ASN F 90 -23.03 27.67 28.46
N ILE F 91 -23.39 28.27 27.32
CA ILE F 91 -23.61 29.71 27.30
C ILE F 91 -24.81 30.10 28.16
N VAL F 92 -25.92 29.35 28.02
CA VAL F 92 -27.11 29.61 28.85
C VAL F 92 -26.77 29.47 30.32
N LYS F 93 -26.02 28.42 30.68
CA LYS F 93 -25.64 28.19 32.07
C LYS F 93 -24.77 29.33 32.58
N HIS F 94 -23.89 29.86 31.73
CA HIS F 94 -23.06 30.99 32.12
C HIS F 94 -23.91 32.23 32.40
N ILE F 95 -24.87 32.49 31.52
CA ILE F 95 -25.79 33.60 31.76
C ILE F 95 -26.52 33.39 33.09
N GLU F 96 -27.00 32.17 33.34
CA GLU F 96 -27.73 31.86 34.56
C GLU F 96 -26.88 32.11 35.79
N SER F 97 -25.62 31.66 35.77
CA SER F 97 -24.75 31.81 36.92
C SER F 97 -24.20 33.22 37.10
N THR F 98 -24.17 34.02 36.05
CA THR F 98 -23.66 35.38 36.21
C THR F 98 -24.76 36.36 36.57
N ASN F 99 -25.78 36.47 35.70
CA ASN F 99 -26.88 37.40 35.91
C ASN F 99 -28.19 36.76 36.35
N GLY F 100 -28.34 35.47 36.21
CA GLY F 100 -29.65 34.84 36.31
C GLY F 100 -30.46 35.02 35.04
N ILE F 101 -31.38 34.10 34.79
CA ILE F 101 -32.22 34.09 33.59
C ILE F 101 -33.59 34.68 33.93
N ASN F 102 -33.98 35.67 33.16
CA ASN F 102 -35.31 36.21 33.24
C ASN F 102 -36.23 35.49 32.24
N ASP F 103 -37.53 35.52 32.55
CA ASP F 103 -38.52 34.83 31.73
C ASP F 103 -38.54 35.41 30.32
N ASP F 104 -38.14 36.67 30.18
CA ASP F 104 -38.10 37.36 28.91
C ASP F 104 -36.73 37.38 28.23
N ASP F 105 -35.72 36.71 28.78
CA ASP F 105 -34.40 36.72 28.17
C ASP F 105 -34.38 36.07 26.79
N VAL F 106 -33.58 36.64 25.90
CA VAL F 106 -33.37 36.02 24.59
C VAL F 106 -31.87 35.89 24.31
N ILE F 107 -31.51 34.87 23.51
CA ILE F 107 -30.14 34.65 23.07
C ILE F 107 -30.07 34.52 21.55
N VAL F 108 -29.16 35.25 20.92
CA VAL F 108 -28.87 35.17 19.49
C VAL F 108 -27.57 34.38 19.31
N THR F 109 -27.65 33.14 18.81
CA THR F 109 -26.50 32.29 18.60
C THR F 109 -26.08 32.37 17.14
N HIS F 110 -24.77 32.32 16.90
CA HIS F 110 -24.23 32.60 15.57
C HIS F 110 -22.86 31.96 15.35
N ASP F 111 -22.66 31.42 14.14
CA ASP F 111 -21.36 30.84 13.77
C ASP F 111 -20.24 31.86 13.82
N ALA F 112 -19.13 31.50 14.47
CA ALA F 112 -17.96 32.37 14.44
C ALA F 112 -17.44 32.59 13.02
N VAL F 113 -17.66 31.65 12.10
CA VAL F 113 -17.11 31.83 10.76
C VAL F 113 -18.14 32.39 9.77
N ARG F 114 -19.14 33.11 10.27
CA ARG F 114 -20.11 33.82 9.41
C ARG F 114 -20.00 35.32 9.65
N PRO F 115 -19.01 35.99 9.05
CA PRO F 115 -18.75 37.39 9.39
C PRO F 115 -19.63 38.41 8.68
N PHE F 116 -20.49 38.00 7.75
CA PHE F 116 -21.19 38.94 6.89
C PHE F 116 -22.67 39.10 7.24
N LEU F 117 -23.10 38.60 8.39
CA LEU F 117 -24.46 38.90 8.83
C LEU F 117 -24.64 40.41 9.01
N THR F 118 -25.90 40.85 8.99
CA THR F 118 -26.19 42.28 8.96
C THR F 118 -26.96 42.74 10.19
N HIS F 119 -26.97 44.06 10.38
CA HIS F 119 -27.77 44.67 11.43
C HIS F 119 -29.24 44.26 11.35
N ARG F 120 -29.83 44.28 10.15
CA ARG F 120 -31.23 43.90 9.99
C ARG F 120 -31.48 42.49 10.47
N ILE F 121 -30.62 41.58 10.02
CA ILE F 121 -30.78 40.16 10.38
C ILE F 121 -30.73 39.98 11.88
N ILE F 122 -29.80 40.64 12.53
CA ILE F 122 -29.71 40.49 13.97
C ILE F 122 -30.96 41.03 14.65
N LYS F 123 -31.40 42.22 14.23
CA LYS F 123 -32.56 42.84 14.86
C LYS F 123 -33.84 42.04 14.62
N GLU F 124 -34.02 41.52 13.40
CA GLU F 124 -35.18 40.69 13.11
C GLU F 124 -35.13 39.38 13.90
N ASN F 125 -33.92 38.84 14.09
CA ASN F 125 -33.78 37.65 14.92
C ASN F 125 -34.25 37.94 16.33
N ILE F 126 -33.81 39.07 16.89
CA ILE F 126 -34.23 39.43 18.24
C ILE F 126 -35.75 39.60 18.31
N GLN F 127 -36.32 40.34 17.35
CA GLN F 127 -37.77 40.58 17.40
C GLN F 127 -38.57 39.30 17.23
N ALA F 128 -38.15 38.44 16.30
CA ALA F 128 -38.86 37.18 16.11
C ALA F 128 -38.70 36.27 17.31
N ALA F 129 -37.55 36.31 17.97
CA ALA F 129 -37.37 35.51 19.17
C ALA F 129 -38.27 36.01 20.30
N LEU F 130 -38.37 37.34 20.46
CA LEU F 130 -39.26 37.92 21.46
C LEU F 130 -40.72 37.49 21.21
N GLU F 131 -41.12 37.43 19.94
CA GLU F 131 -42.53 37.16 19.63
C GLU F 131 -42.87 35.67 19.59
N TYR F 132 -42.00 34.83 19.05
CA TYR F 132 -42.34 33.45 18.70
C TYR F 132 -41.56 32.40 19.46
N GLY F 133 -40.47 32.78 20.15
CA GLY F 133 -39.73 31.90 21.03
C GLY F 133 -38.54 31.21 20.39
N ALA F 134 -38.57 30.99 19.06
CA ALA F 134 -37.47 30.30 18.38
C ALA F 134 -37.44 30.71 16.92
N VAL F 135 -36.24 30.96 16.40
CA VAL F 135 -36.09 31.55 15.07
C VAL F 135 -34.86 30.94 14.41
N ASP F 136 -34.98 30.65 13.12
CA ASP F 136 -33.89 30.20 12.26
C ASP F 136 -33.75 31.19 11.12
N THR F 137 -32.51 31.56 10.80
CA THR F 137 -32.22 32.41 9.66
C THR F 137 -31.96 31.55 8.42
N VAL F 138 -32.77 31.75 7.37
CA VAL F 138 -32.76 30.91 6.18
C VAL F 138 -32.87 31.80 4.96
N ILE F 139 -32.50 31.26 3.78
CA ILE F 139 -32.86 31.90 2.52
C ILE F 139 -33.53 30.86 1.62
N ASP F 140 -34.43 31.31 0.74
CA ASP F 140 -35.02 30.37 -0.22
C ASP F 140 -33.91 29.71 -1.03
N ALA F 141 -34.00 28.39 -1.21
CA ALA F 141 -33.03 27.68 -2.05
C ALA F 141 -33.05 28.21 -3.48
N ILE F 142 -31.87 28.55 -4.00
CA ILE F 142 -31.72 28.93 -5.39
C ILE F 142 -31.39 27.73 -6.27
N ASP F 143 -30.52 26.83 -5.80
CA ASP F 143 -30.26 25.61 -6.54
C ASP F 143 -31.42 24.65 -6.34
N THR F 144 -31.62 23.78 -7.31
CA THR F 144 -32.45 22.61 -7.11
C THR F 144 -31.88 21.69 -6.03
N ILE F 145 -32.73 21.27 -5.11
CA ILE F 145 -32.34 20.36 -4.04
C ILE F 145 -32.61 18.93 -4.48
N VAL F 146 -31.64 18.06 -4.27
CA VAL F 146 -31.80 16.66 -4.61
C VAL F 146 -31.46 15.85 -3.38
N THR F 147 -32.11 14.70 -3.23
CA THR F 147 -31.83 13.83 -2.12
C THR F 147 -31.22 12.54 -2.64
N SER F 148 -30.39 11.92 -1.81
CA SER F 148 -29.87 10.61 -2.15
C SER F 148 -29.58 9.89 -0.86
N LYS F 149 -29.98 8.62 -0.78
CA LYS F 149 -29.69 7.82 0.40
C LYS F 149 -28.46 6.97 0.24
N ASP F 150 -27.90 6.90 -0.96
CA ASP F 150 -26.79 6.02 -1.25
C ASP F 150 -25.58 6.72 -1.86
N ASN F 151 -25.61 8.04 -2.04
CA ASN F 151 -24.52 8.81 -2.67
C ASN F 151 -24.28 8.39 -4.10
N GLN F 152 -25.24 7.72 -4.69
CA GLN F 152 -25.04 7.21 -6.02
C GLN F 152 -26.17 7.54 -6.98
N THR F 153 -27.41 7.49 -6.52
CA THR F 153 -28.57 7.72 -7.37
C THR F 153 -29.51 8.67 -6.65
N ILE F 154 -30.35 9.36 -7.44
CA ILE F 154 -31.32 10.24 -6.83
C ILE F 154 -32.40 9.42 -6.15
N ASP F 155 -32.75 9.83 -4.93
CA ASP F 155 -33.92 9.30 -4.26
C ASP F 155 -35.15 10.16 -4.54
N ALA F 156 -35.04 11.48 -4.35
CA ALA F 156 -36.16 12.38 -4.59
C ALA F 156 -35.67 13.77 -4.98
N ILE F 157 -36.55 14.51 -5.65
CA ILE F 157 -36.37 15.92 -5.92
C ILE F 157 -37.61 16.62 -5.38
N PRO F 158 -37.53 17.19 -4.17
CA PRO F 158 -38.73 17.83 -3.59
C PRO F 158 -39.16 19.07 -4.35
N VAL F 159 -40.38 19.52 -4.03
CA VAL F 159 -40.94 20.73 -4.62
C VAL F 159 -40.12 21.90 -4.13
N ARG F 160 -39.55 22.66 -5.07
CA ARG F 160 -38.56 23.67 -4.73
C ARG F 160 -39.11 24.76 -3.79
N ASN F 161 -40.39 25.13 -3.91
CA ASN F 161 -40.94 26.22 -3.11
C ASN F 161 -40.90 25.95 -1.61
N GLU F 162 -40.69 24.70 -1.18
CA GLU F 162 -40.58 24.37 0.24
C GLU F 162 -39.13 24.24 0.74
N MET F 163 -38.11 24.47 -0.09
CA MET F 163 -36.74 24.22 0.34
C MET F 163 -36.03 25.52 0.70
N TYR F 164 -35.27 25.50 1.79
CA TYR F 164 -34.57 26.70 2.25
C TYR F 164 -33.17 26.29 2.70
N GLN F 165 -32.23 27.18 2.59
CA GLN F 165 -30.88 26.96 3.04
C GLN F 165 -30.70 27.61 4.40
N GLY F 166 -30.44 26.82 5.39
CA GLY F 166 -30.30 27.31 6.77
C GLY F 166 -29.01 28.09 6.95
N GLN F 167 -29.09 29.24 7.61
CA GLN F 167 -27.90 29.97 8.01
C GLN F 167 -27.88 30.13 9.53
N THR F 168 -27.07 31.06 10.00
CA THR F 168 -27.24 31.56 11.35
C THR F 168 -27.24 33.08 11.23
N PRO F 169 -27.73 33.80 12.25
CA PRO F 169 -28.13 33.42 13.61
C PRO F 169 -29.30 32.42 13.73
N GLN F 170 -29.32 31.74 14.87
CA GLN F 170 -30.48 31.05 15.39
C GLN F 170 -30.75 31.59 16.79
N SER F 171 -31.98 32.01 17.05
CA SER F 171 -32.21 32.81 18.24
C SER F 171 -33.37 32.22 19.04
N PHE F 172 -33.30 32.35 20.37
CA PHE F 172 -34.25 31.63 21.19
C PHE F 172 -34.58 32.38 22.47
N ASN F 173 -35.83 32.25 22.90
CA ASN F 173 -36.14 32.47 24.31
C ASN F 173 -35.37 31.43 25.15
N ILE F 174 -34.66 31.91 26.17
CA ILE F 174 -33.73 31.03 26.88
C ILE F 174 -34.47 29.92 27.63
N ASN F 175 -35.55 30.27 28.34
CA ASN F 175 -36.27 29.25 29.10
C ASN F 175 -36.90 28.20 28.20
N LEU F 176 -37.40 28.62 27.03
CA LEU F 176 -37.96 27.65 26.08
C LEU F 176 -36.87 26.68 25.65
N LEU F 177 -35.70 27.22 25.34
CA LEU F 177 -34.57 26.39 24.92
C LEU F 177 -34.14 25.44 26.03
N LYS F 178 -34.03 25.93 27.27
CA LYS F 178 -33.61 25.07 28.38
C LYS F 178 -34.58 23.91 28.58
N GLU F 179 -35.89 24.20 28.60
CA GLU F 179 -36.91 23.18 28.82
C GLU F 179 -36.89 22.17 27.68
N SER F 180 -36.71 22.68 26.47
CA SER F 180 -36.64 21.85 25.28
C SER F 180 -35.47 20.90 25.30
N TYR F 181 -34.30 21.41 25.66
CA TYR F 181 -33.12 20.58 25.75
C TYR F 181 -33.30 19.51 26.82
N ALA F 182 -33.90 19.89 27.97
CA ALA F 182 -34.15 18.89 29.00
C ALA F 182 -35.12 17.83 28.51
N GLN F 183 -35.98 18.19 27.57
CA GLN F 183 -36.95 17.26 27.00
C GLN F 183 -36.27 16.26 26.08
N LEU F 184 -35.08 16.59 25.58
CA LEU F 184 -34.38 15.79 24.60
C LEU F 184 -33.71 14.58 25.25
N SER F 185 -33.52 13.53 24.48
CA SER F 185 -32.86 12.36 25.02
C SER F 185 -31.34 12.48 25.03
N ASP F 186 -30.70 11.54 25.74
CA ASP F 186 -29.24 11.52 25.76
C ASP F 186 -28.72 11.22 24.37
N GLU F 187 -29.41 10.29 23.69
CA GLU F 187 -29.12 9.93 22.32
C GLU F 187 -29.44 11.06 21.35
N GLN F 188 -30.61 11.69 21.52
CA GLN F 188 -30.97 12.81 20.65
C GLN F 188 -29.92 13.91 20.78
N LYS F 189 -29.49 14.19 22.00
CA LYS F 189 -28.45 15.19 22.19
C LYS F 189 -27.15 14.72 21.54
N SER F 190 -26.87 13.42 21.58
CA SER F 190 -25.67 12.92 20.92
C SER F 190 -25.77 13.06 19.39
N ILE F 191 -26.95 12.84 18.81
CA ILE F 191 -27.07 12.80 17.37
C ILE F 191 -27.46 14.15 16.73
N LEU F 192 -28.20 14.98 17.45
CA LEU F 192 -28.70 16.21 16.83
C LEU F 192 -27.58 17.23 16.84
N SER F 193 -27.35 17.88 15.68
CA SER F 193 -26.28 18.88 15.58
C SER F 193 -26.76 20.31 15.38
N ASP F 194 -28.05 20.56 15.24
CA ASP F 194 -28.53 21.88 14.89
C ASP F 194 -29.41 22.29 16.06
N ALA F 195 -29.44 23.59 16.35
CA ALA F 195 -30.11 24.02 17.56
C ALA F 195 -31.60 24.20 17.34
N CYS F 196 -32.02 24.68 16.17
CA CYS F 196 -33.45 24.82 15.91
C CYS F 196 -34.12 23.45 15.83
N LYS F 197 -33.34 22.42 15.48
CA LYS F 197 -33.85 21.06 15.44
C LYS F 197 -34.20 20.55 16.83
N ILE F 198 -33.51 21.04 17.87
CA ILE F 198 -33.93 20.75 19.23
C ILE F 198 -35.40 21.09 19.41
N ILE F 199 -35.77 22.31 19.00
CA ILE F 199 -37.12 22.82 19.17
C ILE F 199 -38.09 22.07 18.29
N VAL F 200 -37.74 21.86 17.01
CA VAL F 200 -38.66 21.13 16.14
C VAL F 200 -38.94 19.73 16.72
N GLU F 201 -37.90 19.05 17.21
CA GLU F 201 -38.10 17.72 17.76
C GLU F 201 -38.89 17.72 19.07
N THR F 202 -38.84 18.82 19.84
CA THR F 202 -39.69 18.91 21.04
C THR F 202 -41.01 19.64 20.75
N ASN F 203 -41.35 19.72 19.47
CA ASN F 203 -42.67 20.09 19.00
C ASN F 203 -43.14 21.50 19.36
N LYS F 204 -42.22 22.44 19.26
CA LYS F 204 -42.57 23.83 19.45
C LYS F 204 -42.19 24.60 18.17
N PRO F 205 -42.88 25.70 17.86
CA PRO F 205 -42.62 26.38 16.58
C PRO F 205 -41.26 27.08 16.52
N VAL F 206 -40.71 27.11 15.31
CA VAL F 206 -39.53 27.90 14.98
C VAL F 206 -39.91 28.76 13.78
N ARG F 207 -39.80 30.06 13.93
CA ARG F 207 -40.12 31.02 12.89
C ARG F 207 -38.90 31.21 11.98
N LEU F 208 -39.15 31.60 10.75
CA LEU F 208 -38.12 31.84 9.74
C LEU F 208 -37.84 33.33 9.66
N VAL F 209 -36.57 33.69 9.64
CA VAL F 209 -36.13 35.04 9.27
C VAL F 209 -35.30 34.89 8.02
N LYS F 210 -35.55 35.72 7.01
CA LYS F 210 -34.82 35.58 5.76
C LYS F 210 -33.43 36.22 5.89
N GLY F 211 -32.39 35.45 5.55
CA GLY F 211 -31.01 35.92 5.56
C GLY F 211 -30.53 36.63 4.31
N GLU F 212 -29.28 36.37 3.91
CA GLU F 212 -28.72 36.94 2.69
C GLU F 212 -27.83 35.93 1.98
N LEU F 213 -27.72 36.09 0.69
CA LEU F 213 -26.89 35.22 -0.07
C LEU F 213 -25.46 35.26 0.39
N TYR F 214 -24.99 36.43 0.80
CA TYR F 214 -23.59 36.61 1.17
C TYR F 214 -23.29 36.29 2.63
N ASN F 215 -24.29 35.85 3.42
CA ASN F 215 -24.04 35.47 4.81
C ASN F 215 -23.42 34.06 4.85
N ILE F 216 -22.29 33.92 4.16
CA ILE F 216 -21.71 32.59 3.97
C ILE F 216 -20.89 32.19 5.19
N LYS F 217 -20.68 30.87 5.33
CA LYS F 217 -19.80 30.35 6.35
C LYS F 217 -18.43 30.10 5.70
N VAL F 218 -17.40 30.73 6.25
CA VAL F 218 -16.07 30.74 5.61
C VAL F 218 -15.23 29.59 6.19
N THR F 219 -15.25 28.43 5.51
CA THR F 219 -14.64 27.20 6.02
C THR F 219 -13.68 26.52 5.06
N THR F 220 -13.63 26.91 3.80
CA THR F 220 -12.80 26.31 2.77
C THR F 220 -12.02 27.41 2.07
N PRO F 221 -10.96 27.06 1.33
CA PRO F 221 -10.25 28.11 0.54
C PRO F 221 -11.15 28.82 -0.47
N TYR F 222 -12.07 28.08 -1.09
CA TYR F 222 -13.03 28.67 -2.01
C TYR F 222 -13.82 29.75 -1.28
N ASP F 223 -14.32 29.41 -0.08
CA ASP F 223 -15.08 30.36 0.69
C ASP F 223 -14.24 31.57 1.04
N LEU F 224 -12.93 31.40 1.23
CA LEU F 224 -12.08 32.53 1.55
C LEU F 224 -11.94 33.46 0.37
N LYS F 225 -11.86 32.89 -0.85
CA LYS F 225 -11.86 33.75 -2.03
C LYS F 225 -13.18 34.52 -2.16
N VAL F 226 -14.30 33.83 -1.92
CA VAL F 226 -15.60 34.50 -1.99
C VAL F 226 -15.72 35.58 -0.91
N ALA F 227 -15.22 35.29 0.29
CA ALA F 227 -15.29 36.26 1.38
C ALA F 227 -14.46 37.51 1.06
N ASN F 228 -13.28 37.31 0.47
CA ASN F 228 -12.47 38.46 0.06
C ASN F 228 -13.22 39.29 -0.98
N ALA F 229 -13.93 38.62 -1.89
CA ALA F 229 -14.77 39.33 -2.84
C ALA F 229 -15.89 40.10 -2.13
N ILE F 230 -16.55 39.49 -1.15
CA ILE F 230 -17.60 40.16 -0.37
C ILE F 230 -17.05 41.42 0.27
N ILE F 231 -15.84 41.34 0.82
CA ILE F 231 -15.23 42.49 1.49
C ILE F 231 -14.96 43.60 0.46
N ARG F 232 -14.33 43.25 -0.66
CA ARG F 232 -13.98 44.26 -1.64
C ARG F 232 -15.22 44.94 -2.22
N GLY F 233 -16.35 44.25 -2.34
CA GLY F 233 -17.52 44.93 -2.86
C GLY F 233 -18.30 45.76 -1.85
S SCN G . 12.66 -30.93 -10.86
C SCN G . 13.91 -31.69 -9.78
N SCN G . 14.72 -32.09 -9.10
S SCN H . 11.07 -22.72 -14.23
C SCN H . 11.46 -21.10 -13.56
N SCN H . 11.71 -20.08 -13.16
S SCN I . 14.37 5.09 11.52
C SCN I . 12.56 5.19 11.35
N SCN I . 11.43 5.20 11.24
S SCN J . 21.07 2.30 6.11
C SCN J . 20.88 0.91 4.96
N SCN J . 20.73 0.06 4.24
S SCN K . -9.67 -0.71 -15.81
C SCN K . -8.95 -1.86 -14.59
N SCN K . -8.54 -2.59 -13.83
S SCN L . -10.22 8.20 -17.44
C SCN L . -9.90 9.62 -16.37
N SCN L . -9.70 10.51 -15.69
S SCN M . -15.65 28.21 14.34
C SCN M . -17.38 28.42 13.81
N SCN M . -18.46 28.51 13.47
S SCN N . -7.47 26.09 10.74
C SCN N . -7.08 25.20 9.21
N SCN N . -6.84 24.64 8.26
#